data_2NLZ
#
_entry.id   2NLZ
#
_cell.length_a   105.745
_cell.length_b   105.745
_cell.length_c   385.062
_cell.angle_alpha   90.00
_cell.angle_beta   90.00
_cell.angle_gamma   120.00
#
_symmetry.space_group_name_H-M   'P 31 2 1'
#
loop_
_entity.id
_entity.type
_entity.pdbx_description
1 polymer 'Cephalosporin acylase'
2 water water
#
_entity_poly.entity_id   1
_entity_poly.type   'polypeptide(L)'
_entity_poly.pdbx_seq_one_letter_code
;MSVMFDPQSYPYPSRRNVVYAKNGMVATSQPLAAQAGLDILKAGGNAIDAAIATATALTVLEPTSNGIGSDAFALVWTKG
KLHGLNGSGRAPMSLTMEAVKAKGYEQELPPYGVIPVTVPGAPGAWAELAKMYGNLPLAASLAPAIRYAEEGYPVTPTLA
KYWKAAYDRVKTEWTDDVYQPWFDTFAPKGRAPRVGEVWRSQGHADTLRSIAESNGESFYRGELADQIHAFFDKHGGYLT
KEDLACYRPEWVEPISIDYRGYRVWEIPPNGQGLVALEALNIVKGFEFYHKDTVDTYHKQIEAMKLAFVDGMKYVTEPSD
MSVSVEQLLSDEYATERRKEIGEQALTPEPGTPPRGGTVYLATADGDGNMVSFIQSNYMGFGSGVVVPGTGIAMQNRGHN
FSLDPNHDNALKPGKRTYHTIIPGFLTKNDQPIGPFGVMGGFMQPQGHMQVMMNTIDFGLNPQAALDAPRWQWTNGKQVQ
VEPTFPVDIAQALVRRGHKIQVVLDEGAFGRGQIIWRDPTTGVLAGGTEPRTDGQVAAWEGHHHHHH
;
_entity_poly.pdbx_strand_id   A,B,C,D
#
# COMPACT_ATOMS: atom_id res chain seq x y z
N VAL A 3 -6.98 14.39 -27.62
CA VAL A 3 -7.54 14.03 -26.32
C VAL A 3 -8.54 12.89 -26.41
N MET A 4 -8.11 11.71 -26.02
CA MET A 4 -8.85 10.47 -26.24
C MET A 4 -9.13 9.87 -24.89
N PHE A 5 -9.30 8.57 -24.81
CA PHE A 5 -9.67 8.01 -23.55
C PHE A 5 -8.74 7.02 -22.92
N ASP A 6 -7.45 7.28 -23.01
CA ASP A 6 -6.47 6.64 -22.14
C ASP A 6 -5.09 7.26 -22.29
N PRO A 7 -4.32 7.27 -21.21
CA PRO A 7 -2.87 7.51 -21.29
C PRO A 7 -1.98 6.28 -21.03
N GLN A 8 -0.88 6.54 -20.33
CA GLN A 8 0.13 5.54 -19.97
C GLN A 8 0.10 5.42 -18.43
N SER A 9 -1.10 5.63 -17.88
CA SER A 9 -1.33 5.68 -16.45
C SER A 9 -1.80 4.34 -15.89
N TYR A 10 -1.19 3.91 -14.79
CA TYR A 10 -1.56 2.66 -14.14
C TYR A 10 -1.77 2.90 -12.66
N PRO A 11 -2.95 3.39 -12.28
CA PRO A 11 -3.20 3.80 -10.89
C PRO A 11 -3.26 2.63 -9.91
N TYR A 12 -3.51 1.42 -10.42
CA TYR A 12 -3.80 0.27 -9.57
C TYR A 12 -2.77 -0.83 -9.75
N PRO A 13 -2.54 -1.64 -8.71
CA PRO A 13 -1.59 -2.73 -8.86
C PRO A 13 -2.20 -3.91 -9.63
N SER A 14 -1.39 -4.60 -10.41
CA SER A 14 -1.85 -5.73 -11.22
C SER A 14 -1.25 -7.06 -10.71
N ARG A 15 -1.65 -8.16 -11.34
CA ARG A 15 -1.19 -9.50 -10.99
CA ARG A 15 -1.15 -9.48 -11.00
C ARG A 15 -0.73 -10.24 -12.25
N ARG A 16 0.41 -10.91 -12.17
CA ARG A 16 0.84 -11.84 -13.22
C ARG A 16 0.96 -13.21 -12.58
N ASN A 17 0.12 -14.15 -13.00
CA ASN A 17 0.23 -15.52 -12.55
C ASN A 17 1.37 -16.20 -13.28
N VAL A 18 2.04 -17.12 -12.59
CA VAL A 18 3.07 -17.97 -13.18
C VAL A 18 2.50 -18.76 -14.38
N VAL A 19 3.22 -18.68 -15.50
CA VAL A 19 2.86 -19.40 -16.70
C VAL A 19 3.44 -20.81 -16.63
N TYR A 20 2.60 -21.81 -16.94
CA TYR A 20 3.04 -23.22 -16.92
C TYR A 20 3.01 -23.89 -18.29
N ALA A 21 4.00 -24.72 -18.56
CA ALA A 21 4.05 -25.48 -19.82
C ALA A 21 4.70 -26.84 -19.63
N LYS A 22 4.70 -27.64 -20.70
CA LYS A 22 5.39 -28.90 -20.70
C LYS A 22 6.28 -29.05 -21.92
N ASN A 23 5.74 -28.73 -23.10
CA ASN A 23 6.44 -29.04 -24.34
C ASN A 23 7.31 -27.92 -24.88
N GLY A 24 7.17 -26.73 -24.31
CA GLY A 24 7.92 -25.59 -24.78
C GLY A 24 7.50 -24.30 -24.13
N MET A 25 8.48 -23.43 -23.90
CA MET A 25 8.26 -22.12 -23.29
C MET A 25 9.30 -21.11 -23.78
N VAL A 26 8.86 -19.90 -24.03
CA VAL A 26 9.74 -18.81 -24.43
C VAL A 26 9.37 -17.64 -23.56
N ALA A 27 10.37 -16.99 -22.96
CA ALA A 27 10.17 -15.80 -22.13
C ALA A 27 11.17 -14.71 -22.52
N THR A 28 10.63 -13.59 -23.02
CA THR A 28 11.46 -12.48 -23.45
C THR A 28 10.70 -11.16 -23.36
N SER A 29 11.37 -10.09 -23.78
CA SER A 29 10.91 -8.73 -23.54
C SER A 29 10.10 -8.15 -24.71
N GLN A 30 9.80 -8.97 -25.70
CA GLN A 30 9.01 -8.49 -26.83
C GLN A 30 8.05 -9.59 -27.29
N PRO A 31 6.73 -9.40 -27.09
CA PRO A 31 5.76 -10.52 -27.20
C PRO A 31 5.72 -11.20 -28.57
N LEU A 32 6.08 -10.47 -29.62
CA LEU A 32 6.20 -11.03 -30.96
C LEU A 32 7.51 -11.80 -31.14
N ALA A 33 8.53 -11.44 -30.35
CA ALA A 33 9.75 -12.23 -30.32
C ALA A 33 9.49 -13.59 -29.65
N ALA A 34 8.72 -13.57 -28.56
CA ALA A 34 8.32 -14.80 -27.92
C ALA A 34 7.53 -15.66 -28.89
N GLN A 35 6.72 -14.99 -29.71
CA GLN A 35 5.91 -15.66 -30.73
C GLN A 35 6.75 -16.37 -31.79
N ALA A 36 7.82 -15.71 -32.21
CA ALA A 36 8.78 -16.33 -33.14
C ALA A 36 9.32 -17.69 -32.64
N GLY A 37 9.82 -17.73 -31.41
CA GLY A 37 10.36 -18.96 -30.81
C GLY A 37 9.32 -20.06 -30.68
N LEU A 38 8.08 -19.65 -30.44
CA LEU A 38 6.94 -20.57 -30.44
C LEU A 38 6.70 -21.13 -31.83
N ASP A 39 6.75 -20.25 -32.83
CA ASP A 39 6.54 -20.67 -34.22
C ASP A 39 7.62 -21.65 -34.66
N ILE A 40 8.83 -21.47 -34.12
CA ILE A 40 9.93 -22.35 -34.46
C ILE A 40 9.78 -23.70 -33.75
N LEU A 41 9.34 -23.67 -32.51
CA LEU A 41 8.99 -24.87 -31.77
C LEU A 41 7.91 -25.65 -32.52
N LYS A 42 6.89 -24.94 -33.00
CA LYS A 42 5.86 -25.52 -33.86
C LYS A 42 6.40 -26.21 -35.09
N ALA A 43 7.32 -25.56 -35.80
CA ALA A 43 7.88 -26.13 -37.02
C ALA A 43 8.96 -27.19 -36.76
N GLY A 44 8.98 -27.76 -35.56
CA GLY A 44 9.89 -28.87 -35.23
C GLY A 44 11.23 -28.50 -34.61
N GLY A 45 11.40 -27.22 -34.27
CA GLY A 45 12.62 -26.77 -33.62
C GLY A 45 12.67 -27.15 -32.15
N ASN A 46 13.89 -27.23 -31.59
CA ASN A 46 14.09 -27.37 -30.14
C ASN A 46 14.34 -26.01 -29.47
N ALA A 47 14.57 -26.02 -28.16
CA ALA A 47 14.82 -24.80 -27.38
C ALA A 47 15.92 -23.88 -27.93
N ILE A 48 16.99 -24.48 -28.46
CA ILE A 48 18.08 -23.74 -29.09
C ILE A 48 17.59 -23.00 -30.35
N ASP A 49 16.91 -23.72 -31.23
CA ASP A 49 16.31 -23.11 -32.41
C ASP A 49 15.49 -21.89 -32.01
N ALA A 50 14.52 -22.10 -31.12
CA ALA A 50 13.68 -21.05 -30.57
C ALA A 50 14.46 -19.83 -30.05
N ALA A 51 15.53 -20.08 -29.30
CA ALA A 51 16.41 -19.01 -28.81
C ALA A 51 16.88 -18.14 -29.96
N ILE A 52 17.44 -18.78 -30.99
CA ILE A 52 17.92 -18.07 -32.18
C ILE A 52 16.79 -17.31 -32.89
N ALA A 53 15.65 -17.98 -33.03
CA ALA A 53 14.44 -17.36 -33.58
C ALA A 53 14.13 -16.05 -32.86
N THR A 54 13.95 -16.17 -31.55
CA THR A 54 13.71 -15.05 -30.65
C THR A 54 14.82 -13.98 -30.67
N ALA A 55 16.09 -14.40 -30.65
CA ALA A 55 17.23 -13.45 -30.65
C ALA A 55 17.28 -12.59 -31.92
N THR A 56 17.17 -13.24 -33.07
CA THR A 56 17.13 -12.55 -34.35
C THR A 56 15.87 -11.70 -34.53
N ALA A 57 14.75 -12.16 -33.94
CA ALA A 57 13.52 -11.36 -33.95
C ALA A 57 13.69 -10.07 -33.18
N LEU A 58 14.36 -10.14 -32.03
CA LEU A 58 14.58 -8.98 -31.15
C LEU A 58 15.44 -7.92 -31.80
N THR A 59 16.27 -8.39 -32.75
CA THR A 59 17.15 -7.56 -33.53
C THR A 59 16.35 -6.56 -34.34
N VAL A 60 15.12 -6.93 -34.68
CA VAL A 60 14.21 -6.07 -35.44
C VAL A 60 13.16 -5.45 -34.52
N LEU A 61 12.61 -6.23 -33.60
CA LEU A 61 11.50 -5.80 -32.74
C LEU A 61 11.88 -4.86 -31.59
N GLU A 62 13.14 -4.89 -31.16
CA GLU A 62 13.60 -3.98 -30.11
C GLU A 62 14.97 -3.38 -30.45
N PRO A 63 15.01 -2.43 -31.40
CA PRO A 63 16.29 -1.91 -31.89
C PRO A 63 16.97 -0.95 -30.92
N THR A 64 16.23 -0.57 -29.88
CA THR A 64 16.75 0.32 -28.87
C THR A 64 17.66 -0.41 -27.89
N SER A 65 17.71 -1.74 -27.97
CA SER A 65 18.47 -2.55 -27.02
C SER A 65 19.37 -3.57 -27.69
N ASN A 66 19.55 -3.43 -29.00
CA ASN A 66 19.94 -4.55 -29.82
C ASN A 66 20.40 -4.16 -31.21
N GLY A 67 21.02 -5.10 -31.90
CA GLY A 67 21.33 -4.95 -33.30
C GLY A 67 21.81 -6.25 -33.90
N ILE A 68 21.89 -6.27 -35.23
CA ILE A 68 22.60 -7.35 -35.92
C ILE A 68 24.09 -7.20 -35.61
N GLY A 69 24.54 -5.95 -35.47
CA GLY A 69 25.90 -5.66 -35.07
C GLY A 69 26.18 -5.79 -33.58
N SER A 70 25.45 -6.67 -32.90
CA SER A 70 25.66 -6.98 -31.47
C SER A 70 26.67 -8.10 -31.30
N ASP A 71 27.17 -8.28 -30.07
CA ASP A 71 27.67 -9.59 -29.70
C ASP A 71 26.74 -10.26 -28.69
N ALA A 72 26.98 -11.54 -28.40
CA ALA A 72 26.01 -12.35 -27.67
C ALA A 72 26.67 -13.40 -26.76
N PHE A 73 25.90 -13.94 -25.81
CA PHE A 73 26.37 -15.00 -24.93
C PHE A 73 25.23 -15.94 -24.64
N ALA A 74 25.54 -17.22 -24.41
CA ALA A 74 24.51 -18.17 -24.05
C ALA A 74 25.02 -19.24 -23.12
N LEU A 75 24.12 -19.71 -22.25
CA LEU A 75 24.32 -20.95 -21.53
C LEU A 75 23.22 -21.86 -22.02
N VAL A 76 23.60 -22.96 -22.65
CA VAL A 76 22.64 -23.92 -23.16
C VAL A 76 22.82 -25.30 -22.52
N TRP A 77 21.72 -25.81 -21.98
CA TRP A 77 21.65 -27.16 -21.45
C TRP A 77 21.02 -28.05 -22.49
N THR A 78 21.77 -29.05 -22.91
CA THR A 78 21.29 -30.03 -23.87
C THR A 78 22.11 -31.29 -23.68
N LYS A 79 21.45 -32.43 -23.87
CA LYS A 79 22.06 -33.75 -23.61
C LYS A 79 22.74 -33.79 -22.25
N GLY A 80 22.01 -33.46 -21.18
CA GLY A 80 22.47 -33.60 -19.79
C GLY A 80 23.71 -32.81 -19.40
N LYS A 81 24.04 -31.79 -20.20
CA LYS A 81 25.29 -31.07 -20.04
C LYS A 81 25.07 -29.59 -20.30
N LEU A 82 25.69 -28.74 -19.48
CA LEU A 82 25.63 -27.31 -19.68
C LEU A 82 26.80 -26.86 -20.52
N HIS A 83 26.52 -26.07 -21.55
CA HIS A 83 27.57 -25.55 -22.42
C HIS A 83 27.53 -24.02 -22.40
N GLY A 84 28.70 -23.40 -22.51
CA GLY A 84 28.77 -21.95 -22.55
C GLY A 84 29.27 -21.45 -23.89
N LEU A 85 28.55 -20.49 -24.48
CA LEU A 85 29.00 -19.91 -25.73
C LEU A 85 29.39 -18.44 -25.55
N ASN A 86 30.65 -18.13 -25.84
CA ASN A 86 31.17 -16.75 -25.77
C ASN A 86 31.15 -16.08 -27.13
N GLY A 87 30.05 -15.43 -27.44
CA GLY A 87 29.92 -14.78 -28.73
C GLY A 87 30.37 -13.35 -28.71
N SER A 88 31.35 -13.04 -27.86
CA SER A 88 31.90 -11.69 -27.77
C SER A 88 33.05 -11.56 -28.73
N GLY A 89 32.99 -10.55 -29.58
CA GLY A 89 34.05 -10.30 -30.54
C GLY A 89 35.15 -9.38 -30.02
N ARG A 90 36.35 -9.53 -30.57
CA ARG A 90 37.51 -8.80 -30.08
C ARG A 90 37.71 -7.42 -30.73
N ALA A 91 38.63 -6.64 -30.16
CA ALA A 91 38.92 -5.30 -30.63
C ALA A 91 39.61 -5.36 -31.97
N PRO A 92 39.38 -4.38 -32.85
CA PRO A 92 40.07 -4.34 -34.14
C PRO A 92 41.59 -4.39 -33.97
N MET A 93 42.26 -4.99 -34.94
CA MET A 93 43.70 -5.24 -34.83
C MET A 93 44.54 -3.96 -34.92
N SER A 94 43.95 -2.90 -35.47
CA SER A 94 44.63 -1.62 -35.56
C SER A 94 44.27 -0.67 -34.41
N LEU A 95 43.40 -1.12 -33.51
CA LEU A 95 42.98 -0.30 -32.37
C LEU A 95 43.92 -0.52 -31.18
N THR A 96 44.86 0.41 -31.01
CA THR A 96 45.81 0.34 -29.91
C THR A 96 45.61 1.51 -28.96
N MET A 97 46.18 1.38 -27.76
CA MET A 97 46.08 2.41 -26.74
C MET A 97 46.68 3.73 -27.19
N GLU A 98 47.84 3.66 -27.84
CA GLU A 98 48.55 4.87 -28.29
C GLU A 98 47.98 5.50 -29.57
N ALA A 99 47.22 4.73 -30.35
CA ALA A 99 46.58 5.28 -31.55
C ALA A 99 45.41 6.15 -31.14
N VAL A 100 44.71 5.78 -30.08
CA VAL A 100 43.59 6.54 -29.55
C VAL A 100 44.07 7.66 -28.61
N LYS A 101 45.21 7.43 -27.95
CA LYS A 101 45.87 8.44 -27.12
C LYS A 101 46.27 9.64 -27.98
N ALA A 102 46.74 9.37 -29.20
CA ALA A 102 47.18 10.42 -30.12
C ALA A 102 46.04 11.16 -30.81
N LYS A 103 44.80 10.76 -30.53
CA LYS A 103 43.65 11.34 -31.20
C LYS A 103 42.84 12.26 -30.28
N GLY A 104 43.30 12.40 -29.03
CA GLY A 104 42.66 13.32 -28.09
C GLY A 104 42.17 12.67 -26.81
N TYR A 105 41.61 11.48 -26.94
CA TYR A 105 41.04 10.78 -25.79
C TYR A 105 42.12 9.99 -25.06
N GLU A 106 42.18 10.14 -23.74
CA GLU A 106 43.13 9.37 -22.94
C GLU A 106 42.53 8.85 -21.63
N GLN A 107 41.38 9.38 -21.24
CA GLN A 107 40.67 8.92 -20.06
C GLN A 107 39.91 7.64 -20.39
N GLU A 108 38.92 7.79 -21.26
CA GLU A 108 38.15 6.68 -21.82
C GLU A 108 37.81 7.01 -23.27
N LEU A 109 37.70 5.98 -24.12
CA LEU A 109 37.40 6.20 -25.54
C LEU A 109 35.92 6.58 -25.75
N PRO A 110 35.61 7.26 -26.88
CA PRO A 110 34.31 7.93 -26.99
C PRO A 110 33.17 6.95 -27.03
N PRO A 111 31.99 7.35 -26.55
CA PRO A 111 30.86 6.43 -26.54
C PRO A 111 30.36 6.13 -27.95
N TYR A 112 30.52 7.07 -28.86
CA TYR A 112 29.89 6.97 -30.18
C TYR A 112 30.89 7.14 -31.34
N GLY A 113 30.49 6.71 -32.53
CA GLY A 113 31.35 6.76 -33.70
C GLY A 113 31.98 5.43 -34.00
N VAL A 114 32.94 5.44 -34.91
CA VAL A 114 33.60 4.22 -35.41
C VAL A 114 34.62 3.64 -34.42
N ILE A 115 35.01 4.45 -33.43
CA ILE A 115 36.14 4.13 -32.55
C ILE A 115 35.86 3.00 -31.55
N PRO A 116 34.72 3.05 -30.83
CA PRO A 116 34.47 2.02 -29.84
C PRO A 116 33.91 0.71 -30.40
N VAL A 117 33.84 0.57 -31.72
CA VAL A 117 33.22 -0.61 -32.34
C VAL A 117 34.15 -1.84 -32.33
N THR A 118 33.76 -2.88 -31.60
CA THR A 118 34.45 -4.19 -31.63
C THR A 118 33.69 -5.14 -32.55
N VAL A 119 34.31 -6.23 -33.00
CA VAL A 119 33.62 -7.11 -33.95
C VAL A 119 32.32 -7.68 -33.36
N PRO A 120 31.20 -7.44 -34.05
CA PRO A 120 29.92 -8.01 -33.69
C PRO A 120 29.99 -9.52 -33.73
N GLY A 121 29.88 -10.15 -32.57
CA GLY A 121 29.97 -11.58 -32.49
C GLY A 121 28.67 -12.36 -32.50
N ALA A 122 27.53 -11.65 -32.43
CA ALA A 122 26.20 -12.32 -32.35
C ALA A 122 25.80 -13.13 -33.58
N PRO A 123 25.97 -12.59 -34.81
CA PRO A 123 25.64 -13.41 -35.97
C PRO A 123 26.34 -14.77 -35.96
N GLY A 124 27.65 -14.77 -35.71
CA GLY A 124 28.40 -16.01 -35.66
C GLY A 124 27.89 -16.92 -34.56
N ALA A 125 27.50 -16.32 -33.43
CA ALA A 125 26.95 -17.07 -32.32
C ALA A 125 25.66 -17.77 -32.73
N TRP A 126 24.79 -17.08 -33.47
CA TRP A 126 23.54 -17.67 -33.97
C TRP A 126 23.82 -18.93 -34.79
N ALA A 127 24.72 -18.78 -35.76
CA ALA A 127 25.10 -19.87 -36.67
C ALA A 127 25.70 -21.10 -35.96
N GLU A 128 26.61 -20.85 -35.03
CA GLU A 128 27.28 -21.93 -34.28
C GLU A 128 26.34 -22.65 -33.34
N LEU A 129 25.36 -21.92 -32.81
CA LEU A 129 24.36 -22.47 -31.93
C LEU A 129 23.49 -23.45 -32.73
N ALA A 130 23.03 -22.99 -33.89
CA ALA A 130 22.21 -23.79 -34.82
C ALA A 130 22.93 -25.05 -35.27
N LYS A 131 24.14 -24.87 -35.83
CA LYS A 131 24.98 -25.98 -36.30
C LYS A 131 25.20 -27.03 -35.21
N MET A 132 25.51 -26.58 -34.00
CA MET A 132 25.88 -27.52 -32.96
C MET A 132 24.69 -28.21 -32.27
N TYR A 133 23.66 -27.46 -31.91
CA TYR A 133 22.63 -28.03 -31.07
C TYR A 133 21.19 -27.89 -31.56
N GLY A 134 20.98 -27.17 -32.66
CA GLY A 134 19.64 -26.94 -33.22
C GLY A 134 19.17 -28.03 -34.17
N ASN A 135 17.88 -28.03 -34.47
CA ASN A 135 17.29 -28.99 -35.42
C ASN A 135 17.07 -28.41 -36.80
N LEU A 136 16.89 -27.10 -36.86
CA LEU A 136 16.51 -26.44 -38.10
C LEU A 136 17.68 -25.67 -38.69
N PRO A 137 17.69 -25.51 -40.02
CA PRO A 137 18.67 -24.60 -40.61
C PRO A 137 18.38 -23.16 -40.22
N LEU A 138 19.41 -22.33 -40.27
CA LEU A 138 19.33 -20.95 -39.83
C LEU A 138 18.22 -20.19 -40.56
N ALA A 139 18.01 -20.53 -41.83
CA ALA A 139 17.02 -19.86 -42.67
C ALA A 139 15.59 -20.12 -42.23
N ALA A 140 15.38 -21.24 -41.54
CA ALA A 140 14.09 -21.56 -40.95
C ALA A 140 13.88 -20.72 -39.71
N SER A 141 14.88 -20.78 -38.82
CA SER A 141 14.75 -20.18 -37.49
C SER A 141 14.81 -18.66 -37.50
N LEU A 142 15.37 -18.05 -38.54
CA LEU A 142 15.30 -16.60 -38.58
C LEU A 142 14.38 -15.97 -39.64
N ALA A 143 13.50 -16.81 -40.19
CA ALA A 143 12.44 -16.35 -41.09
C ALA A 143 11.34 -15.42 -40.50
N PRO A 144 10.88 -15.67 -39.24
CA PRO A 144 9.94 -14.69 -38.67
C PRO A 144 10.56 -13.32 -38.50
N ALA A 145 11.83 -13.30 -38.10
CA ALA A 145 12.58 -12.06 -37.96
C ALA A 145 12.66 -11.29 -39.30
N ILE A 146 12.84 -12.05 -40.38
CA ILE A 146 12.86 -11.48 -41.73
C ILE A 146 11.47 -10.95 -42.11
N ARG A 147 10.46 -11.75 -41.82
CA ARG A 147 9.07 -11.38 -42.06
C ARG A 147 8.72 -10.07 -41.36
N TYR A 148 9.14 -9.91 -40.11
CA TYR A 148 8.85 -8.70 -39.32
C TYR A 148 9.60 -7.49 -39.86
N ALA A 149 10.82 -7.70 -40.34
CA ALA A 149 11.60 -6.62 -40.94
C ALA A 149 10.98 -6.07 -42.24
N GLU A 150 10.53 -6.97 -43.12
CA GLU A 150 9.90 -6.62 -44.41
C GLU A 150 8.48 -6.05 -44.30
N GLU A 151 7.66 -6.66 -43.46
CA GLU A 151 6.27 -6.25 -43.32
C GLU A 151 6.09 -5.11 -42.31
N GLY A 152 6.91 -5.11 -41.27
CA GLY A 152 6.84 -4.06 -40.26
C GLY A 152 5.98 -4.40 -39.06
N TYR A 153 6.11 -3.60 -38.00
CA TYR A 153 5.36 -3.81 -36.77
C TYR A 153 4.97 -2.48 -36.12
N PRO A 154 3.83 -2.45 -35.40
CA PRO A 154 3.45 -1.26 -34.65
C PRO A 154 4.30 -1.08 -33.40
N VAL A 155 4.64 0.17 -33.12
CA VAL A 155 5.56 0.50 -32.03
C VAL A 155 4.78 0.73 -30.74
N THR A 156 5.14 -0.03 -29.71
CA THR A 156 4.54 0.09 -28.40
C THR A 156 5.06 1.33 -27.68
N PRO A 157 4.26 1.90 -26.74
CA PRO A 157 4.60 3.09 -25.97
C PRO A 157 5.99 3.08 -25.33
N THR A 158 6.38 1.94 -24.75
CA THR A 158 7.67 1.83 -24.06
C THR A 158 8.83 1.93 -25.05
N LEU A 159 8.76 1.13 -26.11
CA LEU A 159 9.76 1.18 -27.18
C LEU A 159 9.81 2.57 -27.81
N ALA A 160 8.65 3.19 -27.98
CA ALA A 160 8.56 4.55 -28.51
C ALA A 160 9.32 5.59 -27.67
N LYS A 161 9.20 5.49 -26.34
CA LYS A 161 9.88 6.39 -25.41
C LYS A 161 11.39 6.37 -25.61
N TYR A 162 11.98 5.17 -25.60
CA TYR A 162 13.44 5.01 -25.73
C TYR A 162 13.93 5.32 -27.13
N TRP A 163 13.05 5.10 -28.12
CA TRP A 163 13.35 5.44 -29.51
C TRP A 163 13.35 6.95 -29.69
N LYS A 164 12.42 7.64 -29.00
CA LYS A 164 12.39 9.10 -29.04
C LYS A 164 13.50 9.73 -28.23
N ALA A 165 13.90 9.08 -27.14
CA ALA A 165 15.02 9.55 -26.32
C ALA A 165 16.33 9.50 -27.10
N ALA A 166 16.53 8.40 -27.84
CA ALA A 166 17.72 8.22 -28.66
C ALA A 166 17.73 9.17 -29.83
N TYR A 167 16.57 9.58 -30.31
CA TYR A 167 16.49 10.55 -31.39
C TYR A 167 16.78 11.96 -30.87
N ASP A 168 16.01 12.40 -29.89
CA ASP A 168 16.07 13.78 -29.37
C ASP A 168 17.44 14.19 -28.85
N ARG A 169 18.09 13.28 -28.12
CA ARG A 169 19.44 13.53 -27.59
C ARG A 169 20.46 13.59 -28.74
N VAL A 170 20.20 12.78 -29.75
CA VAL A 170 21.21 12.45 -30.75
C VAL A 170 21.08 13.24 -32.09
N LYS A 171 19.89 13.79 -32.33
CA LYS A 171 19.66 14.73 -33.44
C LYS A 171 20.67 15.88 -33.36
N THR A 172 20.96 16.33 -32.14
CA THR A 172 21.91 17.41 -31.91
C THR A 172 23.35 16.94 -31.76
N GLU A 173 23.55 15.77 -31.15
CA GLU A 173 24.91 15.28 -30.88
C GLU A 173 25.58 14.60 -32.07
N TRP A 174 24.77 14.02 -32.96
CA TRP A 174 25.32 13.29 -34.10
C TRP A 174 25.14 14.09 -35.41
N THR A 175 26.02 15.06 -35.63
CA THR A 175 26.06 15.78 -36.92
C THR A 175 27.33 15.43 -37.68
N ASP A 176 27.31 14.26 -38.30
CA ASP A 176 28.46 13.74 -39.02
C ASP A 176 27.95 12.84 -40.14
N ASP A 177 28.83 12.48 -41.06
CA ASP A 177 28.45 11.60 -42.17
C ASP A 177 28.17 10.18 -41.70
N VAL A 178 28.95 9.72 -40.73
CA VAL A 178 28.82 8.35 -40.18
C VAL A 178 27.46 8.03 -39.61
N TYR A 179 26.81 9.03 -39.03
CA TYR A 179 25.54 8.85 -38.33
C TYR A 179 24.32 8.95 -39.24
N GLN A 180 24.53 9.31 -40.50
CA GLN A 180 23.42 9.48 -41.45
C GLN A 180 22.60 8.20 -41.71
N PRO A 181 23.25 7.04 -41.99
CA PRO A 181 22.45 5.84 -42.17
C PRO A 181 21.57 5.44 -40.97
N TRP A 182 22.00 5.76 -39.75
CA TRP A 182 21.19 5.53 -38.56
C TRP A 182 19.87 6.31 -38.66
N PHE A 183 19.95 7.58 -39.07
CA PHE A 183 18.74 8.40 -39.24
C PHE A 183 17.90 7.91 -40.42
N ASP A 184 18.55 7.34 -41.43
CA ASP A 184 17.83 6.83 -42.60
C ASP A 184 17.11 5.55 -42.26
N THR A 185 17.73 4.73 -41.40
CA THR A 185 17.19 3.45 -40.99
C THR A 185 16.17 3.60 -39.87
N PHE A 186 16.58 4.28 -38.79
CA PHE A 186 15.79 4.31 -37.54
C PHE A 186 14.89 5.52 -37.36
N ALA A 187 15.12 6.56 -38.16
CA ALA A 187 14.26 7.73 -38.16
C ALA A 187 13.86 8.14 -39.58
N PRO A 188 13.19 7.26 -40.33
CA PRO A 188 13.03 7.51 -41.76
C PRO A 188 12.04 8.64 -42.10
N LYS A 189 11.17 8.98 -41.15
CA LYS A 189 10.23 10.09 -41.35
C LYS A 189 10.74 11.40 -40.75
N GLY A 190 12.03 11.48 -40.48
CA GLY A 190 12.62 12.69 -39.90
C GLY A 190 12.31 12.86 -38.42
N ARG A 191 11.81 11.78 -37.79
CA ARG A 191 11.60 11.71 -36.35
C ARG A 191 11.60 10.23 -35.90
N ALA A 192 11.59 9.98 -34.59
CA ALA A 192 11.45 8.62 -34.09
C ALA A 192 9.98 8.24 -34.15
N PRO A 193 9.68 6.97 -34.51
CA PRO A 193 8.31 6.49 -34.70
C PRO A 193 7.39 6.76 -33.50
N ARG A 194 6.12 7.06 -33.79
CA ARG A 194 5.16 7.35 -32.73
C ARG A 194 4.50 6.05 -32.30
N VAL A 195 3.69 6.14 -31.25
CA VAL A 195 2.93 4.99 -30.76
C VAL A 195 1.95 4.53 -31.84
N GLY A 196 1.96 3.24 -32.14
CA GLY A 196 1.03 2.68 -33.11
C GLY A 196 1.48 2.83 -34.55
N GLU A 197 2.51 3.64 -34.77
CA GLU A 197 3.07 3.82 -36.11
C GLU A 197 3.84 2.56 -36.49
N VAL A 198 3.73 2.14 -37.75
CA VAL A 198 4.44 0.96 -38.21
C VAL A 198 5.84 1.36 -38.67
N TRP A 199 6.84 0.60 -38.22
CA TRP A 199 8.22 0.78 -38.67
C TRP A 199 8.71 -0.49 -39.33
N ARG A 200 9.45 -0.33 -40.42
CA ARG A 200 10.00 -1.48 -41.13
C ARG A 200 11.42 -1.16 -41.57
N SER A 201 12.14 -2.20 -41.99
CA SER A 201 13.50 -2.03 -42.48
C SER A 201 13.85 -3.12 -43.48
N GLN A 202 13.82 -2.75 -44.76
CA GLN A 202 14.24 -3.66 -45.82
C GLN A 202 15.68 -4.07 -45.60
N GLY A 203 16.47 -3.13 -45.07
CA GLY A 203 17.88 -3.36 -44.75
C GLY A 203 18.03 -4.58 -43.87
N HIS A 204 17.34 -4.55 -42.73
CA HIS A 204 17.35 -5.65 -41.77
C HIS A 204 16.97 -6.97 -42.43
N ALA A 205 15.90 -6.96 -43.23
CA ALA A 205 15.46 -8.17 -43.91
C ALA A 205 16.53 -8.75 -44.83
N ASP A 206 17.11 -7.90 -45.67
CA ASP A 206 18.11 -8.31 -46.63
C ASP A 206 19.30 -9.01 -45.96
N THR A 207 19.83 -8.37 -44.92
CA THR A 207 21.03 -8.87 -44.25
C THR A 207 20.78 -10.14 -43.42
N LEU A 208 19.60 -10.22 -42.82
CA LEU A 208 19.20 -11.42 -42.08
C LEU A 208 19.08 -12.60 -43.04
N ARG A 209 18.43 -12.36 -44.17
CA ARG A 209 18.37 -13.34 -45.26
C ARG A 209 19.78 -13.71 -45.73
N SER A 210 20.68 -12.72 -45.79
CA SER A 210 22.03 -12.96 -46.24
C SER A 210 22.83 -13.84 -45.29
N ILE A 211 22.59 -13.69 -43.99
CA ILE A 211 23.28 -14.56 -43.03
C ILE A 211 22.57 -15.90 -42.88
N ALA A 212 21.28 -15.92 -43.18
CA ALA A 212 20.49 -17.15 -43.16
C ALA A 212 21.01 -18.10 -44.22
N GLU A 213 21.26 -17.55 -45.41
CA GLU A 213 21.67 -18.34 -46.57
C GLU A 213 23.16 -18.66 -46.57
N SER A 214 23.94 -18.00 -45.72
CA SER A 214 25.37 -18.24 -45.71
C SER A 214 25.89 -18.90 -44.44
N ASN A 215 24.98 -19.25 -43.52
CA ASN A 215 25.31 -19.68 -42.16
C ASN A 215 26.20 -18.67 -41.42
N GLY A 216 25.93 -17.39 -41.63
CA GLY A 216 26.66 -16.31 -40.99
C GLY A 216 27.97 -15.93 -41.66
N GLU A 217 28.34 -16.67 -42.70
CA GLU A 217 29.62 -16.46 -43.37
C GLU A 217 29.70 -15.11 -44.07
N SER A 218 28.56 -14.65 -44.61
CA SER A 218 28.47 -13.40 -45.34
C SER A 218 28.86 -12.20 -44.47
N PHE A 219 28.49 -12.28 -43.19
CA PHE A 219 28.76 -11.23 -42.23
C PHE A 219 30.26 -11.09 -41.92
N TYR A 220 30.98 -12.21 -41.84
CA TYR A 220 32.35 -12.17 -41.37
C TYR A 220 33.39 -12.25 -42.47
N ARG A 221 33.17 -13.15 -43.41
CA ARG A 221 34.13 -13.38 -44.48
C ARG A 221 33.45 -13.47 -45.84
N GLY A 222 32.44 -12.63 -46.05
CA GLY A 222 31.70 -12.62 -47.30
C GLY A 222 31.35 -11.21 -47.74
N GLU A 223 30.19 -11.08 -48.37
CA GLU A 223 29.78 -9.83 -49.00
C GLU A 223 29.40 -8.73 -48.01
N LEU A 224 28.75 -9.11 -46.91
CA LEU A 224 28.40 -8.16 -45.88
C LEU A 224 29.67 -7.63 -45.23
N ALA A 225 30.61 -8.54 -44.97
CA ALA A 225 31.91 -8.19 -44.40
C ALA A 225 32.60 -7.09 -45.18
N ASP A 226 32.48 -7.16 -46.51
CA ASP A 226 33.06 -6.17 -47.41
C ASP A 226 32.36 -4.82 -47.31
N GLN A 227 31.04 -4.84 -47.15
CA GLN A 227 30.26 -3.61 -47.01
C GLN A 227 30.55 -2.92 -45.69
N ILE A 228 30.74 -3.73 -44.64
CA ILE A 228 31.13 -3.24 -43.33
C ILE A 228 32.53 -2.61 -43.36
N HIS A 229 33.48 -3.34 -43.93
CA HIS A 229 34.85 -2.87 -44.06
C HIS A 229 34.95 -1.56 -44.83
N ALA A 230 34.19 -1.45 -45.91
CA ALA A 230 34.22 -0.27 -46.78
C ALA A 230 33.71 0.99 -46.09
N PHE A 231 32.60 0.87 -45.38
CA PHE A 231 32.04 2.01 -44.67
C PHE A 231 32.94 2.51 -43.54
N PHE A 232 33.61 1.59 -42.86
CA PHE A 232 34.54 1.95 -41.80
C PHE A 232 35.81 2.57 -42.36
N ASP A 233 36.33 2.00 -43.44
CA ASP A 233 37.54 2.53 -44.07
C ASP A 233 37.30 3.94 -44.58
N LYS A 234 36.06 4.21 -44.99
CA LYS A 234 35.68 5.52 -45.53
C LYS A 234 35.60 6.59 -44.46
N HIS A 235 35.37 6.18 -43.21
CA HIS A 235 35.23 7.14 -42.10
C HIS A 235 36.30 7.04 -41.00
N GLY A 236 37.45 6.45 -41.34
CA GLY A 236 38.60 6.41 -40.44
C GLY A 236 38.46 5.43 -39.31
N GLY A 237 37.73 4.34 -39.54
CA GLY A 237 37.53 3.30 -38.53
C GLY A 237 38.69 2.32 -38.47
N TYR A 238 38.65 1.44 -37.49
CA TYR A 238 39.74 0.48 -37.25
C TYR A 238 39.31 -0.92 -37.63
N LEU A 239 38.00 -1.09 -37.79
CA LEU A 239 37.39 -2.38 -38.12
C LEU A 239 37.69 -2.79 -39.56
N THR A 240 38.32 -3.96 -39.74
CA THR A 240 38.69 -4.43 -41.07
C THR A 240 38.02 -5.75 -41.44
N LYS A 241 38.12 -6.11 -42.73
CA LYS A 241 37.72 -7.41 -43.24
C LYS A 241 38.33 -8.50 -42.40
N GLU A 242 39.64 -8.39 -42.18
CA GLU A 242 40.44 -9.43 -41.52
C GLU A 242 40.14 -9.56 -40.04
N ASP A 243 39.64 -8.48 -39.44
CA ASP A 243 39.14 -8.53 -38.08
C ASP A 243 37.91 -9.42 -38.02
N LEU A 244 37.01 -9.18 -38.98
CA LEU A 244 35.78 -9.95 -39.06
C LEU A 244 36.08 -11.38 -39.45
N ALA A 245 36.96 -11.54 -40.45
CA ALA A 245 37.24 -12.84 -41.06
C ALA A 245 37.73 -13.93 -40.12
N CYS A 246 38.48 -13.57 -39.09
CA CYS A 246 38.94 -14.59 -38.14
C CYS A 246 38.25 -14.53 -36.78
N TYR A 247 37.06 -13.94 -36.74
CA TYR A 247 36.19 -14.13 -35.59
C TYR A 247 35.53 -15.52 -35.61
N ARG A 248 35.63 -16.20 -34.48
CA ARG A 248 34.85 -17.40 -34.23
C ARG A 248 34.24 -17.33 -32.84
N PRO A 249 32.95 -17.65 -32.73
CA PRO A 249 32.40 -17.79 -31.38
C PRO A 249 33.14 -18.91 -30.67
N GLU A 250 33.32 -18.77 -29.37
CA GLU A 250 34.15 -19.70 -28.64
C GLU A 250 33.33 -20.44 -27.59
N TRP A 251 33.31 -21.76 -27.70
CA TRP A 251 32.70 -22.59 -26.68
C TRP A 251 33.60 -22.58 -25.48
N VAL A 252 33.08 -22.06 -24.39
CA VAL A 252 33.90 -21.80 -23.23
C VAL A 252 33.29 -22.58 -22.06
N GLU A 253 34.07 -22.80 -21.00
CA GLU A 253 33.56 -23.62 -19.89
C GLU A 253 32.91 -22.80 -18.76
N PRO A 254 31.59 -22.96 -18.58
CA PRO A 254 30.85 -22.23 -17.56
C PRO A 254 31.43 -22.46 -16.16
N ILE A 255 31.36 -21.41 -15.32
CA ILE A 255 31.81 -21.46 -13.93
C ILE A 255 30.66 -21.41 -12.96
N SER A 256 30.84 -22.00 -11.78
CA SER A 256 29.77 -22.05 -10.81
C SER A 256 30.19 -21.90 -9.36
N ILE A 257 29.17 -21.86 -8.49
CA ILE A 257 29.32 -21.73 -7.07
C ILE A 257 28.25 -22.61 -6.47
N ASP A 258 28.56 -23.32 -5.40
CA ASP A 258 27.52 -24.05 -4.66
C ASP A 258 26.84 -23.04 -3.74
N TYR A 259 25.59 -22.71 -4.06
CA TYR A 259 24.80 -21.84 -3.20
C TYR A 259 23.64 -22.59 -2.56
N ARG A 260 23.88 -23.09 -1.35
CA ARG A 260 22.88 -23.79 -0.54
C ARG A 260 22.29 -25.01 -1.21
N GLY A 261 23.16 -25.80 -1.85
CA GLY A 261 22.77 -27.04 -2.53
C GLY A 261 22.74 -26.85 -4.03
N TYR A 262 22.27 -25.68 -4.46
CA TYR A 262 22.15 -25.35 -5.87
C TYR A 262 23.50 -24.93 -6.40
N ARG A 263 23.65 -25.00 -7.72
CA ARG A 263 24.82 -24.44 -8.38
C ARG A 263 24.38 -23.31 -9.31
N VAL A 264 24.98 -22.14 -9.12
CA VAL A 264 24.62 -20.97 -9.91
C VAL A 264 25.70 -20.79 -10.96
N TRP A 265 25.30 -20.80 -12.23
CA TRP A 265 26.24 -20.82 -13.36
C TRP A 265 26.29 -19.51 -14.08
N GLU A 266 27.50 -19.13 -14.49
CA GLU A 266 27.74 -17.95 -15.33
C GLU A 266 28.78 -18.30 -16.38
N ILE A 267 28.82 -17.48 -17.42
CA ILE A 267 29.90 -17.50 -18.39
C ILE A 267 31.15 -16.97 -17.68
N PRO A 268 32.31 -17.63 -17.88
CA PRO A 268 33.60 -17.19 -17.33
C PRO A 268 34.07 -15.85 -17.89
N PRO A 269 35.06 -15.24 -17.23
CA PRO A 269 35.66 -13.98 -17.58
C PRO A 269 35.90 -13.73 -19.06
N ASN A 270 36.14 -12.46 -19.33
CA ASN A 270 35.62 -11.77 -20.49
C ASN A 270 34.27 -11.23 -19.97
N GLY A 271 33.32 -12.13 -19.70
CA GLY A 271 32.02 -11.76 -19.13
C GLY A 271 32.09 -11.49 -17.63
N GLN A 272 31.20 -10.65 -17.12
CA GLN A 272 31.29 -10.20 -15.73
C GLN A 272 30.52 -11.05 -14.72
N GLY A 273 30.03 -12.20 -15.16
CA GLY A 273 29.18 -13.08 -14.32
C GLY A 273 29.80 -13.50 -13.01
N LEU A 274 31.14 -13.52 -13.02
CA LEU A 274 32.00 -13.69 -11.85
C LEU A 274 31.51 -12.93 -10.61
N VAL A 275 31.16 -11.65 -10.82
CA VAL A 275 30.73 -10.75 -9.77
C VAL A 275 29.57 -11.31 -8.96
N ALA A 276 28.53 -11.78 -9.65
CA ALA A 276 27.40 -12.43 -8.98
C ALA A 276 27.86 -13.63 -8.17
N LEU A 277 28.71 -14.45 -8.77
CA LEU A 277 29.22 -15.65 -8.13
C LEU A 277 30.03 -15.38 -6.86
N GLU A 278 30.94 -14.42 -6.94
CA GLU A 278 31.75 -14.02 -5.79
C GLU A 278 30.88 -13.43 -4.68
N ALA A 279 29.93 -12.56 -5.04
CA ALA A 279 29.01 -11.94 -4.09
C ALA A 279 28.15 -12.98 -3.36
N LEU A 280 27.62 -13.94 -4.12
CA LEU A 280 26.89 -15.05 -3.56
C LEU A 280 27.77 -15.83 -2.59
N ASN A 281 29.05 -15.92 -2.93
CA ASN A 281 30.01 -16.70 -2.15
C ASN A 281 30.36 -16.05 -0.81
N ILE A 282 30.47 -14.72 -0.83
CA ILE A 282 30.64 -13.92 0.38
C ILE A 282 29.39 -14.00 1.27
N VAL A 283 28.22 -13.80 0.66
CA VAL A 283 26.96 -13.77 1.39
C VAL A 283 26.58 -15.16 1.94
N LYS A 284 27.11 -16.20 1.30
CA LYS A 284 26.89 -17.62 1.65
C LYS A 284 27.09 -17.92 3.13
N GLY A 285 28.05 -17.23 3.74
CA GLY A 285 28.44 -17.47 5.13
C GLY A 285 27.45 -16.99 6.17
N PHE A 286 26.55 -16.10 5.77
CA PHE A 286 25.47 -15.61 6.64
C PHE A 286 24.22 -16.44 6.43
N GLU A 287 23.44 -16.61 7.48
CA GLU A 287 22.12 -17.20 7.36
C GLU A 287 21.13 -16.03 7.17
N PHE A 288 19.91 -16.32 6.72
CA PHE A 288 18.92 -15.27 6.47
C PHE A 288 17.54 -15.52 7.08
N TYR A 289 16.87 -16.55 6.55
CA TYR A 289 15.52 -16.99 6.95
C TYR A 289 14.39 -16.16 6.33
N HIS A 290 14.40 -14.84 6.51
CA HIS A 290 13.43 -13.99 5.81
C HIS A 290 14.03 -12.86 4.96
N LYS A 291 13.43 -12.65 3.79
CA LYS A 291 13.90 -11.70 2.77
C LYS A 291 13.78 -10.24 3.18
N ASP A 292 12.64 -9.86 3.73
CA ASP A 292 12.32 -8.45 3.95
C ASP A 292 12.69 -7.93 5.36
N THR A 293 13.97 -8.08 5.71
CA THR A 293 14.52 -7.44 6.92
C THR A 293 15.62 -6.47 6.49
N VAL A 294 15.99 -5.55 7.38
CA VAL A 294 17.14 -4.68 7.14
C VAL A 294 18.46 -5.48 7.02
N ASP A 295 18.60 -6.47 7.90
CA ASP A 295 19.77 -7.36 7.94
C ASP A 295 20.09 -7.99 6.58
N THR A 296 19.08 -8.62 5.99
CA THR A 296 19.16 -9.26 4.66
C THR A 296 19.60 -8.31 3.54
N TYR A 297 18.91 -7.18 3.39
CA TYR A 297 19.30 -6.19 2.38
C TYR A 297 20.70 -5.63 2.66
N HIS A 298 21.07 -5.52 3.93
CA HIS A 298 22.41 -5.00 4.25
C HIS A 298 23.49 -5.96 3.76
N LYS A 299 23.37 -7.23 4.15
CA LYS A 299 24.35 -8.23 3.74
C LYS A 299 24.42 -8.38 2.22
N GLN A 300 23.26 -8.41 1.56
CA GLN A 300 23.18 -8.44 0.10
C GLN A 300 24.03 -7.33 -0.50
N ILE A 301 23.64 -6.10 -0.18
CA ILE A 301 24.29 -4.91 -0.70
C ILE A 301 25.81 -4.87 -0.50
N GLU A 302 26.24 -5.19 0.71
CA GLU A 302 27.66 -5.13 1.09
C GLU A 302 28.49 -6.17 0.35
N ALA A 303 28.00 -7.40 0.36
CA ALA A 303 28.65 -8.48 -0.37
C ALA A 303 28.73 -8.16 -1.87
N MET A 304 27.67 -7.60 -2.42
CA MET A 304 27.66 -7.20 -3.83
C MET A 304 28.69 -6.11 -4.12
N LYS A 305 28.80 -5.14 -3.22
CA LYS A 305 29.78 -4.06 -3.36
C LYS A 305 31.21 -4.62 -3.43
N LEU A 306 31.55 -5.49 -2.48
CA LEU A 306 32.91 -6.07 -2.41
C LEU A 306 33.29 -6.82 -3.69
N ALA A 307 32.38 -7.68 -4.15
CA ALA A 307 32.59 -8.49 -5.34
C ALA A 307 32.63 -7.66 -6.62
N PHE A 308 31.86 -6.59 -6.68
CA PHE A 308 31.81 -5.76 -7.86
C PHE A 308 33.11 -4.99 -8.10
N VAL A 309 33.76 -4.50 -7.04
CA VAL A 309 35.02 -3.75 -7.20
C VAL A 309 36.16 -4.72 -7.54
N ASP A 310 36.05 -5.95 -7.04
CA ASP A 310 36.94 -7.03 -7.45
C ASP A 310 36.80 -7.36 -8.95
N GLY A 311 35.57 -7.60 -9.40
CA GLY A 311 35.28 -7.89 -10.80
C GLY A 311 35.70 -6.78 -11.75
N MET A 312 35.53 -5.54 -11.32
CA MET A 312 35.92 -4.41 -12.15
C MET A 312 37.44 -4.26 -12.23
N LYS A 313 38.13 -4.72 -11.19
CA LYS A 313 39.58 -4.67 -11.12
C LYS A 313 40.22 -5.79 -11.95
N TYR A 314 39.71 -7.01 -11.81
CA TYR A 314 40.38 -8.20 -12.32
C TYR A 314 39.79 -8.85 -13.58
N VAL A 315 38.50 -8.68 -13.84
CA VAL A 315 37.85 -9.38 -14.94
C VAL A 315 38.09 -8.73 -16.31
N THR A 316 38.67 -9.51 -17.21
CA THR A 316 38.94 -9.11 -18.60
C THR A 316 39.19 -10.39 -19.42
N GLU A 317 39.62 -10.23 -20.67
CA GLU A 317 40.15 -11.35 -21.45
C GLU A 317 41.06 -12.20 -20.56
N PRO A 318 40.76 -13.50 -20.42
CA PRO A 318 41.42 -14.46 -19.52
C PRO A 318 42.96 -14.41 -19.50
N SER A 319 43.56 -14.21 -20.68
CA SER A 319 45.01 -14.13 -20.85
CA SER A 319 45.01 -14.16 -20.81
C SER A 319 45.61 -12.92 -20.12
N ASP A 320 44.88 -11.81 -20.15
CA ASP A 320 45.35 -10.56 -19.55
C ASP A 320 44.92 -10.42 -18.09
N MET A 321 44.33 -11.46 -17.52
CA MET A 321 43.85 -11.38 -16.15
C MET A 321 44.97 -11.58 -15.15
N SER A 322 45.00 -10.71 -14.13
CA SER A 322 46.08 -10.67 -13.15
C SER A 322 45.98 -11.80 -12.13
N VAL A 323 44.77 -12.08 -11.65
CA VAL A 323 44.53 -13.21 -10.76
C VAL A 323 43.69 -14.24 -11.51
N SER A 324 43.45 -15.38 -10.88
CA SER A 324 42.65 -16.43 -11.52
C SER A 324 41.20 -16.42 -11.05
N VAL A 325 40.35 -17.04 -11.87
CA VAL A 325 38.95 -17.25 -11.54
C VAL A 325 38.82 -18.07 -10.26
N GLU A 326 39.71 -19.05 -10.10
CA GLU A 326 39.67 -20.00 -8.99
C GLU A 326 39.98 -19.33 -7.66
N GLN A 327 40.86 -18.34 -7.69
CA GLN A 327 41.23 -17.58 -6.50
C GLN A 327 40.09 -16.70 -6.00
N LEU A 328 39.47 -15.96 -6.92
CA LEU A 328 38.37 -15.06 -6.59
C LEU A 328 37.13 -15.82 -6.11
N LEU A 329 37.03 -17.10 -6.49
CA LEU A 329 35.84 -17.88 -6.19
C LEU A 329 36.05 -18.85 -5.05
N SER A 330 37.20 -18.74 -4.38
CA SER A 330 37.55 -19.67 -3.32
C SER A 330 36.88 -19.32 -2.01
N ASP A 331 36.62 -20.34 -1.20
CA ASP A 331 35.91 -20.18 0.09
C ASP A 331 36.69 -19.35 1.09
N GLU A 332 38.02 -19.42 1.06
CA GLU A 332 38.84 -18.66 2.00
C GLU A 332 38.96 -17.19 1.62
N TYR A 333 38.88 -16.90 0.32
CA TYR A 333 38.84 -15.52 -0.12
C TYR A 333 37.48 -14.91 0.16
N ALA A 334 36.44 -15.71 0.00
CA ALA A 334 35.09 -15.31 0.40
C ALA A 334 35.12 -14.86 1.85
N THR A 335 35.69 -15.71 2.72
CA THR A 335 35.81 -15.46 4.16
C THR A 335 36.60 -14.18 4.45
N GLU A 336 37.63 -13.93 3.66
CA GLU A 336 38.44 -12.72 3.80
C GLU A 336 37.66 -11.43 3.55
N ARG A 337 36.83 -11.44 2.52
CA ARG A 337 36.00 -10.30 2.15
C ARG A 337 34.83 -10.12 3.11
N ARG A 338 34.24 -11.25 3.55
CA ARG A 338 33.10 -11.23 4.46
C ARG A 338 33.45 -10.66 5.83
N LYS A 339 34.74 -10.74 6.18
CA LYS A 339 35.27 -10.14 7.41
C LYS A 339 35.24 -8.61 7.33
N GLU A 340 35.24 -8.06 6.11
CA GLU A 340 35.16 -6.62 5.92
C GLU A 340 33.75 -6.05 6.02
N ILE A 341 32.75 -6.95 6.03
CA ILE A 341 31.35 -6.54 6.24
C ILE A 341 31.10 -6.34 7.73
N GLY A 342 30.81 -5.10 8.11
CA GLY A 342 30.51 -4.77 9.49
C GLY A 342 29.05 -4.43 9.70
N GLU A 343 28.79 -3.52 10.64
CA GLU A 343 27.44 -3.03 10.86
C GLU A 343 27.20 -1.73 10.11
N GLN A 344 28.27 -0.95 9.94
CA GLN A 344 28.20 0.27 9.15
C GLN A 344 28.50 0.01 7.68
N ALA A 345 27.92 0.83 6.81
CA ALA A 345 28.06 0.66 5.36
C ALA A 345 29.46 1.01 4.91
N LEU A 346 30.18 0.01 4.40
CA LEU A 346 31.58 0.16 4.01
C LEU A 346 31.78 0.94 2.72
N THR A 347 32.96 1.53 2.57
CA THR A 347 33.40 2.08 1.29
C THR A 347 34.18 0.95 0.59
N PRO A 348 33.71 0.54 -0.61
CA PRO A 348 34.20 -0.71 -1.19
C PRO A 348 35.54 -0.60 -1.92
N GLU A 349 36.47 -1.49 -1.58
CA GLU A 349 37.81 -1.52 -2.17
C GLU A 349 38.15 -2.93 -2.69
N PRO A 350 38.99 -3.03 -3.74
CA PRO A 350 39.42 -4.33 -4.26
C PRO A 350 40.26 -5.14 -3.27
N GLY A 351 40.31 -6.45 -3.46
CA GLY A 351 41.05 -7.35 -2.58
C GLY A 351 42.33 -7.91 -3.17
N THR A 352 42.51 -9.22 -3.03
CA THR A 352 43.76 -9.92 -3.36
C THR A 352 43.51 -11.42 -3.69
N PRO A 353 44.58 -12.22 -3.86
CA PRO A 353 44.39 -13.69 -3.80
C PRO A 353 43.87 -14.18 -2.45
N THR A 358 20.25 -3.97 -24.06
CA THR A 358 20.41 -5.42 -23.95
C THR A 358 19.06 -6.11 -24.05
N VAL A 359 19.05 -7.30 -24.64
CA VAL A 359 17.83 -8.12 -24.63
C VAL A 359 18.12 -9.49 -24.01
N TYR A 360 17.37 -9.83 -22.97
CA TYR A 360 17.44 -11.17 -22.40
C TYR A 360 16.27 -12.02 -22.88
N LEU A 361 16.48 -13.34 -22.83
CA LEU A 361 15.69 -14.33 -23.52
C LEU A 361 15.88 -15.66 -22.79
N ALA A 362 14.80 -16.40 -22.57
CA ALA A 362 14.86 -17.76 -21.98
C ALA A 362 13.97 -18.74 -22.73
N THR A 363 14.50 -19.90 -23.09
CA THR A 363 13.70 -20.92 -23.74
C THR A 363 13.89 -22.29 -23.07
N ALA A 364 12.86 -23.12 -23.15
CA ALA A 364 12.91 -24.50 -22.67
C ALA A 364 11.98 -25.35 -23.50
N ASP A 365 12.30 -26.64 -23.67
CA ASP A 365 11.39 -27.57 -24.35
C ASP A 365 11.10 -28.82 -23.51
N GLY A 366 10.29 -29.72 -24.07
CA GLY A 366 9.91 -30.95 -23.38
C GLY A 366 11.01 -32.00 -23.32
N ASP A 367 11.92 -31.94 -24.29
CA ASP A 367 13.05 -32.87 -24.41
C ASP A 367 14.22 -32.50 -23.50
N GLY A 368 13.99 -31.59 -22.57
CA GLY A 368 15.00 -31.22 -21.58
C GLY A 368 16.08 -30.26 -22.05
N ASN A 369 15.93 -29.69 -23.24
CA ASN A 369 16.81 -28.61 -23.66
C ASN A 369 16.33 -27.28 -23.09
N MET A 370 17.28 -26.47 -22.63
CA MET A 370 16.99 -25.16 -22.05
C MET A 370 18.09 -24.17 -22.44
N VAL A 371 17.74 -22.93 -22.72
CA VAL A 371 18.76 -21.92 -23.02
C VAL A 371 18.56 -20.54 -22.36
N SER A 372 19.65 -20.04 -21.80
CA SER A 372 19.78 -18.67 -21.35
C SER A 372 20.53 -17.90 -22.43
N PHE A 373 19.86 -16.98 -23.11
CA PHE A 373 20.50 -16.24 -24.21
C PHE A 373 20.36 -14.75 -24.01
N ILE A 374 21.41 -14.02 -24.36
CA ILE A 374 21.48 -12.58 -24.14
C ILE A 374 22.39 -11.89 -25.16
N GLN A 375 21.92 -10.78 -25.74
CA GLN A 375 22.72 -10.00 -26.72
C GLN A 375 22.47 -8.49 -26.63
N SER A 376 23.49 -7.71 -26.97
CA SER A 376 23.47 -6.26 -26.76
C SER A 376 24.40 -5.49 -27.67
N ASN A 377 24.01 -4.27 -28.00
CA ASN A 377 24.86 -3.32 -28.68
C ASN A 377 25.59 -2.44 -27.66
N TYR A 378 25.64 -2.93 -26.42
CA TYR A 378 26.07 -2.15 -25.25
C TYR A 378 25.11 -0.98 -24.96
N MET A 379 25.43 0.22 -25.41
CA MET A 379 24.64 1.40 -25.06
C MET A 379 23.49 1.67 -26.02
N GLY A 380 22.32 1.13 -25.70
CA GLY A 380 21.12 1.32 -26.51
C GLY A 380 21.33 0.87 -27.95
N PHE A 381 21.21 1.82 -28.88
CA PHE A 381 21.44 1.54 -30.29
C PHE A 381 22.90 1.22 -30.59
N GLY A 382 23.77 1.45 -29.61
CA GLY A 382 25.20 1.20 -29.77
C GLY A 382 25.98 2.40 -30.23
N SER A 383 26.92 2.16 -31.15
CA SER A 383 27.83 3.21 -31.62
C SER A 383 27.17 4.27 -32.50
N GLY A 384 26.00 3.97 -33.06
CA GLY A 384 25.35 4.89 -33.98
C GLY A 384 25.84 4.74 -35.41
N VAL A 385 26.88 3.92 -35.58
CA VAL A 385 27.33 3.54 -36.89
C VAL A 385 26.37 2.48 -37.40
N VAL A 386 25.67 2.79 -38.46
CA VAL A 386 24.90 1.80 -39.18
C VAL A 386 25.49 1.71 -40.58
N VAL A 387 25.95 0.52 -40.96
CA VAL A 387 26.41 0.27 -42.34
C VAL A 387 25.21 0.48 -43.26
N PRO A 388 25.36 1.38 -44.26
CA PRO A 388 24.24 1.90 -45.05
C PRO A 388 23.46 0.83 -45.80
N GLY A 389 22.13 0.99 -45.82
CA GLY A 389 21.26 0.08 -46.55
C GLY A 389 21.16 -1.35 -46.02
N THR A 390 21.83 -1.66 -44.92
CA THR A 390 21.80 -3.02 -44.39
C THR A 390 21.21 -3.17 -43.00
N GLY A 391 20.94 -2.05 -42.33
CA GLY A 391 20.35 -2.10 -40.98
C GLY A 391 21.21 -2.75 -39.92
N ILE A 392 22.51 -2.87 -40.17
CA ILE A 392 23.42 -3.37 -39.16
C ILE A 392 23.81 -2.19 -38.30
N ALA A 393 23.21 -2.08 -37.13
CA ALA A 393 23.66 -1.10 -36.17
C ALA A 393 24.82 -1.71 -35.38
N MET A 394 25.97 -1.05 -35.45
CA MET A 394 27.19 -1.55 -34.83
C MET A 394 27.28 -1.20 -33.34
N GLN A 395 27.68 -2.18 -32.56
CA GLN A 395 27.80 -2.02 -31.11
C GLN A 395 28.90 -1.03 -30.71
N ASN A 396 28.84 -0.55 -29.48
CA ASN A 396 29.92 0.30 -28.96
C ASN A 396 30.61 -0.32 -27.75
N ARG A 397 30.60 -1.66 -27.69
CA ARG A 397 31.20 -2.45 -26.61
C ARG A 397 32.61 -2.02 -26.22
N GLY A 398 33.41 -1.60 -27.20
CA GLY A 398 34.79 -1.15 -26.96
C GLY A 398 34.98 -0.04 -25.96
N HIS A 399 33.90 0.68 -25.67
CA HIS A 399 33.87 1.74 -24.67
C HIS A 399 34.17 1.22 -23.26
N ASN A 400 34.01 -0.08 -23.06
CA ASN A 400 34.32 -0.73 -21.78
C ASN A 400 35.80 -0.89 -21.50
N PHE A 401 36.64 -0.71 -22.52
CA PHE A 401 38.09 -0.83 -22.36
C PHE A 401 38.64 0.31 -21.50
N SER A 402 39.66 0.01 -20.71
CA SER A 402 40.35 1.03 -19.93
C SER A 402 41.50 1.58 -20.76
N LEU A 403 41.80 2.85 -20.56
CA LEU A 403 42.95 3.47 -21.22
C LEU A 403 44.11 3.71 -20.26
N ASP A 404 43.96 3.17 -19.04
CA ASP A 404 45.03 3.11 -18.05
C ASP A 404 45.81 1.82 -18.26
N PRO A 405 47.08 1.93 -18.68
CA PRO A 405 47.90 0.78 -19.11
C PRO A 405 48.16 -0.24 -18.01
N ASN A 406 48.05 0.19 -16.75
CA ASN A 406 48.25 -0.70 -15.62
C ASN A 406 47.00 -1.50 -15.21
N HIS A 407 45.86 -1.16 -15.82
CA HIS A 407 44.61 -1.90 -15.59
C HIS A 407 44.58 -3.15 -16.47
N ASP A 408 44.10 -4.26 -15.93
CA ASP A 408 44.04 -5.53 -16.66
C ASP A 408 43.14 -5.48 -17.89
N ASN A 409 42.08 -4.68 -17.84
CA ASN A 409 41.18 -4.48 -18.99
C ASN A 409 41.63 -3.31 -19.90
N ALA A 410 42.95 -3.13 -19.99
CA ALA A 410 43.50 -2.11 -20.87
C ALA A 410 43.19 -2.46 -22.32
N LEU A 411 43.01 -1.43 -23.15
CA LEU A 411 42.78 -1.65 -24.57
C LEU A 411 44.00 -2.27 -25.23
N LYS A 412 43.78 -3.38 -25.91
CA LYS A 412 44.81 -4.07 -26.63
C LYS A 412 44.18 -4.52 -27.93
N PRO A 413 44.91 -4.41 -29.06
CA PRO A 413 44.37 -4.91 -30.32
C PRO A 413 44.10 -6.42 -30.24
N GLY A 414 42.95 -6.85 -30.74
CA GLY A 414 42.59 -8.27 -30.77
C GLY A 414 42.16 -8.87 -29.45
N LYS A 415 41.90 -8.01 -28.48
CA LYS A 415 41.49 -8.43 -27.15
C LYS A 415 40.02 -8.11 -26.99
N ARG A 416 39.28 -8.96 -26.29
CA ARG A 416 37.88 -8.65 -26.02
C ARG A 416 37.70 -8.20 -24.57
N THR A 417 36.83 -7.21 -24.38
CA THR A 417 36.73 -6.49 -23.12
C THR A 417 35.87 -7.13 -22.07
N TYR A 418 36.04 -6.66 -20.83
CA TYR A 418 35.06 -6.82 -19.75
C TYR A 418 33.66 -6.58 -20.32
N HIS A 419 32.81 -7.60 -20.20
CA HIS A 419 31.49 -7.60 -20.84
C HIS A 419 30.37 -7.63 -19.82
N THR A 420 29.37 -6.77 -19.99
CA THR A 420 28.29 -6.63 -19.00
C THR A 420 27.17 -7.65 -19.13
N ILE A 421 26.94 -8.07 -20.37
CA ILE A 421 26.00 -9.14 -20.75
C ILE A 421 26.32 -10.46 -20.07
N ILE A 422 25.38 -10.94 -19.25
CA ILE A 422 25.59 -12.20 -18.54
C ILE A 422 24.34 -13.09 -18.50
N PRO A 423 24.39 -14.25 -19.18
CA PRO A 423 23.29 -15.19 -19.04
C PRO A 423 23.51 -16.13 -17.87
N GLY A 424 22.48 -16.35 -17.06
CA GLY A 424 22.64 -17.18 -15.88
C GLY A 424 21.95 -18.50 -16.05
N PHE A 425 22.42 -19.52 -15.32
CA PHE A 425 21.74 -20.81 -15.28
C PHE A 425 21.76 -21.39 -13.88
N LEU A 426 20.69 -22.08 -13.50
CA LEU A 426 20.60 -22.69 -12.19
C LEU A 426 20.42 -24.18 -12.30
N THR A 427 21.13 -24.90 -11.43
CA THR A 427 21.26 -26.35 -11.46
C THR A 427 21.18 -26.90 -10.03
N LYS A 428 20.57 -28.07 -9.85
CA LYS A 428 20.57 -28.75 -8.53
C LYS A 428 20.85 -30.25 -8.64
N ASN A 429 21.99 -30.68 -8.10
CA ASN A 429 22.45 -32.10 -8.12
C ASN A 429 22.57 -32.67 -9.53
N ASP A 430 23.30 -31.95 -10.39
CA ASP A 430 23.44 -32.28 -11.81
C ASP A 430 22.08 -32.50 -12.52
N GLN A 431 21.05 -31.80 -12.05
CA GLN A 431 19.77 -31.70 -12.75
C GLN A 431 19.58 -30.24 -13.12
N PRO A 432 19.05 -29.98 -14.32
CA PRO A 432 18.87 -28.58 -14.72
C PRO A 432 17.61 -28.02 -14.10
N ILE A 433 17.66 -26.81 -13.58
CA ILE A 433 16.40 -26.21 -13.14
C ILE A 433 16.02 -25.01 -13.99
N GLY A 434 16.98 -24.28 -14.52
CA GLY A 434 16.67 -23.38 -15.62
C GLY A 434 17.51 -22.16 -15.88
N PRO A 435 17.24 -21.48 -17.00
CA PRO A 435 17.85 -20.22 -17.39
C PRO A 435 17.17 -19.03 -16.69
N PHE A 436 17.97 -17.99 -16.43
CA PHE A 436 17.52 -16.74 -15.84
C PHE A 436 18.48 -15.67 -16.27
N GLY A 437 18.05 -14.42 -16.22
CA GLY A 437 18.89 -13.30 -16.56
C GLY A 437 18.19 -12.01 -16.19
N VAL A 438 18.93 -11.02 -15.72
CA VAL A 438 18.37 -9.70 -15.50
C VAL A 438 19.20 -8.67 -16.24
N MET A 439 18.77 -8.38 -17.46
CA MET A 439 19.10 -7.21 -18.26
C MET A 439 19.48 -5.96 -17.45
N GLY A 440 20.38 -5.14 -18.00
CA GLY A 440 20.57 -3.79 -17.48
C GLY A 440 21.94 -3.27 -17.16
N GLY A 441 22.93 -3.65 -17.96
CA GLY A 441 24.30 -3.10 -17.81
C GLY A 441 25.02 -3.53 -16.54
N PHE A 442 25.35 -2.56 -15.69
CA PHE A 442 26.02 -2.86 -14.41
C PHE A 442 25.06 -3.31 -13.30
N MET A 443 23.76 -3.29 -13.58
CA MET A 443 22.75 -3.87 -12.68
C MET A 443 22.84 -5.41 -12.71
N GLN A 444 23.30 -5.95 -13.83
CA GLN A 444 23.16 -7.38 -14.14
C GLN A 444 23.60 -8.34 -13.03
N PRO A 445 24.85 -8.25 -12.55
CA PRO A 445 25.20 -9.16 -11.44
C PRO A 445 24.34 -8.95 -10.20
N GLN A 446 24.02 -7.69 -9.89
CA GLN A 446 23.16 -7.34 -8.74
C GLN A 446 21.76 -7.95 -8.87
N GLY A 447 21.18 -7.86 -10.06
CA GLY A 447 19.94 -8.56 -10.39
C GLY A 447 20.04 -10.08 -10.29
N HIS A 448 21.17 -10.62 -10.73
CA HIS A 448 21.44 -12.04 -10.62
C HIS A 448 21.47 -12.47 -9.16
N MET A 449 22.16 -11.69 -8.34
CA MET A 449 22.21 -11.98 -6.91
C MET A 449 20.81 -11.97 -6.35
N GLN A 450 20.02 -10.97 -6.72
CA GLN A 450 18.71 -10.79 -6.13
C GLN A 450 17.75 -11.92 -6.50
N VAL A 451 17.67 -12.30 -7.78
CA VAL A 451 16.78 -13.42 -8.13
C VAL A 451 17.24 -14.75 -7.56
N MET A 452 18.56 -14.95 -7.43
CA MET A 452 19.06 -16.20 -6.87
C MET A 452 18.72 -16.34 -5.40
N MET A 453 18.81 -15.23 -4.68
CA MET A 453 18.45 -15.23 -3.28
C MET A 453 16.95 -15.31 -3.12
N ASN A 454 16.21 -14.59 -3.97
CA ASN A 454 14.76 -14.67 -3.97
C ASN A 454 14.27 -16.12 -4.15
N THR A 455 14.96 -16.85 -5.02
CA THR A 455 14.58 -18.21 -5.37
C THR A 455 15.06 -19.23 -4.35
N ILE A 456 16.38 -19.25 -4.13
CA ILE A 456 16.99 -20.27 -3.27
C ILE A 456 16.75 -20.01 -1.79
N ASP A 457 16.99 -18.78 -1.35
CA ASP A 457 16.86 -18.46 0.06
C ASP A 457 15.43 -18.25 0.49
N PHE A 458 14.64 -17.62 -0.36
CA PHE A 458 13.35 -17.10 0.09
C PHE A 458 12.15 -17.73 -0.58
N GLY A 459 12.41 -18.67 -1.50
CA GLY A 459 11.37 -19.55 -2.06
C GLY A 459 10.31 -18.90 -2.92
N LEU A 460 10.65 -17.77 -3.53
CA LEU A 460 9.73 -17.07 -4.41
C LEU A 460 9.58 -17.81 -5.74
N ASN A 461 8.36 -17.82 -6.30
CA ASN A 461 8.16 -18.33 -7.65
C ASN A 461 8.77 -17.39 -8.70
N PRO A 462 9.03 -17.90 -9.91
CA PRO A 462 9.66 -17.12 -10.99
C PRO A 462 9.09 -15.71 -11.23
N GLN A 463 7.78 -15.57 -11.23
CA GLN A 463 7.13 -14.27 -11.38
C GLN A 463 7.33 -13.37 -10.17
N ALA A 464 6.96 -13.85 -8.99
CA ALA A 464 7.22 -13.17 -7.72
C ALA A 464 8.68 -12.72 -7.54
N ALA A 465 9.64 -13.57 -7.92
CA ALA A 465 11.06 -13.22 -7.86
C ALA A 465 11.36 -12.01 -8.74
N LEU A 466 10.63 -11.91 -9.85
CA LEU A 466 10.76 -10.80 -10.79
C LEU A 466 9.99 -9.59 -10.32
N ASP A 467 8.86 -9.84 -9.64
CA ASP A 467 8.00 -8.78 -9.15
C ASP A 467 8.68 -8.03 -8.02
N ALA A 468 9.44 -8.76 -7.20
CA ALA A 468 10.11 -8.24 -6.01
C ALA A 468 10.83 -6.91 -6.21
N PRO A 469 10.67 -5.98 -5.26
CA PRO A 469 11.34 -4.67 -5.37
C PRO A 469 12.86 -4.79 -5.41
N ARG A 470 13.51 -3.94 -6.19
CA ARG A 470 14.94 -4.09 -6.40
C ARG A 470 15.80 -2.94 -5.89
N TRP A 471 17.03 -3.26 -5.52
CA TRP A 471 18.03 -2.27 -5.22
C TRP A 471 19.15 -2.39 -6.24
N GLN A 472 19.99 -1.36 -6.35
CA GLN A 472 21.25 -1.46 -7.08
C GLN A 472 22.31 -0.48 -6.59
N TRP A 473 23.51 -0.98 -6.34
CA TRP A 473 24.64 -0.15 -5.95
C TRP A 473 25.30 0.53 -7.16
N THR A 474 25.64 1.81 -7.01
CA THR A 474 26.26 2.57 -8.10
C THR A 474 27.69 3.04 -7.84
N ASN A 475 27.88 3.94 -6.87
CA ASN A 475 29.17 4.63 -6.68
C ASN A 475 30.01 4.09 -5.55
N GLY A 476 29.69 4.50 -4.32
CA GLY A 476 30.50 4.16 -3.17
C GLY A 476 29.62 3.63 -2.07
N LYS A 477 28.95 4.54 -1.38
CA LYS A 477 27.92 4.16 -0.44
C LYS A 477 26.54 4.34 -1.10
N GLN A 478 26.55 4.75 -2.36
CA GLN A 478 25.35 5.01 -3.15
C GLN A 478 24.60 3.75 -3.59
N VAL A 479 23.37 3.60 -3.11
CA VAL A 479 22.48 2.50 -3.53
C VAL A 479 21.16 3.10 -3.97
N GLN A 480 20.74 2.81 -5.20
CA GLN A 480 19.42 3.21 -5.67
C GLN A 480 18.39 2.13 -5.32
N VAL A 481 17.18 2.54 -4.95
CA VAL A 481 16.11 1.56 -4.74
C VAL A 481 14.86 1.97 -5.49
N GLU A 482 13.96 1.01 -5.70
CA GLU A 482 12.70 1.22 -6.41
C GLU A 482 11.67 1.90 -5.50
N PRO A 483 10.68 2.60 -6.10
CA PRO A 483 9.56 3.23 -5.38
C PRO A 483 8.80 2.27 -4.46
N THR A 484 8.94 0.97 -4.75
CA THR A 484 8.20 -0.06 -4.08
C THR A 484 9.10 -0.79 -3.09
N PHE A 485 10.35 -0.37 -2.99
CA PHE A 485 11.23 -0.84 -1.91
C PHE A 485 10.67 -0.33 -0.59
N PRO A 486 10.54 -1.23 0.42
CA PRO A 486 9.95 -0.91 1.73
C PRO A 486 10.67 0.25 2.40
N VAL A 487 9.89 1.28 2.74
CA VAL A 487 10.43 2.57 3.16
C VAL A 487 11.10 2.47 4.54
N ASP A 488 10.49 1.73 5.46
CA ASP A 488 11.08 1.57 6.79
C ASP A 488 12.48 0.95 6.72
N ILE A 489 12.63 -0.10 5.90
CA ILE A 489 13.91 -0.77 5.69
C ILE A 489 14.91 0.17 5.02
N ALA A 490 14.43 0.93 4.04
CA ALA A 490 15.26 1.90 3.34
C ALA A 490 15.84 2.94 4.29
N GLN A 491 15.01 3.44 5.20
CA GLN A 491 15.40 4.43 6.20
CA GLN A 491 15.49 4.45 6.13
C GLN A 491 16.37 3.86 7.23
N ALA A 492 16.20 2.56 7.52
CA ALA A 492 17.06 1.87 8.48
C ALA A 492 18.44 1.62 7.86
N LEU A 493 18.44 1.39 6.55
CA LEU A 493 19.69 1.29 5.81
C LEU A 493 20.48 2.60 5.81
N VAL A 494 19.75 3.72 5.75
CA VAL A 494 20.35 5.05 5.83
C VAL A 494 21.03 5.27 7.19
N ARG A 495 20.36 4.86 8.26
CA ARG A 495 20.94 4.94 9.60
C ARG A 495 22.20 4.09 9.76
N ARG A 496 22.37 3.11 8.88
CA ARG A 496 23.57 2.24 8.89
C ARG A 496 24.63 2.73 7.91
N GLY A 497 24.44 3.93 7.35
CA GLY A 497 25.47 4.54 6.51
C GLY A 497 25.22 4.58 5.01
N HIS A 498 24.25 3.80 4.51
CA HIS A 498 23.97 3.76 3.07
C HIS A 498 23.33 5.04 2.55
N LYS A 499 23.89 5.57 1.47
CA LYS A 499 23.30 6.71 0.80
C LYS A 499 22.20 6.21 -0.11
N ILE A 500 21.05 5.89 0.47
CA ILE A 500 19.90 5.37 -0.28
C ILE A 500 19.20 6.47 -1.07
N GLN A 501 18.90 6.21 -2.34
CA GLN A 501 18.07 7.07 -3.18
C GLN A 501 16.94 6.30 -3.88
N VAL A 502 15.70 6.68 -3.60
CA VAL A 502 14.56 6.12 -4.30
C VAL A 502 14.54 6.70 -5.71
N VAL A 503 14.56 5.81 -6.71
CA VAL A 503 14.62 6.22 -8.12
C VAL A 503 13.30 5.93 -8.80
N LEU A 504 12.73 6.99 -9.39
CA LEU A 504 11.41 6.94 -9.97
C LEU A 504 11.41 6.44 -11.41
N ASP A 505 12.57 6.52 -12.07
CA ASP A 505 12.76 6.07 -13.46
C ASP A 505 12.26 4.66 -13.70
N GLU A 506 11.40 4.52 -14.70
CA GLU A 506 10.95 3.22 -15.13
C GLU A 506 12.08 2.58 -15.94
N GLY A 507 12.33 1.29 -15.71
CA GLY A 507 13.32 0.55 -16.49
C GLY A 507 14.76 0.69 -16.05
N ALA A 508 14.99 1.49 -15.00
CA ALA A 508 16.33 1.68 -14.47
C ALA A 508 16.76 0.52 -13.58
N PHE A 509 15.86 -0.42 -13.34
CA PHE A 509 16.21 -1.57 -12.52
C PHE A 509 16.25 -2.89 -13.26
N GLY A 510 16.32 -2.82 -14.59
CA GLY A 510 16.54 -3.98 -15.44
C GLY A 510 15.32 -4.80 -15.79
N ARG A 511 15.47 -5.73 -16.72
CA ARG A 511 14.40 -6.61 -17.15
C ARG A 511 14.79 -8.08 -16.98
N GLY A 512 13.94 -8.87 -16.32
CA GLY A 512 14.26 -10.25 -16.05
C GLY A 512 13.35 -11.25 -16.75
N GLN A 513 13.88 -12.44 -17.03
CA GLN A 513 13.04 -13.57 -17.44
C GLN A 513 13.52 -14.79 -16.68
N ILE A 514 12.59 -15.69 -16.37
CA ILE A 514 12.93 -16.89 -15.64
C ILE A 514 12.10 -18.04 -16.20
N ILE A 515 12.76 -19.18 -16.47
CA ILE A 515 12.03 -20.44 -16.62
C ILE A 515 12.64 -21.50 -15.68
N TRP A 516 11.85 -22.00 -14.74
CA TRP A 516 12.31 -23.12 -13.93
C TRP A 516 11.63 -24.39 -14.39
N ARG A 517 12.39 -25.48 -14.39
CA ARG A 517 11.87 -26.81 -14.68
C ARG A 517 11.94 -27.70 -13.45
N ASP A 518 10.81 -28.28 -13.07
CA ASP A 518 10.77 -29.25 -12.00
C ASP A 518 11.48 -30.52 -12.49
N PRO A 519 12.50 -31.00 -11.74
CA PRO A 519 13.29 -32.16 -12.18
C PRO A 519 12.52 -33.50 -12.11
N THR A 520 11.56 -33.61 -11.19
CA THR A 520 10.74 -34.81 -11.07
C THR A 520 9.67 -34.90 -12.14
N THR A 521 8.71 -33.96 -12.11
CA THR A 521 7.57 -33.98 -13.03
C THR A 521 7.87 -33.41 -14.43
N GLY A 522 8.79 -32.46 -14.50
CA GLY A 522 9.22 -31.95 -15.81
C GLY A 522 8.40 -30.77 -16.27
N VAL A 523 7.51 -30.29 -15.39
CA VAL A 523 6.67 -29.15 -15.70
C VAL A 523 7.49 -27.85 -15.68
N LEU A 524 7.20 -26.97 -16.63
CA LEU A 524 7.90 -25.68 -16.77
C LEU A 524 7.10 -24.54 -16.15
N ALA A 525 7.75 -23.76 -15.29
CA ALA A 525 7.09 -22.62 -14.67
C ALA A 525 7.85 -21.34 -14.99
N GLY A 526 7.17 -20.39 -15.61
CA GLY A 526 7.84 -19.19 -16.11
C GLY A 526 7.39 -17.89 -15.49
N GLY A 527 8.34 -16.95 -15.42
CA GLY A 527 8.07 -15.58 -14.99
C GLY A 527 8.61 -14.59 -16.00
N THR A 528 7.88 -13.50 -16.22
CA THR A 528 8.33 -12.45 -17.13
C THR A 528 8.43 -11.08 -16.44
N GLU A 529 9.25 -10.20 -16.99
CA GLU A 529 9.46 -8.86 -16.41
C GLU A 529 8.21 -7.97 -16.41
N PRO A 530 7.68 -7.64 -15.22
CA PRO A 530 6.48 -6.81 -15.20
C PRO A 530 6.73 -5.34 -15.52
N ARG A 531 7.96 -4.85 -15.36
CA ARG A 531 8.26 -3.43 -15.63
C ARG A 531 8.32 -3.02 -17.11
N THR A 532 8.04 -3.94 -18.03
CA THR A 532 8.09 -3.68 -19.47
C THR A 532 7.06 -4.55 -20.24
N ASP A 533 6.92 -4.32 -21.55
CA ASP A 533 6.13 -5.19 -22.41
C ASP A 533 6.90 -6.49 -22.50
N GLY A 534 6.19 -7.61 -22.58
CA GLY A 534 6.89 -8.88 -22.64
C GLY A 534 6.01 -10.04 -22.26
N GLN A 535 6.55 -11.25 -22.38
CA GLN A 535 5.69 -12.42 -22.32
C GLN A 535 6.43 -13.70 -22.00
N VAL A 536 5.85 -14.50 -21.10
CA VAL A 536 6.16 -15.91 -21.07
C VAL A 536 5.02 -16.53 -21.83
N ALA A 537 5.33 -17.40 -22.78
CA ALA A 537 4.30 -18.08 -23.53
C ALA A 537 4.60 -19.57 -23.60
N ALA A 538 3.55 -20.38 -23.50
CA ALA A 538 3.65 -21.83 -23.58
C ALA A 538 3.49 -22.35 -25.00
N TRP A 539 3.94 -23.57 -25.25
CA TRP A 539 3.59 -24.32 -26.45
C TRP A 539 3.37 -25.79 -26.11
N GLU A 540 2.33 -26.40 -26.67
CA GLU A 540 1.97 -27.79 -26.31
C GLU A 540 1.67 -28.75 -27.47
N GLY A 541 2.29 -28.53 -28.62
CA GLY A 541 2.13 -29.42 -29.78
C GLY A 541 3.20 -30.51 -29.77
N HIS A 542 3.48 -31.08 -30.95
CA HIS A 542 4.43 -32.20 -31.06
C HIS A 542 5.71 -31.95 -31.87
N MET B 4 8.83 -28.56 -2.64
CA MET B 4 9.92 -28.01 -3.49
C MET B 4 10.20 -26.55 -3.15
N PHE B 5 10.50 -25.72 -4.15
CA PHE B 5 11.01 -24.36 -3.90
C PHE B 5 10.16 -23.18 -4.45
N ASP B 6 8.94 -23.46 -4.91
CA ASP B 6 7.97 -22.40 -5.25
C ASP B 6 6.48 -22.81 -5.13
N PRO B 7 5.66 -22.04 -4.37
CA PRO B 7 4.23 -22.32 -4.27
C PRO B 7 3.29 -21.57 -5.25
N GLN B 8 2.20 -21.06 -4.70
CA GLN B 8 1.18 -20.32 -5.42
C GLN B 8 1.08 -18.97 -4.71
N SER B 9 2.23 -18.53 -4.19
CA SER B 9 2.35 -17.29 -3.42
C SER B 9 2.90 -16.13 -4.23
N TYR B 10 2.17 -15.01 -4.22
CA TYR B 10 2.60 -13.78 -4.87
C TYR B 10 2.68 -12.62 -3.86
N PRO B 11 3.81 -12.49 -3.15
CA PRO B 11 3.96 -11.49 -2.08
C PRO B 11 4.02 -10.06 -2.57
N TYR B 12 4.33 -9.85 -3.85
CA TYR B 12 4.57 -8.51 -4.38
C TYR B 12 3.57 -8.21 -5.50
N PRO B 13 3.21 -6.92 -5.68
CA PRO B 13 2.36 -6.53 -6.79
C PRO B 13 3.09 -6.52 -8.13
N SER B 14 2.35 -6.78 -9.20
CA SER B 14 2.92 -6.92 -10.54
C SER B 14 2.33 -5.86 -11.48
N ARG B 15 2.83 -5.83 -12.70
CA ARG B 15 2.42 -4.85 -13.70
CA ARG B 15 2.37 -4.86 -13.69
C ARG B 15 2.10 -5.55 -15.01
N ARG B 16 0.97 -5.20 -15.61
CA ARG B 16 0.66 -5.63 -16.95
C ARG B 16 0.55 -4.38 -17.80
N ASN B 17 1.42 -4.27 -18.81
CA ASN B 17 1.32 -3.22 -19.79
C ASN B 17 0.25 -3.57 -20.82
N VAL B 18 -0.41 -2.52 -21.32
CA VAL B 18 -1.37 -2.64 -22.41
C VAL B 18 -0.69 -3.27 -23.63
N VAL B 19 -1.37 -4.22 -24.24
CA VAL B 19 -0.85 -4.85 -25.46
C VAL B 19 -1.38 -4.17 -26.73
N TYR B 20 -0.46 -3.85 -27.64
CA TYR B 20 -0.82 -3.16 -28.87
C TYR B 20 -0.68 -4.06 -30.08
N ALA B 21 -1.62 -3.90 -31.02
CA ALA B 21 -1.55 -4.58 -32.32
C ALA B 21 -2.18 -3.76 -33.45
N LYS B 22 -2.00 -4.22 -34.69
CA LYS B 22 -2.63 -3.61 -35.85
C LYS B 22 -3.46 -4.63 -36.63
N ASN B 23 -2.85 -5.78 -36.91
CA ASN B 23 -3.44 -6.74 -37.84
C ASN B 23 -4.30 -7.80 -37.18
N GLY B 24 -4.26 -7.85 -35.86
CA GLY B 24 -5.10 -8.78 -35.13
C GLY B 24 -4.76 -8.95 -33.67
N MET B 25 -5.77 -9.33 -32.89
CA MET B 25 -5.61 -9.47 -31.45
C MET B 25 -6.66 -10.38 -30.87
N VAL B 26 -6.22 -11.30 -30.04
CA VAL B 26 -7.15 -12.16 -29.32
C VAL B 26 -6.88 -12.01 -27.83
N ALA B 27 -7.93 -11.78 -27.04
CA ALA B 27 -7.81 -11.70 -25.59
C ALA B 27 -8.81 -12.62 -24.91
N THR B 28 -8.31 -13.68 -24.28
CA THR B 28 -9.15 -14.60 -23.52
C THR B 28 -8.46 -15.16 -22.25
N SER B 29 -9.18 -16.03 -21.56
CA SER B 29 -8.75 -16.56 -20.27
C SER B 29 -7.87 -17.81 -20.33
N GLN B 30 -7.45 -18.23 -21.53
CA GLN B 30 -6.60 -19.40 -21.68
C GLN B 30 -5.61 -19.17 -22.83
N PRO B 31 -4.30 -19.11 -22.50
CA PRO B 31 -3.30 -18.59 -23.43
C PRO B 31 -3.23 -19.40 -24.73
N LEU B 32 -3.39 -20.71 -24.62
CA LEU B 32 -3.47 -21.58 -25.79
C LEU B 32 -4.75 -21.36 -26.61
N ALA B 33 -5.81 -20.86 -25.99
CA ALA B 33 -7.01 -20.53 -26.74
C ALA B 33 -6.77 -19.25 -27.53
N ALA B 34 -6.05 -18.30 -26.93
CA ALA B 34 -5.66 -17.08 -27.65
C ALA B 34 -4.78 -17.43 -28.85
N GLN B 35 -3.95 -18.44 -28.64
CA GLN B 35 -3.02 -18.95 -29.63
C GLN B 35 -3.77 -19.57 -30.80
N ALA B 36 -4.87 -20.26 -30.51
CA ALA B 36 -5.74 -20.80 -31.57
C ALA B 36 -6.29 -19.71 -32.49
N GLY B 37 -6.78 -18.63 -31.89
CA GLY B 37 -7.30 -17.50 -32.67
C GLY B 37 -6.23 -16.84 -33.53
N LEU B 38 -5.01 -16.81 -33.01
CA LEU B 38 -3.89 -16.26 -33.73
C LEU B 38 -3.53 -17.14 -34.92
N ASP B 39 -3.60 -18.45 -34.69
CA ASP B 39 -3.25 -19.44 -35.71
C ASP B 39 -4.22 -19.40 -36.87
N ILE B 40 -5.46 -19.01 -36.58
CA ILE B 40 -6.50 -18.93 -37.59
C ILE B 40 -6.38 -17.63 -38.36
N LEU B 41 -6.08 -16.55 -37.63
CA LEU B 41 -5.71 -15.28 -38.24
C LEU B 41 -4.58 -15.47 -39.27
N LYS B 42 -3.54 -16.22 -38.86
CA LYS B 42 -2.42 -16.63 -39.73
C LYS B 42 -2.88 -17.33 -40.99
N ALA B 43 -3.74 -18.33 -40.81
CA ALA B 43 -4.23 -19.14 -41.93
C ALA B 43 -5.31 -18.43 -42.75
N GLY B 44 -5.38 -17.11 -42.63
CA GLY B 44 -6.22 -16.29 -43.49
C GLY B 44 -7.59 -15.95 -42.93
N GLY B 45 -7.83 -16.33 -41.67
CA GLY B 45 -9.11 -16.08 -41.03
C GLY B 45 -9.26 -14.63 -40.58
N ASN B 46 -10.51 -14.21 -40.39
CA ASN B 46 -10.80 -12.90 -39.81
C ASN B 46 -11.12 -12.99 -38.32
N ALA B 47 -11.50 -11.87 -37.73
CA ALA B 47 -11.80 -11.80 -36.31
C ALA B 47 -12.92 -12.79 -35.91
N ILE B 48 -13.88 -12.99 -36.81
CA ILE B 48 -14.95 -13.94 -36.57
C ILE B 48 -14.42 -15.38 -36.53
N ASP B 49 -13.63 -15.74 -37.53
CA ASP B 49 -12.99 -17.05 -37.56
C ASP B 49 -12.24 -17.28 -36.26
N ALA B 50 -11.38 -16.32 -35.94
CA ALA B 50 -10.61 -16.34 -34.72
C ALA B 50 -11.50 -16.61 -33.51
N ALA B 51 -12.63 -15.92 -33.44
CA ALA B 51 -13.52 -16.05 -32.30
C ALA B 51 -13.94 -17.51 -32.13
N ILE B 52 -14.39 -18.11 -33.23
CA ILE B 52 -14.83 -19.50 -33.25
C ILE B 52 -13.68 -20.46 -32.92
N ALA B 53 -12.49 -20.19 -33.44
CA ALA B 53 -11.27 -20.95 -33.08
C ALA B 53 -11.04 -20.96 -31.57
N THR B 54 -11.04 -19.77 -30.97
CA THR B 54 -10.85 -19.58 -29.55
C THR B 54 -11.99 -20.21 -28.72
N ALA B 55 -13.22 -20.04 -29.19
CA ALA B 55 -14.39 -20.49 -28.45
C ALA B 55 -14.43 -22.00 -28.33
N THR B 56 -14.17 -22.66 -29.44
CA THR B 56 -14.10 -24.12 -29.50
C THR B 56 -12.86 -24.63 -28.78
N ALA B 57 -11.77 -23.88 -28.82
CA ALA B 57 -10.58 -24.27 -28.07
C ALA B 57 -10.88 -24.28 -26.57
N LEU B 58 -11.60 -23.26 -26.11
CA LEU B 58 -11.89 -23.10 -24.68
C LEU B 58 -12.70 -24.26 -24.19
N THR B 59 -13.52 -24.80 -25.10
CA THR B 59 -14.34 -25.99 -24.88
C THR B 59 -13.53 -27.15 -24.33
N VAL B 60 -12.28 -27.25 -24.78
CA VAL B 60 -11.34 -28.27 -24.37
C VAL B 60 -10.43 -27.75 -23.25
N LEU B 61 -9.91 -26.54 -23.41
CA LEU B 61 -8.89 -26.00 -22.53
C LEU B 61 -9.39 -25.57 -21.13
N GLU B 62 -10.67 -25.25 -21.02
CA GLU B 62 -11.23 -24.76 -19.76
C GLU B 62 -12.60 -25.41 -19.49
N PRO B 63 -12.60 -26.73 -19.19
CA PRO B 63 -13.84 -27.46 -19.06
C PRO B 63 -14.61 -27.12 -17.78
N THR B 64 -13.95 -26.40 -16.88
CA THR B 64 -14.55 -25.97 -15.62
C THR B 64 -15.52 -24.82 -15.80
N SER B 65 -15.59 -24.25 -17.00
CA SER B 65 -16.36 -23.03 -17.23
C SER B 65 -17.18 -23.13 -18.50
N ASN B 66 -17.26 -24.32 -19.06
CA ASN B 66 -17.53 -24.41 -20.47
C ASN B 66 -17.88 -25.82 -20.88
N GLY B 67 -18.33 -25.98 -22.12
CA GLY B 67 -18.56 -27.28 -22.74
C GLY B 67 -19.06 -27.19 -24.16
N ILE B 68 -19.03 -28.30 -24.87
CA ILE B 68 -19.66 -28.34 -26.17
C ILE B 68 -21.17 -28.21 -25.97
N GLY B 69 -21.65 -28.69 -24.82
CA GLY B 69 -23.06 -28.58 -24.49
C GLY B 69 -23.45 -27.23 -23.91
N SER B 70 -22.71 -26.18 -24.28
CA SER B 70 -23.01 -24.82 -23.84
C SER B 70 -23.99 -24.14 -24.79
N ASP B 71 -24.57 -23.01 -24.37
CA ASP B 71 -25.04 -22.03 -25.35
C ASP B 71 -24.13 -20.79 -25.39
N ALA B 72 -24.30 -19.95 -26.41
CA ALA B 72 -23.35 -18.87 -26.70
C ALA B 72 -24.04 -17.59 -27.08
N PHE B 73 -23.32 -16.46 -27.01
CA PHE B 73 -23.83 -15.16 -27.45
C PHE B 73 -22.67 -14.40 -28.09
N ALA B 74 -22.98 -13.51 -29.03
CA ALA B 74 -21.95 -12.70 -29.64
C ALA B 74 -22.48 -11.37 -30.15
N LEU B 75 -21.64 -10.35 -30.01
CA LEU B 75 -21.79 -9.10 -30.70
C LEU B 75 -20.61 -9.01 -31.65
N VAL B 76 -20.88 -9.03 -32.94
CA VAL B 76 -19.83 -8.97 -33.93
C VAL B 76 -19.98 -7.72 -34.77
N TRP B 77 -18.90 -6.95 -34.86
CA TRP B 77 -18.85 -5.81 -35.75
C TRP B 77 -18.15 -6.24 -37.02
N THR B 78 -18.79 -5.99 -38.17
CA THR B 78 -18.23 -6.32 -39.47
C THR B 78 -19.00 -5.51 -40.50
N LYS B 79 -18.27 -5.04 -41.52
CA LYS B 79 -18.81 -4.16 -42.56
C LYS B 79 -19.57 -2.97 -41.96
N GLY B 80 -18.92 -2.24 -41.05
CA GLY B 80 -19.49 -1.03 -40.43
C GLY B 80 -20.80 -1.15 -39.67
N LYS B 81 -21.15 -2.37 -39.26
CA LYS B 81 -22.46 -2.64 -38.67
C LYS B 81 -22.33 -3.63 -37.51
N LEU B 82 -23.05 -3.38 -36.42
CA LEU B 82 -23.01 -4.27 -35.25
C LEU B 82 -24.15 -5.27 -35.26
N HIS B 83 -23.80 -6.56 -35.26
CA HIS B 83 -24.79 -7.63 -35.31
C HIS B 83 -24.85 -8.37 -33.99
N GLY B 84 -26.02 -8.91 -33.65
CA GLY B 84 -26.17 -9.66 -32.41
C GLY B 84 -26.62 -11.09 -32.66
N LEU B 85 -25.90 -12.05 -32.09
CA LEU B 85 -26.26 -13.46 -32.22
C LEU B 85 -26.70 -14.03 -30.90
N ASN B 86 -27.90 -14.60 -30.88
CA ASN B 86 -28.47 -15.21 -29.69
C ASN B 86 -28.42 -16.71 -29.85
N GLY B 87 -27.32 -17.29 -29.43
CA GLY B 87 -27.18 -18.74 -29.45
C GLY B 87 -27.69 -19.39 -28.18
N SER B 88 -28.71 -18.81 -27.57
CA SER B 88 -29.30 -19.41 -26.38
C SER B 88 -30.41 -20.36 -26.79
N GLY B 89 -30.28 -21.62 -26.37
CA GLY B 89 -31.28 -22.63 -26.69
C GLY B 89 -32.46 -22.63 -25.75
N ARG B 90 -33.61 -23.11 -26.24
CA ARG B 90 -34.81 -23.12 -25.42
C ARG B 90 -35.01 -24.40 -24.61
N ALA B 91 -36.01 -24.38 -23.74
CA ALA B 91 -36.31 -25.50 -22.87
C ALA B 91 -36.92 -26.64 -23.67
N PRO B 92 -36.68 -27.89 -23.23
CA PRO B 92 -37.33 -29.02 -23.88
C PRO B 92 -38.84 -28.85 -23.94
N MET B 93 -39.44 -29.38 -25.00
CA MET B 93 -40.87 -29.24 -25.24
C MET B 93 -41.71 -30.06 -24.25
N SER B 94 -41.10 -31.05 -23.61
CA SER B 94 -41.78 -31.85 -22.59
C SER B 94 -41.57 -31.31 -21.18
N LEU B 95 -40.76 -30.27 -21.05
CA LEU B 95 -40.44 -29.70 -19.74
C LEU B 95 -41.44 -28.63 -19.37
N THR B 96 -42.42 -29.02 -18.55
CA THR B 96 -43.45 -28.09 -18.10
C THR B 96 -43.34 -27.86 -16.60
N MET B 97 -43.98 -26.80 -16.13
CA MET B 97 -43.99 -26.43 -14.72
C MET B 97 -44.65 -27.48 -13.84
N GLU B 98 -45.75 -28.06 -14.31
CA GLU B 98 -46.48 -29.06 -13.55
C GLU B 98 -45.87 -30.46 -13.63
N ALA B 99 -45.02 -30.70 -14.63
CA ALA B 99 -44.33 -31.98 -14.74
C ALA B 99 -43.20 -32.05 -13.73
N VAL B 100 -42.56 -30.92 -13.47
CA VAL B 100 -41.50 -30.83 -12.47
C VAL B 100 -42.09 -30.60 -11.06
N LYS B 101 -43.25 -29.96 -11.00
CA LYS B 101 -43.99 -29.82 -9.75
C LYS B 101 -44.37 -31.18 -9.18
N ALA B 102 -44.76 -32.10 -10.06
CA ALA B 102 -45.18 -33.44 -9.66
C ALA B 102 -44.02 -34.37 -9.32
N LYS B 103 -42.79 -33.87 -9.44
CA LYS B 103 -41.62 -34.69 -9.22
C LYS B 103 -40.90 -34.35 -7.92
N GLY B 104 -41.46 -33.40 -7.17
CA GLY B 104 -40.93 -33.04 -5.85
C GLY B 104 -40.51 -31.58 -5.72
N TYR B 105 -39.92 -31.04 -6.77
CA TYR B 105 -39.40 -29.68 -6.76
C TYR B 105 -40.49 -28.68 -7.12
N GLU B 106 -40.64 -27.63 -6.31
CA GLU B 106 -41.62 -26.58 -6.61
C GLU B 106 -41.10 -25.17 -6.32
N GLN B 107 -39.98 -25.09 -5.61
CA GLN B 107 -39.34 -23.80 -5.38
C GLN B 107 -38.50 -23.42 -6.60
N GLU B 108 -37.45 -24.20 -6.85
CA GLU B 108 -36.62 -24.07 -8.05
C GLU B 108 -36.21 -25.47 -8.50
N LEU B 109 -35.99 -25.65 -9.79
CA LEU B 109 -35.61 -26.98 -10.31
C LEU B 109 -34.14 -27.29 -10.00
N PRO B 110 -33.77 -28.59 -9.96
CA PRO B 110 -32.50 -28.98 -9.36
C PRO B 110 -31.30 -28.47 -10.18
N PRO B 111 -30.17 -28.18 -9.50
CA PRO B 111 -29.02 -27.68 -10.21
C PRO B 111 -28.37 -28.70 -11.15
N TYR B 112 -28.53 -29.99 -10.83
CA TYR B 112 -27.82 -31.04 -11.56
C TYR B 112 -28.74 -32.15 -12.06
N GLY B 113 -28.24 -32.93 -13.00
CA GLY B 113 -29.02 -33.99 -13.60
C GLY B 113 -29.63 -33.62 -14.94
N VAL B 114 -30.56 -34.45 -15.40
CA VAL B 114 -31.14 -34.30 -16.74
C VAL B 114 -32.21 -33.22 -16.81
N ILE B 115 -32.69 -32.80 -15.64
CA ILE B 115 -33.82 -31.88 -15.53
C ILE B 115 -33.53 -30.44 -15.96
N PRO B 116 -32.44 -29.81 -15.48
CA PRO B 116 -32.20 -28.42 -15.87
C PRO B 116 -31.55 -28.21 -17.25
N VAL B 117 -31.37 -29.26 -18.03
CA VAL B 117 -30.71 -29.15 -19.33
C VAL B 117 -31.61 -28.53 -20.39
N THR B 118 -31.15 -27.45 -20.98
CA THR B 118 -31.82 -26.86 -22.14
C THR B 118 -30.98 -27.15 -23.38
N VAL B 119 -31.57 -27.03 -24.57
CA VAL B 119 -30.81 -27.30 -25.80
C VAL B 119 -29.53 -26.45 -25.91
N PRO B 120 -28.38 -27.11 -26.02
CA PRO B 120 -27.11 -26.41 -26.18
C PRO B 120 -27.08 -25.64 -27.49
N GLY B 121 -26.96 -24.32 -27.41
CA GLY B 121 -27.00 -23.47 -28.58
C GLY B 121 -25.66 -23.05 -29.17
N ALA B 122 -24.57 -23.39 -28.48
CA ALA B 122 -23.22 -22.94 -28.89
C ALA B 122 -22.68 -23.52 -30.20
N PRO B 123 -22.82 -24.85 -30.41
CA PRO B 123 -22.35 -25.41 -31.67
C PRO B 123 -23.00 -24.79 -32.92
N GLY B 124 -24.31 -24.61 -32.88
CA GLY B 124 -25.01 -23.93 -33.97
C GLY B 124 -24.59 -22.48 -34.12
N ALA B 125 -24.25 -21.85 -33.00
CA ALA B 125 -23.78 -20.48 -33.02
C ALA B 125 -22.42 -20.40 -33.68
N TRP B 126 -21.59 -21.42 -33.51
CA TRP B 126 -20.29 -21.47 -34.18
C TRP B 126 -20.48 -21.51 -35.69
N ALA B 127 -21.35 -22.40 -36.14
CA ALA B 127 -21.62 -22.65 -37.55
C ALA B 127 -22.20 -21.43 -38.28
N GLU B 128 -23.19 -20.78 -37.65
CA GLU B 128 -23.86 -19.64 -38.24
C GLU B 128 -22.96 -18.43 -38.32
N LEU B 129 -22.05 -18.34 -37.35
CA LEU B 129 -21.08 -17.26 -37.30
C LEU B 129 -20.08 -17.44 -38.43
N ALA B 130 -19.67 -18.69 -38.66
CA ALA B 130 -18.73 -19.01 -39.73
C ALA B 130 -19.37 -18.76 -41.09
N LYS B 131 -20.52 -19.40 -41.31
CA LYS B 131 -21.27 -19.27 -42.57
C LYS B 131 -21.49 -17.81 -42.94
N MET B 132 -21.92 -17.00 -41.97
CA MET B 132 -22.32 -15.65 -42.29
C MET B 132 -21.17 -14.67 -42.43
N TYR B 133 -20.21 -14.72 -41.52
CA TYR B 133 -19.20 -13.64 -41.50
C TYR B 133 -17.74 -14.07 -41.50
N GLY B 134 -17.49 -15.40 -41.47
CA GLY B 134 -16.13 -15.93 -41.46
C GLY B 134 -15.57 -16.19 -42.85
N ASN B 135 -14.24 -16.30 -42.95
CA ASN B 135 -13.57 -16.63 -44.20
C ASN B 135 -13.28 -18.13 -44.38
N LEU B 136 -13.10 -18.82 -43.27
CA LEU B 136 -12.68 -20.22 -43.30
C LEU B 136 -13.85 -21.16 -43.03
N PRO B 137 -13.80 -22.38 -43.60
CA PRO B 137 -14.80 -23.38 -43.22
C PRO B 137 -14.64 -23.76 -41.77
N LEU B 138 -15.71 -24.28 -41.17
CA LEU B 138 -15.74 -24.62 -39.75
C LEU B 138 -14.62 -25.58 -39.35
N ALA B 139 -14.25 -26.47 -40.29
CA ALA B 139 -13.21 -27.46 -40.05
C ALA B 139 -11.82 -26.85 -39.89
N ALA B 140 -11.56 -25.73 -40.56
CA ALA B 140 -10.29 -25.01 -40.42
C ALA B 140 -10.20 -24.35 -39.06
N SER B 141 -11.25 -23.61 -38.74
CA SER B 141 -11.24 -22.78 -37.56
C SER B 141 -11.32 -23.59 -36.28
N LEU B 142 -11.92 -24.77 -36.33
CA LEU B 142 -11.90 -25.58 -35.11
C LEU B 142 -10.90 -26.76 -35.07
N ALA B 143 -9.89 -26.70 -35.93
CA ALA B 143 -8.81 -27.68 -35.94
C ALA B 143 -7.87 -27.66 -34.74
N PRO B 144 -7.45 -26.46 -34.28
CA PRO B 144 -6.58 -26.43 -33.10
C PRO B 144 -7.25 -27.04 -31.90
N ALA B 145 -8.56 -26.77 -31.77
CA ALA B 145 -9.35 -27.30 -30.68
C ALA B 145 -9.32 -28.84 -30.70
N ILE B 146 -9.43 -29.40 -31.91
CA ILE B 146 -9.35 -30.84 -32.11
C ILE B 146 -7.95 -31.38 -31.77
N ARG B 147 -6.93 -30.67 -32.23
CA ARG B 147 -5.56 -31.00 -31.92
C ARG B 147 -5.38 -31.07 -30.40
N TYR B 148 -5.84 -30.05 -29.67
CA TYR B 148 -5.69 -30.01 -28.20
C TYR B 148 -6.39 -31.15 -27.50
N ALA B 149 -7.56 -31.54 -28.03
CA ALA B 149 -8.34 -32.63 -27.44
C ALA B 149 -7.67 -33.99 -27.62
N GLU B 150 -7.09 -34.24 -28.79
CA GLU B 150 -6.41 -35.51 -29.08
C GLU B 150 -5.05 -35.65 -28.40
N GLU B 151 -4.25 -34.58 -28.46
CA GLU B 151 -2.88 -34.60 -27.95
C GLU B 151 -2.77 -34.30 -26.46
N GLY B 152 -3.70 -33.50 -25.94
CA GLY B 152 -3.73 -33.19 -24.51
C GLY B 152 -2.91 -31.97 -24.13
N TYR B 153 -3.16 -31.46 -22.93
CA TYR B 153 -2.51 -30.25 -22.43
C TYR B 153 -2.22 -30.34 -20.93
N PRO B 154 -1.13 -29.71 -20.47
CA PRO B 154 -0.84 -29.64 -19.05
C PRO B 154 -1.75 -28.66 -18.32
N VAL B 155 -2.25 -29.11 -17.16
CA VAL B 155 -3.23 -28.37 -16.38
C VAL B 155 -2.57 -27.34 -15.47
N THR B 156 -2.95 -26.08 -15.65
CA THR B 156 -2.42 -24.98 -14.85
C THR B 156 -3.03 -25.01 -13.44
N PRO B 157 -2.32 -24.49 -12.43
CA PRO B 157 -2.77 -24.46 -11.02
C PRO B 157 -4.16 -23.90 -10.77
N THR B 158 -4.55 -22.85 -11.50
CA THR B 158 -5.87 -22.24 -11.31
C THR B 158 -6.97 -23.16 -11.82
N LEU B 159 -6.78 -23.70 -13.03
CA LEU B 159 -7.69 -24.70 -13.59
C LEU B 159 -7.78 -25.93 -12.68
N ALA B 160 -6.64 -26.35 -12.14
CA ALA B 160 -6.57 -27.52 -11.27
C ALA B 160 -7.44 -27.38 -10.02
N LYS B 161 -7.42 -26.18 -9.42
CA LYS B 161 -8.19 -25.88 -8.21
C LYS B 161 -9.68 -26.11 -8.42
N TYR B 162 -10.25 -25.50 -9.46
CA TYR B 162 -11.69 -25.57 -9.75
C TYR B 162 -12.10 -26.96 -10.21
N TRP B 163 -11.19 -27.66 -10.89
CA TRP B 163 -11.39 -29.04 -11.33
C TRP B 163 -11.43 -29.98 -10.12
N LYS B 164 -10.56 -29.72 -9.15
CA LYS B 164 -10.53 -30.50 -7.90
C LYS B 164 -11.73 -30.20 -7.02
N ALA B 165 -12.14 -28.94 -7.01
CA ALA B 165 -13.32 -28.52 -6.25
C ALA B 165 -14.58 -29.17 -6.80
N ALA B 166 -14.67 -29.25 -8.12
CA ALA B 166 -15.81 -29.87 -8.80
C ALA B 166 -15.81 -31.38 -8.63
N TYR B 167 -14.64 -31.97 -8.42
CA TYR B 167 -14.56 -33.40 -8.17
C TYR B 167 -14.92 -33.71 -6.71
N ASP B 168 -14.24 -33.06 -5.77
CA ASP B 168 -14.39 -33.34 -4.34
C ASP B 168 -15.81 -33.14 -3.82
N ARG B 169 -16.46 -32.06 -4.27
CA ARG B 169 -17.84 -31.79 -3.86
C ARG B 169 -18.79 -32.81 -4.48
N VAL B 170 -18.43 -33.26 -5.67
CA VAL B 170 -19.34 -33.98 -6.55
C VAL B 170 -19.15 -35.52 -6.53
N LYS B 171 -17.99 -35.97 -6.10
CA LYS B 171 -17.74 -37.39 -5.81
C LYS B 171 -18.78 -37.95 -4.85
N THR B 172 -19.16 -37.16 -3.85
CA THR B 172 -20.16 -37.56 -2.86
C THR B 172 -21.61 -37.27 -3.30
N GLU B 173 -21.81 -36.16 -4.02
CA GLU B 173 -23.16 -35.72 -4.41
C GLU B 173 -23.70 -36.41 -5.66
N TRP B 174 -22.82 -36.83 -6.56
CA TRP B 174 -23.24 -37.46 -7.79
C TRP B 174 -22.99 -38.97 -7.78
N THR B 175 -23.89 -39.70 -7.13
CA THR B 175 -23.85 -41.16 -7.15
C THR B 175 -25.06 -41.67 -7.91
N ASP B 176 -24.97 -41.62 -9.23
CA ASP B 176 -26.06 -42.04 -10.11
C ASP B 176 -25.44 -42.50 -11.41
N ASP B 177 -26.23 -43.17 -12.24
CA ASP B 177 -25.77 -43.64 -13.53
C ASP B 177 -25.46 -42.50 -14.50
N VAL B 178 -26.27 -41.45 -14.44
CA VAL B 178 -26.15 -40.30 -15.33
C VAL B 178 -24.80 -39.62 -15.26
N TYR B 179 -24.24 -39.58 -14.06
CA TYR B 179 -23.04 -38.81 -13.84
C TYR B 179 -21.76 -39.59 -14.14
N GLN B 180 -21.88 -40.89 -14.40
CA GLN B 180 -20.72 -41.73 -14.66
C GLN B 180 -19.83 -41.29 -15.84
N PRO B 181 -20.44 -40.93 -16.99
CA PRO B 181 -19.58 -40.47 -18.07
C PRO B 181 -18.81 -39.18 -17.76
N TRP B 182 -19.32 -38.37 -16.84
CA TRP B 182 -18.57 -37.20 -16.35
C TRP B 182 -17.27 -37.64 -15.69
N PHE B 183 -17.37 -38.64 -14.83
CA PHE B 183 -16.21 -39.17 -14.16
C PHE B 183 -15.27 -39.88 -15.13
N ASP B 184 -15.82 -40.47 -16.19
CA ASP B 184 -15.00 -41.14 -17.18
C ASP B 184 -14.25 -40.13 -18.03
N THR B 185 -14.90 -39.02 -18.34
CA THR B 185 -14.33 -37.98 -19.19
C THR B 185 -13.38 -37.08 -18.42
N PHE B 186 -13.88 -36.49 -17.34
CA PHE B 186 -13.15 -35.44 -16.65
C PHE B 186 -12.33 -35.90 -15.45
N ALA B 187 -12.60 -37.11 -14.95
CA ALA B 187 -11.79 -37.66 -13.89
C ALA B 187 -11.32 -39.07 -14.22
N PRO B 188 -10.52 -39.23 -15.30
CA PRO B 188 -10.26 -40.58 -15.81
C PRO B 188 -9.34 -41.41 -14.93
N LYS B 189 -8.51 -40.76 -14.12
CA LYS B 189 -7.61 -41.46 -13.21
C LYS B 189 -8.23 -41.68 -11.82
N GLY B 190 -9.54 -41.45 -11.70
CA GLY B 190 -10.23 -41.59 -10.42
C GLY B 190 -10.00 -40.40 -9.52
N ARG B 191 -9.50 -39.31 -10.10
CA ARG B 191 -9.25 -38.06 -9.40
C ARG B 191 -9.21 -36.91 -10.41
N ALA B 192 -9.32 -35.67 -9.93
CA ALA B 192 -9.15 -34.51 -10.81
C ALA B 192 -7.67 -34.35 -11.13
N PRO B 193 -7.35 -33.99 -12.39
CA PRO B 193 -5.97 -33.84 -12.83
C PRO B 193 -5.15 -32.91 -11.92
N ARG B 194 -3.91 -33.29 -11.65
CA ARG B 194 -3.02 -32.49 -10.83
C ARG B 194 -2.34 -31.42 -11.67
N VAL B 195 -1.65 -30.50 -10.99
CA VAL B 195 -0.87 -29.47 -11.66
C VAL B 195 0.21 -30.12 -12.54
N GLY B 196 0.26 -29.74 -13.81
CA GLY B 196 1.28 -30.24 -14.72
C GLY B 196 0.95 -31.56 -15.38
N GLU B 197 -0.07 -32.24 -14.86
CA GLU B 197 -0.54 -33.48 -15.46
C GLU B 197 -1.29 -33.19 -16.76
N VAL B 198 -1.08 -34.06 -17.76
CA VAL B 198 -1.73 -33.90 -19.05
C VAL B 198 -3.11 -34.53 -19.03
N TRP B 199 -4.11 -33.80 -19.52
CA TRP B 199 -5.46 -34.33 -19.69
C TRP B 199 -5.83 -34.25 -21.15
N ARG B 200 -6.49 -35.29 -21.64
CA ARG B 200 -6.93 -35.34 -23.02
C ARG B 200 -8.34 -35.93 -23.07
N SER B 201 -8.98 -35.82 -24.21
CA SER B 201 -10.33 -36.35 -24.38
C SER B 201 -10.58 -36.70 -25.85
N GLN B 202 -10.46 -37.98 -26.18
CA GLN B 202 -10.76 -38.43 -27.53
C GLN B 202 -12.20 -38.10 -27.87
N GLY B 203 -13.07 -38.21 -26.85
CA GLY B 203 -14.47 -37.83 -26.98
C GLY B 203 -14.63 -36.45 -27.58
N HIS B 204 -14.00 -35.47 -26.94
CA HIS B 204 -14.07 -34.07 -27.36
C HIS B 204 -13.60 -33.91 -28.81
N ALA B 205 -12.52 -34.58 -29.14
CA ALA B 205 -11.95 -34.54 -30.50
C ALA B 205 -12.92 -35.06 -31.56
N ASP B 206 -13.47 -36.24 -31.30
CA ASP B 206 -14.40 -36.90 -32.22
C ASP B 206 -15.59 -36.00 -32.54
N THR B 207 -16.24 -35.47 -31.50
CA THR B 207 -17.44 -34.67 -31.67
C THR B 207 -17.16 -33.32 -32.33
N LEU B 208 -16.05 -32.69 -31.97
CA LEU B 208 -15.66 -31.44 -32.60
C LEU B 208 -15.39 -31.66 -34.08
N ARG B 209 -14.74 -32.76 -34.41
CA ARG B 209 -14.56 -33.19 -35.79
C ARG B 209 -15.91 -33.46 -36.46
N SER B 210 -16.84 -34.04 -35.71
CA SER B 210 -18.15 -34.35 -36.25
C SER B 210 -18.97 -33.10 -36.61
N ILE B 211 -18.88 -32.06 -35.79
CA ILE B 211 -19.58 -30.80 -36.10
C ILE B 211 -18.81 -29.96 -37.11
N ALA B 212 -17.50 -30.21 -37.21
CA ALA B 212 -16.65 -29.52 -38.19
C ALA B 212 -17.05 -29.92 -39.60
N GLU B 213 -17.25 -31.22 -39.79
CA GLU B 213 -17.51 -31.79 -41.11
C GLU B 213 -18.99 -31.74 -41.49
N SER B 214 -19.85 -31.34 -40.56
CA SER B 214 -21.28 -31.29 -40.84
C SER B 214 -21.84 -29.89 -40.75
N ASN B 215 -20.98 -28.90 -40.47
CA ASN B 215 -21.40 -27.54 -40.14
C ASN B 215 -22.41 -27.45 -38.98
N GLY B 216 -22.13 -28.22 -37.92
CA GLY B 216 -22.98 -28.22 -36.74
C GLY B 216 -24.26 -29.02 -36.89
N GLU B 217 -24.47 -29.58 -38.09
CA GLU B 217 -25.69 -30.35 -38.39
C GLU B 217 -25.78 -31.65 -37.60
N SER B 218 -24.64 -32.29 -37.38
CA SER B 218 -24.57 -33.53 -36.63
C SER B 218 -25.09 -33.39 -35.21
N PHE B 219 -24.82 -32.24 -34.60
CA PHE B 219 -25.18 -31.97 -33.22
C PHE B 219 -26.69 -31.87 -33.01
N TYR B 220 -27.38 -31.22 -33.95
CA TYR B 220 -28.80 -30.90 -33.79
C TYR B 220 -29.76 -31.83 -34.52
N ARG B 221 -29.40 -32.22 -35.74
CA ARG B 221 -30.28 -33.05 -36.53
C ARG B 221 -29.50 -34.14 -37.26
N GLY B 222 -28.52 -34.70 -36.56
CA GLY B 222 -27.66 -35.72 -37.13
C GLY B 222 -27.36 -36.83 -36.15
N GLU B 223 -26.16 -37.38 -36.26
CA GLU B 223 -25.76 -38.55 -35.50
C GLU B 223 -25.55 -38.25 -34.02
N LEU B 224 -24.95 -37.10 -33.72
CA LEU B 224 -24.73 -36.68 -32.35
C LEU B 224 -26.06 -36.41 -31.67
N ALA B 225 -26.98 -35.79 -32.41
CA ALA B 225 -28.33 -35.57 -31.90
C ALA B 225 -29.00 -36.86 -31.44
N ASP B 226 -28.75 -37.95 -32.15
CA ASP B 226 -29.34 -39.24 -31.79
C ASP B 226 -28.71 -39.77 -30.51
N GLN B 227 -27.39 -39.61 -30.38
CA GLN B 227 -26.65 -40.04 -29.20
C GLN B 227 -27.09 -39.28 -27.95
N ILE B 228 -27.30 -37.97 -28.12
CA ILE B 228 -27.78 -37.10 -27.06
C ILE B 228 -29.18 -37.52 -26.65
N HIS B 229 -30.05 -37.70 -27.65
CA HIS B 229 -31.44 -38.11 -27.43
C HIS B 229 -31.53 -39.43 -26.67
N ALA B 230 -30.72 -40.40 -27.10
CA ALA B 230 -30.75 -41.74 -26.53
C ALA B 230 -30.35 -41.79 -25.05
N PHE B 231 -29.31 -41.06 -24.68
CA PHE B 231 -28.84 -41.05 -23.30
C PHE B 231 -29.84 -40.37 -22.36
N PHE B 232 -30.50 -39.32 -22.84
CA PHE B 232 -31.50 -38.60 -22.05
C PHE B 232 -32.76 -39.44 -21.85
N ASP B 233 -33.18 -40.12 -22.91
CA ASP B 233 -34.34 -41.00 -22.88
C ASP B 233 -34.12 -42.17 -21.93
N LYS B 234 -32.88 -42.64 -21.85
CA LYS B 234 -32.52 -43.75 -20.99
C LYS B 234 -32.57 -43.34 -19.51
N HIS B 235 -32.46 -42.05 -19.23
CA HIS B 235 -32.37 -41.56 -17.86
C HIS B 235 -33.49 -40.60 -17.44
N GLY B 236 -34.61 -40.66 -18.15
CA GLY B 236 -35.79 -39.87 -17.80
C GLY B 236 -35.60 -38.37 -17.99
N GLY B 237 -34.87 -38.00 -19.03
CA GLY B 237 -34.67 -36.60 -19.38
C GLY B 237 -35.76 -36.06 -20.27
N TYR B 238 -35.78 -34.74 -20.47
CA TYR B 238 -36.85 -34.11 -21.25
C TYR B 238 -36.38 -33.70 -22.65
N LEU B 239 -35.07 -33.81 -22.85
CA LEU B 239 -34.42 -33.40 -24.08
C LEU B 239 -34.57 -34.45 -25.19
N THR B 240 -35.21 -34.05 -26.30
CA THR B 240 -35.45 -34.97 -27.42
C THR B 240 -34.69 -34.57 -28.69
N LYS B 241 -34.72 -35.45 -29.69
CA LYS B 241 -34.19 -35.17 -31.03
C LYS B 241 -34.81 -33.91 -31.58
N GLU B 242 -36.14 -33.86 -31.52
CA GLU B 242 -36.92 -32.78 -32.12
C GLU B 242 -36.66 -31.42 -31.47
N ASP B 243 -36.36 -31.43 -30.17
CA ASP B 243 -35.92 -30.22 -29.46
C ASP B 243 -34.64 -29.70 -30.11
N LEU B 244 -33.68 -30.60 -30.30
CA LEU B 244 -32.42 -30.24 -30.93
C LEU B 244 -32.64 -29.86 -32.40
N ALA B 245 -33.43 -30.67 -33.10
CA ALA B 245 -33.65 -30.54 -34.54
C ALA B 245 -34.10 -29.15 -34.99
N CYS B 246 -35.01 -28.51 -34.26
CA CYS B 246 -35.46 -27.18 -34.68
C CYS B 246 -34.87 -26.03 -33.90
N TYR B 247 -33.70 -26.24 -33.30
CA TYR B 247 -32.93 -25.14 -32.78
C TYR B 247 -32.18 -24.44 -33.90
N ARG B 248 -32.19 -23.13 -33.89
CA ARG B 248 -31.37 -22.40 -34.76
C ARG B 248 -30.97 -21.16 -34.02
N PRO B 249 -29.75 -20.75 -34.22
CA PRO B 249 -29.29 -19.50 -33.61
C PRO B 249 -29.99 -18.30 -34.21
N GLU B 250 -30.41 -17.36 -33.35
CA GLU B 250 -31.23 -16.24 -33.79
C GLU B 250 -30.47 -14.93 -33.85
N TRP B 251 -30.36 -14.37 -35.06
CA TRP B 251 -29.81 -13.03 -35.27
C TRP B 251 -30.79 -12.05 -34.68
N VAL B 252 -30.34 -11.34 -33.66
CA VAL B 252 -31.22 -10.49 -32.89
C VAL B 252 -30.62 -9.08 -32.89
N GLU B 253 -31.48 -8.08 -32.70
CA GLU B 253 -31.06 -6.67 -32.83
C GLU B 253 -30.52 -6.13 -31.51
N PRO B 254 -29.20 -5.84 -31.46
CA PRO B 254 -28.56 -5.29 -30.25
C PRO B 254 -29.17 -3.97 -29.76
N ILE B 255 -29.19 -3.82 -28.44
CA ILE B 255 -29.75 -2.65 -27.78
C ILE B 255 -28.67 -1.78 -27.12
N SER B 256 -28.93 -0.48 -27.01
CA SER B 256 -27.91 0.44 -26.49
C SER B 256 -28.44 1.62 -25.70
N ILE B 257 -27.50 2.38 -25.16
CA ILE B 257 -27.73 3.54 -24.34
C ILE B 257 -26.65 4.55 -24.73
N ASP B 258 -27.01 5.82 -24.90
CA ASP B 258 -25.99 6.85 -25.03
C ASP B 258 -25.45 7.09 -23.63
N TYR B 259 -24.19 6.73 -23.42
CA TYR B 259 -23.53 7.07 -22.16
C TYR B 259 -22.39 8.06 -22.39
N ARG B 260 -22.70 9.34 -22.19
CA ARG B 260 -21.75 10.47 -22.31
C ARG B 260 -21.07 10.54 -23.65
N GLY B 261 -21.87 10.34 -24.70
CA GLY B 261 -21.40 10.41 -26.08
C GLY B 261 -21.21 9.04 -26.70
N TYR B 262 -20.80 8.08 -25.88
CA TYR B 262 -20.53 6.73 -26.34
C TYR B 262 -21.84 5.97 -26.36
N ARG B 263 -21.87 4.82 -27.04
CA ARG B 263 -23.01 3.93 -26.98
C ARG B 263 -22.57 2.56 -26.47
N VAL B 264 -23.20 2.14 -25.38
CA VAL B 264 -22.88 0.88 -24.75
C VAL B 264 -23.87 -0.15 -25.24
N TRP B 265 -23.37 -1.23 -25.85
CA TRP B 265 -24.22 -2.24 -26.49
C TRP B 265 -24.31 -3.54 -25.70
N GLU B 266 -25.51 -4.13 -25.70
CA GLU B 266 -25.74 -5.47 -25.16
C GLU B 266 -26.69 -6.24 -26.06
N ILE B 267 -26.69 -7.55 -25.93
CA ILE B 267 -27.71 -8.41 -26.52
C ILE B 267 -29.02 -8.08 -25.81
N PRO B 268 -30.14 -7.99 -26.57
CA PRO B 268 -31.46 -7.79 -25.98
C PRO B 268 -31.92 -8.95 -25.08
N PRO B 269 -33.00 -8.74 -24.30
CA PRO B 269 -33.61 -9.74 -23.46
C PRO B 269 -33.74 -11.13 -24.04
N ASN B 270 -34.02 -12.04 -23.13
CA ASN B 270 -33.43 -13.38 -23.06
C ASN B 270 -32.13 -13.15 -22.22
N GLY B 271 -31.18 -12.40 -22.78
CA GLY B 271 -29.96 -12.03 -22.06
C GLY B 271 -30.16 -10.89 -21.07
N GLN B 272 -29.30 -10.82 -20.04
CA GLN B 272 -29.48 -9.88 -18.94
C GLN B 272 -28.73 -8.56 -19.07
N GLY B 273 -28.18 -8.29 -20.26
CA GLY B 273 -27.41 -7.06 -20.53
C GLY B 273 -28.18 -5.78 -20.29
N LEU B 274 -29.51 -5.91 -20.36
CA LEU B 274 -30.45 -4.86 -20.04
C LEU B 274 -30.07 -4.16 -18.74
N VAL B 275 -29.76 -4.95 -17.72
CA VAL B 275 -29.44 -4.47 -16.38
C VAL B 275 -28.31 -3.44 -16.38
N ALA B 276 -27.22 -3.76 -17.06
CA ALA B 276 -26.08 -2.86 -17.18
C ALA B 276 -26.52 -1.56 -17.85
N LEU B 277 -27.27 -1.69 -18.95
CA LEU B 277 -27.80 -0.54 -19.67
C LEU B 277 -28.67 0.37 -18.79
N GLU B 278 -29.65 -0.22 -18.11
CA GLU B 278 -30.52 0.53 -17.22
C GLU B 278 -29.74 1.22 -16.09
N ALA B 279 -28.80 0.50 -15.48
CA ALA B 279 -27.97 1.04 -14.40
C ALA B 279 -27.16 2.26 -14.86
N LEU B 280 -26.47 2.13 -16.00
CA LEU B 280 -25.77 3.24 -16.64
C LEU B 280 -26.70 4.41 -16.90
N ASN B 281 -27.94 4.10 -17.26
CA ASN B 281 -28.92 5.12 -17.59
C ASN B 281 -29.40 5.88 -16.35
N ILE B 282 -29.52 5.16 -15.23
CA ILE B 282 -29.87 5.80 -13.96
C ILE B 282 -28.72 6.65 -13.48
N VAL B 283 -27.51 6.11 -13.58
CA VAL B 283 -26.32 6.78 -13.06
C VAL B 283 -25.89 7.98 -13.96
N LYS B 284 -26.32 7.93 -15.23
CA LYS B 284 -26.09 8.97 -16.23
C LYS B 284 -26.37 10.38 -15.76
N GLY B 285 -27.37 10.51 -14.88
CA GLY B 285 -27.87 11.81 -14.44
C GLY B 285 -26.96 12.52 -13.46
N PHE B 286 -26.10 11.75 -12.77
CA PHE B 286 -25.09 12.33 -11.88
C PHE B 286 -23.83 12.65 -12.63
N GLU B 287 -23.08 13.61 -12.12
CA GLU B 287 -21.72 13.86 -12.58
C GLU B 287 -20.76 13.19 -11.60
N PHE B 288 -19.52 12.95 -12.02
CA PHE B 288 -18.55 12.24 -11.18
C PHE B 288 -17.19 12.92 -11.03
N TYR B 289 -16.46 13.01 -12.14
CA TYR B 289 -15.13 13.63 -12.21
C TYR B 289 -13.98 12.73 -11.72
N HIS B 290 -14.07 12.19 -10.50
CA HIS B 290 -13.07 11.22 -10.06
C HIS B 290 -13.63 9.90 -9.52
N LYS B 291 -12.98 8.81 -9.93
CA LYS B 291 -13.40 7.44 -9.66
C LYS B 291 -13.39 7.04 -8.18
N ASP B 292 -12.28 7.31 -7.51
CA ASP B 292 -12.07 6.83 -6.14
C ASP B 292 -12.59 7.78 -5.07
N THR B 293 -13.89 8.01 -5.09
CA THR B 293 -14.56 8.74 -4.02
C THR B 293 -15.69 7.85 -3.50
N VAL B 294 -16.15 8.14 -2.30
CA VAL B 294 -17.29 7.42 -1.71
C VAL B 294 -18.55 7.71 -2.51
N ASP B 295 -18.71 8.97 -2.88
CA ASP B 295 -19.81 9.45 -3.72
C ASP B 295 -19.99 8.55 -4.94
N THR B 296 -18.89 8.36 -5.70
CA THR B 296 -18.89 7.62 -6.94
C THR B 296 -19.30 6.16 -6.77
N TYR B 297 -18.63 5.44 -5.88
CA TYR B 297 -19.00 4.05 -5.60
C TYR B 297 -20.44 3.93 -5.11
N HIS B 298 -20.90 4.89 -4.32
CA HIS B 298 -22.28 4.87 -3.82
C HIS B 298 -23.30 4.89 -4.96
N LYS B 299 -23.23 5.93 -5.78
CA LYS B 299 -24.14 6.09 -6.91
C LYS B 299 -24.10 4.90 -7.86
N GLN B 300 -22.88 4.38 -8.09
CA GLN B 300 -22.64 3.15 -8.84
C GLN B 300 -23.45 2.02 -8.23
N ILE B 301 -23.16 1.73 -6.98
CA ILE B 301 -23.77 0.63 -6.26
C ILE B 301 -25.30 0.74 -6.23
N GLU B 302 -25.83 1.92 -5.91
CA GLU B 302 -27.27 2.11 -5.80
C GLU B 302 -27.99 1.96 -7.12
N ALA B 303 -27.43 2.55 -8.18
CA ALA B 303 -28.04 2.46 -9.49
C ALA B 303 -28.05 1.01 -9.96
N MET B 304 -26.97 0.29 -9.66
CA MET B 304 -26.88 -1.10 -10.06
C MET B 304 -27.98 -1.86 -9.38
N LYS B 305 -28.17 -1.58 -8.08
CA LYS B 305 -29.19 -2.25 -7.28
C LYS B 305 -30.60 -2.10 -7.85
N LEU B 306 -30.97 -0.86 -8.16
CA LEU B 306 -32.28 -0.60 -8.75
C LEU B 306 -32.49 -1.38 -10.06
N ALA B 307 -31.49 -1.33 -10.93
CA ALA B 307 -31.57 -1.93 -12.26
C ALA B 307 -31.59 -3.44 -12.21
N PHE B 308 -30.97 -4.02 -11.18
CA PHE B 308 -30.84 -5.47 -11.10
C PHE B 308 -32.13 -6.12 -10.64
N VAL B 309 -32.84 -5.47 -9.73
CA VAL B 309 -34.13 -6.00 -9.30
C VAL B 309 -35.17 -5.85 -10.40
N ASP B 310 -35.05 -4.78 -11.18
CA ASP B 310 -35.83 -4.63 -12.40
C ASP B 310 -35.57 -5.76 -13.40
N GLY B 311 -34.31 -5.93 -13.80
CA GLY B 311 -33.93 -7.00 -14.71
C GLY B 311 -34.37 -8.39 -14.27
N MET B 312 -34.29 -8.66 -12.97
CA MET B 312 -34.65 -9.96 -12.43
C MET B 312 -36.16 -10.19 -12.40
N LYS B 313 -36.92 -9.10 -12.44
CA LYS B 313 -38.37 -9.17 -12.45
C LYS B 313 -38.89 -9.32 -13.89
N TYR B 314 -38.29 -8.59 -14.82
CA TYR B 314 -38.90 -8.40 -16.13
C TYR B 314 -38.22 -9.10 -17.29
N VAL B 315 -36.92 -9.35 -17.19
CA VAL B 315 -36.17 -9.91 -18.32
C VAL B 315 -36.33 -11.43 -18.45
N THR B 316 -36.78 -11.84 -19.63
CA THR B 316 -37.02 -13.24 -19.98
C THR B 316 -37.17 -13.29 -21.50
N GLU B 317 -37.62 -14.44 -22.04
CA GLU B 317 -38.03 -14.54 -23.43
C GLU B 317 -38.93 -13.36 -23.82
N PRO B 318 -38.52 -12.57 -24.83
CA PRO B 318 -39.24 -11.37 -25.28
C PRO B 318 -40.77 -11.47 -25.28
N SER B 319 -41.30 -12.58 -25.82
CA SER B 319 -42.74 -12.84 -25.87
C SER B 319 -43.40 -12.86 -24.49
N ASP B 320 -42.70 -13.40 -23.49
CA ASP B 320 -43.25 -13.55 -22.14
C ASP B 320 -42.90 -12.39 -21.21
N MET B 321 -42.30 -11.33 -21.76
CA MET B 321 -41.95 -10.14 -20.97
C MET B 321 -43.18 -9.25 -20.70
N SER B 322 -43.28 -8.76 -19.46
CA SER B 322 -44.45 -8.01 -19.01
C SER B 322 -44.40 -6.55 -19.45
N VAL B 323 -43.21 -5.95 -19.36
CA VAL B 323 -42.97 -4.59 -19.87
C VAL B 323 -42.02 -4.66 -21.05
N SER B 324 -41.81 -3.53 -21.72
CA SER B 324 -40.94 -3.51 -22.89
C SER B 324 -39.51 -3.08 -22.56
N VAL B 325 -38.60 -3.35 -23.50
CA VAL B 325 -37.21 -2.93 -23.40
C VAL B 325 -37.16 -1.41 -23.41
N GLU B 326 -37.97 -0.82 -24.28
CA GLU B 326 -37.98 0.63 -24.50
C GLU B 326 -38.45 1.39 -23.26
N GLN B 327 -39.29 0.74 -22.46
CA GLN B 327 -39.80 1.34 -21.24
C GLN B 327 -38.74 1.37 -20.16
N LEU B 328 -38.07 0.24 -19.95
CA LEU B 328 -37.00 0.13 -18.95
C LEU B 328 -35.81 1.04 -19.28
N LEU B 329 -35.61 1.29 -20.56
CA LEU B 329 -34.45 2.03 -21.03
C LEU B 329 -34.71 3.49 -21.32
N SER B 330 -35.91 3.97 -20.96
CA SER B 330 -36.31 5.35 -21.22
C SER B 330 -35.74 6.32 -20.20
N ASP B 331 -35.46 7.55 -20.63
CA ASP B 331 -34.84 8.58 -19.79
C ASP B 331 -35.71 8.99 -18.61
N GLU B 332 -37.03 8.97 -18.80
CA GLU B 332 -37.96 9.37 -17.73
C GLU B 332 -38.11 8.28 -16.67
N TYR B 333 -37.90 7.02 -17.07
CA TYR B 333 -37.92 5.93 -16.11
C TYR B 333 -36.61 5.88 -15.35
N ALA B 334 -35.53 6.22 -16.04
CA ALA B 334 -34.24 6.37 -15.37
C ALA B 334 -34.40 7.40 -14.25
N THR B 335 -34.91 8.58 -14.61
CA THR B 335 -35.16 9.68 -13.66
C THR B 335 -36.02 9.26 -12.48
N GLU B 336 -37.01 8.40 -12.74
CA GLU B 336 -37.90 7.87 -11.71
C GLU B 336 -37.19 7.02 -10.68
N ARG B 337 -36.27 6.18 -11.16
CA ARG B 337 -35.48 5.30 -10.31
C ARG B 337 -34.41 6.10 -9.57
N ARG B 338 -33.77 7.02 -10.27
CA ARG B 338 -32.71 7.87 -9.71
C ARG B 338 -33.20 8.73 -8.55
N LYS B 339 -34.49 9.04 -8.54
CA LYS B 339 -35.11 9.75 -7.42
C LYS B 339 -35.15 8.91 -6.14
N GLU B 340 -35.07 7.59 -6.27
CA GLU B 340 -35.04 6.74 -5.09
C GLU B 340 -33.66 6.63 -4.45
N ILE B 341 -32.62 7.05 -5.18
CA ILE B 341 -31.26 7.08 -4.63
C ILE B 341 -31.13 8.27 -3.68
N GLY B 342 -30.93 7.98 -2.40
CA GLY B 342 -30.73 9.03 -1.41
C GLY B 342 -29.29 9.09 -0.93
N GLU B 343 -29.12 9.41 0.35
CA GLU B 343 -27.81 9.41 0.97
C GLU B 343 -27.58 8.09 1.71
N GLN B 344 -28.65 7.49 2.20
CA GLN B 344 -28.56 6.19 2.86
C GLN B 344 -28.76 5.05 1.87
N ALA B 345 -28.15 3.90 2.16
CA ALA B 345 -28.21 2.74 1.30
C ALA B 345 -29.61 2.14 1.28
N LEU B 346 -30.24 2.15 0.12
CA LEU B 346 -31.62 1.71 -0.03
C LEU B 346 -31.75 0.18 -0.03
N THR B 347 -32.95 -0.28 0.28
CA THR B 347 -33.32 -1.67 0.08
C THR B 347 -33.96 -1.71 -1.31
N PRO B 348 -33.42 -2.53 -2.22
CA PRO B 348 -33.81 -2.44 -3.62
C PRO B 348 -35.13 -3.16 -3.96
N GLU B 349 -36.01 -2.44 -4.65
CA GLU B 349 -37.32 -2.96 -5.06
C GLU B 349 -37.56 -2.70 -6.56
N PRO B 350 -38.35 -3.58 -7.23
CA PRO B 350 -38.68 -3.38 -8.64
C PRO B 350 -39.54 -2.15 -8.91
N GLY B 351 -39.56 -1.69 -10.15
CA GLY B 351 -40.30 -0.50 -10.53
C GLY B 351 -41.52 -0.77 -11.37
N THR B 352 -41.69 0.03 -12.42
CA THR B 352 -42.90 0.04 -13.26
C THR B 352 -42.57 0.54 -14.69
N PRO B 353 -43.60 0.78 -15.54
CA PRO B 353 -43.36 1.61 -16.72
C PRO B 353 -42.97 3.04 -16.36
N THR B 358 -18.31 -19.90 -17.15
CA THR B 358 -18.37 -19.01 -18.30
C THR B 358 -16.97 -18.74 -18.87
N VAL B 359 -16.87 -18.63 -20.19
CA VAL B 359 -15.65 -18.10 -20.81
C VAL B 359 -15.91 -16.89 -21.69
N TYR B 360 -15.15 -15.83 -21.45
CA TYR B 360 -15.24 -14.66 -22.31
C TYR B 360 -13.99 -14.54 -23.20
N LEU B 361 -14.13 -13.80 -24.29
CA LEU B 361 -13.27 -13.89 -25.43
C LEU B 361 -13.47 -12.63 -26.25
N ALA B 362 -12.37 -11.99 -26.65
CA ALA B 362 -12.46 -10.82 -27.54
C ALA B 362 -11.44 -10.90 -28.65
N THR B 363 -11.88 -10.57 -29.87
CA THR B 363 -11.02 -10.58 -31.04
C THR B 363 -11.25 -9.33 -31.88
N ALA B 364 -10.19 -8.90 -32.56
CA ALA B 364 -10.23 -7.82 -33.55
C ALA B 364 -9.20 -8.13 -34.63
N ASP B 365 -9.40 -7.59 -35.84
CA ASP B 365 -8.39 -7.71 -36.93
C ASP B 365 -8.14 -6.36 -37.59
N GLY B 366 -7.27 -6.37 -38.60
CA GLY B 366 -6.88 -5.14 -39.29
C GLY B 366 -7.94 -4.58 -40.22
N ASP B 367 -8.85 -5.44 -40.68
CA ASP B 367 -9.92 -5.05 -41.61
C ASP B 367 -11.17 -4.51 -40.91
N GLY B 368 -11.06 -4.18 -39.63
CA GLY B 368 -12.15 -3.53 -38.89
C GLY B 368 -13.17 -4.48 -38.29
N ASN B 369 -12.93 -5.78 -38.40
CA ASN B 369 -13.80 -6.78 -37.78
C ASN B 369 -13.44 -6.96 -36.31
N MET B 370 -14.46 -7.10 -35.47
CA MET B 370 -14.28 -7.19 -34.04
C MET B 370 -15.39 -8.04 -33.48
N VAL B 371 -15.08 -8.90 -32.51
CA VAL B 371 -16.14 -9.69 -31.89
C VAL B 371 -16.04 -9.81 -30.38
N SER B 372 -17.21 -9.66 -29.73
CA SER B 372 -17.42 -9.96 -28.33
C SER B 372 -18.12 -11.31 -28.29
N PHE B 373 -17.44 -12.33 -27.78
CA PHE B 373 -18.01 -13.68 -27.75
C PHE B 373 -17.96 -14.27 -26.36
N ILE B 374 -19.02 -14.93 -25.97
CA ILE B 374 -19.11 -15.51 -24.64
C ILE B 374 -19.99 -16.76 -24.68
N GLN B 375 -19.56 -17.81 -23.97
CA GLN B 375 -20.32 -19.06 -23.84
C GLN B 375 -20.13 -19.74 -22.47
N SER B 376 -21.15 -20.50 -22.04
CA SER B 376 -21.17 -21.11 -20.70
C SER B 376 -22.09 -22.32 -20.56
N ASN B 377 -21.71 -23.21 -19.65
CA ASN B 377 -22.57 -24.31 -19.19
C ASN B 377 -23.34 -23.91 -17.95
N TYR B 378 -23.54 -22.59 -17.78
CA TYR B 378 -24.06 -22.00 -16.56
C TYR B 378 -23.22 -22.31 -15.31
N MET B 379 -23.53 -23.40 -14.60
CA MET B 379 -22.81 -23.71 -13.36
C MET B 379 -21.58 -24.61 -13.52
N GLY B 380 -20.44 -23.98 -13.80
CA GLY B 380 -19.20 -24.70 -13.92
C GLY B 380 -19.20 -25.69 -15.08
N PHE B 381 -19.09 -26.97 -14.75
CA PHE B 381 -19.18 -28.05 -15.71
C PHE B 381 -20.61 -28.21 -16.23
N GLY B 382 -21.56 -27.64 -15.51
CA GLY B 382 -22.95 -27.64 -15.93
C GLY B 382 -23.81 -28.61 -15.15
N SER B 383 -24.64 -29.34 -15.89
CA SER B 383 -25.59 -30.29 -15.33
C SER B 383 -24.93 -31.54 -14.77
N GLY B 384 -23.72 -31.83 -15.26
CA GLY B 384 -23.02 -33.04 -14.88
C GLY B 384 -23.37 -34.19 -15.80
N VAL B 385 -24.31 -33.94 -16.71
CA VAL B 385 -24.65 -34.89 -17.75
C VAL B 385 -23.64 -34.74 -18.87
N VAL B 386 -22.88 -35.81 -19.09
CA VAL B 386 -22.01 -35.88 -20.24
C VAL B 386 -22.49 -37.06 -21.09
N VAL B 387 -22.86 -36.79 -22.33
CA VAL B 387 -23.26 -37.84 -23.24
C VAL B 387 -22.03 -38.72 -23.46
N PRO B 388 -22.14 -40.03 -23.18
CA PRO B 388 -20.99 -40.93 -23.03
C PRO B 388 -20.11 -41.04 -24.26
N GLY B 389 -18.80 -41.01 -24.03
CA GLY B 389 -17.82 -41.15 -25.09
C GLY B 389 -17.74 -40.01 -26.09
N THR B 390 -18.48 -38.94 -25.85
CA THR B 390 -18.43 -37.80 -26.75
C THR B 390 -17.93 -36.49 -26.12
N GLY B 391 -17.77 -36.46 -24.80
CA GLY B 391 -17.31 -35.27 -24.10
C GLY B 391 -18.22 -34.05 -24.22
N ILE B 392 -19.50 -34.27 -24.48
CA ILE B 392 -20.45 -33.18 -24.52
C ILE B 392 -21.00 -33.03 -23.12
N ALA B 393 -20.41 -32.11 -22.36
CA ALA B 393 -20.88 -31.80 -21.03
C ALA B 393 -22.06 -30.87 -21.23
N MET B 394 -23.22 -31.29 -20.76
CA MET B 394 -24.44 -30.53 -21.00
C MET B 394 -24.58 -29.42 -19.98
N GLN B 395 -25.09 -28.28 -20.44
CA GLN B 395 -25.32 -27.13 -19.57
C GLN B 395 -26.48 -27.36 -18.60
N ASN B 396 -26.55 -26.55 -17.55
CA ASN B 396 -27.69 -26.60 -16.65
C ASN B 396 -28.46 -25.27 -16.62
N ARG B 397 -28.44 -24.56 -17.74
CA ARG B 397 -29.04 -23.24 -17.87
C ARG B 397 -30.48 -23.18 -17.38
N GLY B 398 -31.23 -24.26 -17.59
CA GLY B 398 -32.63 -24.35 -17.18
C GLY B 398 -32.91 -24.05 -15.72
N HIS B 399 -31.86 -24.14 -14.89
CA HIS B 399 -31.95 -23.84 -13.47
C HIS B 399 -32.38 -22.39 -13.23
N ASN B 400 -32.16 -21.53 -14.22
CA ASN B 400 -32.54 -20.12 -14.15
C ASN B 400 -34.03 -19.84 -14.23
N PHE B 401 -34.80 -20.84 -14.67
CA PHE B 401 -36.25 -20.70 -14.75
C PHE B 401 -36.87 -20.57 -13.37
N SER B 402 -37.89 -19.73 -13.27
CA SER B 402 -38.68 -19.62 -12.04
C SER B 402 -39.82 -20.61 -12.06
N LEU B 403 -40.18 -21.13 -10.90
CA LEU B 403 -41.30 -22.06 -10.80
C LEU B 403 -42.52 -21.38 -10.15
N ASP B 404 -42.44 -20.06 -10.04
CA ASP B 404 -43.57 -19.25 -9.65
C ASP B 404 -44.29 -18.80 -10.93
N PRO B 405 -45.54 -19.27 -11.12
CA PRO B 405 -46.29 -19.09 -12.37
C PRO B 405 -46.56 -17.64 -12.73
N ASN B 406 -46.59 -16.78 -11.71
CA ASN B 406 -46.84 -15.35 -11.91
C ASN B 406 -45.58 -14.56 -12.27
N HIS B 407 -44.41 -15.19 -12.19
CA HIS B 407 -43.16 -14.56 -12.62
C HIS B 407 -43.02 -14.64 -14.14
N ASP B 408 -42.48 -13.59 -14.76
CA ASP B 408 -42.32 -13.54 -16.21
C ASP B 408 -41.37 -14.61 -16.76
N ASN B 409 -40.36 -14.97 -15.98
CA ASN B 409 -39.42 -16.03 -16.37
C ASN B 409 -39.83 -17.41 -15.86
N ALA B 410 -41.13 -17.65 -15.79
CA ALA B 410 -41.67 -18.95 -15.42
C ALA B 410 -41.30 -20.00 -16.46
N LEU B 411 -41.07 -21.22 -15.99
CA LEU B 411 -40.71 -22.33 -16.87
C LEU B 411 -41.85 -22.67 -17.82
N LYS B 412 -41.53 -22.69 -19.11
CA LYS B 412 -42.48 -22.99 -20.15
C LYS B 412 -41.74 -23.85 -21.15
N PRO B 413 -42.40 -24.88 -21.70
CA PRO B 413 -41.78 -25.66 -22.76
C PRO B 413 -41.47 -24.80 -23.97
N GLY B 414 -40.28 -24.97 -24.53
CA GLY B 414 -39.87 -24.24 -25.73
C GLY B 414 -39.54 -22.77 -25.51
N LYS B 415 -39.38 -22.40 -24.24
CA LYS B 415 -39.02 -21.05 -23.87
C LYS B 415 -37.56 -21.03 -23.44
N ARG B 416 -36.83 -19.96 -23.77
CA ARG B 416 -35.46 -19.80 -23.28
C ARG B 416 -35.40 -18.79 -22.15
N THR B 417 -34.61 -19.10 -21.14
CA THR B 417 -34.64 -18.35 -19.88
C THR B 417 -33.82 -17.06 -19.87
N TYR B 418 -34.07 -16.28 -18.81
CA TYR B 418 -33.17 -15.22 -18.34
C TYR B 418 -31.75 -15.77 -18.37
N HIS B 419 -30.87 -15.10 -19.12
CA HIS B 419 -29.53 -15.61 -19.34
C HIS B 419 -28.49 -14.69 -18.70
N THR B 420 -27.51 -15.26 -18.00
CA THR B 420 -26.51 -14.46 -17.30
C THR B 420 -25.36 -14.00 -18.17
N ILE B 421 -25.03 -14.81 -19.16
CA ILE B 421 -24.01 -14.55 -20.18
C ILE B 421 -24.30 -13.32 -21.01
N ILE B 422 -23.43 -12.30 -20.94
CA ILE B 422 -23.63 -11.06 -21.70
C ILE B 422 -22.33 -10.53 -22.32
N PRO B 423 -22.23 -10.56 -23.67
CA PRO B 423 -21.11 -9.90 -24.36
C PRO B 423 -21.40 -8.41 -24.58
N GLY B 424 -20.40 -7.58 -24.32
CA GLY B 424 -20.58 -6.14 -24.48
C GLY B 424 -19.84 -5.59 -25.66
N PHE B 425 -20.33 -4.47 -26.19
CA PHE B 425 -19.60 -3.75 -27.22
C PHE B 425 -19.70 -2.25 -27.01
N LEU B 426 -18.62 -1.54 -27.30
CA LEU B 426 -18.57 -0.08 -27.16
C LEU B 426 -18.38 0.63 -28.50
N THR B 427 -19.18 1.68 -28.70
CA THR B 427 -19.25 2.42 -29.95
C THR B 427 -19.27 3.93 -29.68
N LYS B 428 -18.65 4.73 -30.54
CA LYS B 428 -18.75 6.19 -30.43
C LYS B 428 -18.94 6.82 -31.81
N ASN B 429 -20.07 7.50 -31.99
CA ASN B 429 -20.45 8.17 -33.25
C ASN B 429 -20.43 7.24 -34.46
N ASP B 430 -21.10 6.09 -34.32
CA ASP B 430 -21.16 5.05 -35.36
C ASP B 430 -19.78 4.47 -35.79
N GLN B 431 -18.76 4.74 -34.97
CA GLN B 431 -17.45 4.13 -35.14
C GLN B 431 -17.29 3.07 -34.06
N PRO B 432 -16.71 1.91 -34.43
CA PRO B 432 -16.58 0.87 -33.42
C PRO B 432 -15.36 1.13 -32.54
N ILE B 433 -15.51 0.99 -31.24
CA ILE B 433 -14.32 1.08 -30.43
C ILE B 433 -13.94 -0.24 -29.76
N GLY B 434 -14.90 -1.10 -29.49
CA GLY B 434 -14.53 -2.49 -29.24
C GLY B 434 -15.39 -3.39 -28.39
N PRO B 435 -15.04 -4.69 -28.35
CA PRO B 435 -15.64 -5.68 -27.49
C PRO B 435 -15.09 -5.67 -26.05
N PHE B 436 -15.97 -5.84 -25.08
CA PHE B 436 -15.59 -6.06 -23.68
C PHE B 436 -16.54 -7.07 -23.09
N GLY B 437 -16.17 -7.66 -21.96
CA GLY B 437 -17.04 -8.57 -21.24
C GLY B 437 -16.39 -8.85 -19.91
N VAL B 438 -17.19 -8.96 -18.85
CA VAL B 438 -16.69 -9.39 -17.56
C VAL B 438 -17.50 -10.59 -17.06
N MET B 439 -16.91 -11.76 -17.31
CA MET B 439 -17.34 -13.08 -16.82
C MET B 439 -17.87 -13.06 -15.38
N GLY B 440 -18.79 -13.97 -15.05
CA GLY B 440 -19.05 -14.29 -13.65
C GLY B 440 -20.47 -14.37 -13.14
N GLY B 441 -21.39 -14.87 -13.95
CA GLY B 441 -22.78 -15.07 -13.53
C GLY B 441 -23.58 -13.79 -13.30
N PHE B 442 -23.97 -13.54 -12.05
CA PHE B 442 -24.72 -12.32 -11.70
C PHE B 442 -23.81 -11.13 -11.41
N MET B 443 -22.49 -11.36 -11.42
CA MET B 443 -21.52 -10.27 -11.38
C MET B 443 -21.55 -9.49 -12.70
N GLN B 444 -21.86 -10.18 -13.80
CA GLN B 444 -21.68 -9.66 -15.16
C GLN B 444 -22.15 -8.23 -15.46
N PRO B 445 -23.42 -7.87 -15.19
CA PRO B 445 -23.79 -6.47 -15.43
C PRO B 445 -23.02 -5.47 -14.55
N GLN B 446 -22.74 -5.85 -13.31
CA GLN B 446 -21.98 -5.00 -12.41
C GLN B 446 -20.53 -4.79 -12.90
N GLY B 447 -19.91 -5.84 -13.41
CA GLY B 447 -18.64 -5.74 -14.11
C GLY B 447 -18.73 -4.88 -15.35
N HIS B 448 -19.83 -5.00 -16.08
CA HIS B 448 -20.08 -4.21 -17.28
C HIS B 448 -20.19 -2.75 -16.90
N MET B 449 -20.97 -2.46 -15.85
CA MET B 449 -21.07 -1.09 -15.39
C MET B 449 -19.71 -0.51 -14.98
N GLN B 450 -18.93 -1.32 -14.27
CA GLN B 450 -17.64 -0.87 -13.78
C GLN B 450 -16.65 -0.60 -14.93
N VAL B 451 -16.50 -1.51 -15.87
CA VAL B 451 -15.53 -1.22 -16.96
C VAL B 451 -15.97 -0.11 -17.88
N MET B 452 -17.28 0.07 -18.05
CA MET B 452 -17.80 1.18 -18.83
C MET B 452 -17.50 2.51 -18.14
N MET B 453 -17.76 2.57 -16.84
CA MET B 453 -17.50 3.79 -16.10
C MET B 453 -16.00 4.08 -15.99
N ASN B 454 -15.21 3.04 -15.72
CA ASN B 454 -13.76 3.15 -15.70
C ASN B 454 -13.20 3.73 -17.02
N THR B 455 -13.81 3.35 -18.13
CA THR B 455 -13.32 3.75 -19.44
C THR B 455 -13.80 5.14 -19.85
N ILE B 456 -15.13 5.32 -19.83
CA ILE B 456 -15.75 6.55 -20.35
C ILE B 456 -15.64 7.72 -19.36
N ASP B 457 -16.00 7.47 -18.11
CA ASP B 457 -15.91 8.50 -17.07
C ASP B 457 -14.47 8.79 -16.63
N PHE B 458 -13.68 7.75 -16.39
CA PHE B 458 -12.47 7.94 -15.61
C PHE B 458 -11.17 7.73 -16.38
N GLY B 459 -11.31 7.43 -17.67
CA GLY B 459 -10.18 7.46 -18.61
C GLY B 459 -9.09 6.43 -18.40
N LEU B 460 -9.46 5.28 -17.84
CA LEU B 460 -8.53 4.19 -17.61
C LEU B 460 -8.27 3.44 -18.88
N ASN B 461 -7.03 3.02 -19.09
CA ASN B 461 -6.72 2.16 -20.23
C ASN B 461 -7.31 0.76 -20.05
N PRO B 462 -7.37 -0.03 -21.14
CA PRO B 462 -8.02 -1.36 -21.06
C PRO B 462 -7.52 -2.25 -19.93
N GLN B 463 -6.21 -2.21 -19.67
CA GLN B 463 -5.62 -3.04 -18.61
C GLN B 463 -5.94 -2.48 -17.24
N ALA B 464 -5.62 -1.19 -17.05
CA ALA B 464 -6.04 -0.46 -15.86
C ALA B 464 -7.52 -0.65 -15.48
N ALA B 465 -8.40 -0.63 -16.47
CA ALA B 465 -9.84 -0.80 -16.24
C ALA B 465 -10.15 -2.17 -15.64
N LEU B 466 -9.36 -3.15 -16.06
CA LEU B 466 -9.47 -4.50 -15.57
C LEU B 466 -8.81 -4.62 -14.20
N ASP B 467 -7.67 -3.94 -14.05
CA ASP B 467 -6.86 -3.97 -12.83
C ASP B 467 -7.61 -3.43 -11.63
N ALA B 468 -8.41 -2.40 -11.89
CA ALA B 468 -9.14 -1.64 -10.88
C ALA B 468 -9.92 -2.54 -9.93
N PRO B 469 -9.90 -2.21 -8.63
CA PRO B 469 -10.60 -3.00 -7.60
C PRO B 469 -12.12 -3.01 -7.78
N ARG B 470 -12.74 -4.15 -7.52
CA ARG B 470 -14.13 -4.32 -7.90
C ARG B 470 -15.06 -4.52 -6.72
N TRP B 471 -16.31 -4.10 -6.90
CA TRP B 471 -17.39 -4.42 -5.97
C TRP B 471 -18.42 -5.29 -6.65
N GLN B 472 -19.31 -5.89 -5.86
CA GLN B 472 -20.51 -6.55 -6.39
C GLN B 472 -21.58 -6.68 -5.33
N TRP B 473 -22.81 -6.35 -5.72
CA TRP B 473 -23.98 -6.46 -4.88
C TRP B 473 -24.56 -7.88 -4.93
N THR B 474 -25.02 -8.38 -3.79
CA THR B 474 -25.59 -9.73 -3.71
C THR B 474 -27.06 -9.75 -3.27
N ASN B 475 -27.33 -9.40 -2.01
CA ASN B 475 -28.65 -9.61 -1.45
C ASN B 475 -29.52 -8.38 -1.40
N GLY B 476 -29.29 -7.55 -0.38
CA GLY B 476 -30.19 -6.44 -0.12
C GLY B 476 -29.36 -5.20 -0.01
N LYS B 477 -28.74 -5.02 1.16
CA LYS B 477 -27.76 -3.96 1.33
C LYS B 477 -26.33 -4.55 1.29
N GLN B 478 -26.26 -5.86 1.08
CA GLN B 478 -25.00 -6.59 1.00
C GLN B 478 -24.21 -6.24 -0.26
N VAL B 479 -22.98 -5.78 -0.09
CA VAL B 479 -22.07 -5.58 -1.22
C VAL B 479 -20.71 -6.19 -0.89
N GLN B 480 -20.24 -7.08 -1.76
CA GLN B 480 -18.90 -7.64 -1.60
C GLN B 480 -17.88 -6.72 -2.27
N VAL B 481 -16.70 -6.58 -1.66
CA VAL B 481 -15.60 -5.83 -2.27
C VAL B 481 -14.29 -6.62 -2.20
N GLU B 482 -13.35 -6.27 -3.08
CA GLU B 482 -12.06 -6.96 -3.17
C GLU B 482 -11.11 -6.52 -2.05
N PRO B 483 -10.13 -7.38 -1.69
CA PRO B 483 -9.12 -7.01 -0.67
C PRO B 483 -8.38 -5.72 -1.00
N THR B 484 -8.32 -5.42 -2.30
CA THR B 484 -7.66 -4.25 -2.80
C THR B 484 -8.63 -3.05 -2.94
N PHE B 485 -9.88 -3.20 -2.51
CA PHE B 485 -10.81 -2.08 -2.46
C PHE B 485 -10.33 -1.12 -1.38
N PRO B 486 -10.33 0.20 -1.68
CA PRO B 486 -9.85 1.18 -0.71
C PRO B 486 -10.63 1.18 0.60
N VAL B 487 -9.92 0.91 1.69
CA VAL B 487 -10.53 0.62 2.99
C VAL B 487 -11.28 1.82 3.58
N ASP B 488 -10.75 3.01 3.39
CA ASP B 488 -11.42 4.20 3.92
C ASP B 488 -12.78 4.44 3.25
N ILE B 489 -12.82 4.26 1.94
CA ILE B 489 -14.05 4.34 1.17
C ILE B 489 -15.01 3.24 1.59
N ALA B 490 -14.49 2.03 1.76
CA ALA B 490 -15.29 0.89 2.21
C ALA B 490 -15.96 1.18 3.55
N GLN B 491 -15.20 1.72 4.50
CA GLN B 491 -15.74 2.10 5.80
C GLN B 491 -16.74 3.25 5.77
N ALA B 492 -16.53 4.19 4.85
CA ALA B 492 -17.46 5.29 4.65
C ALA B 492 -18.77 4.84 4.00
N LEU B 493 -18.70 3.76 3.22
CA LEU B 493 -19.89 3.17 2.65
C LEU B 493 -20.73 2.48 3.71
N VAL B 494 -20.05 1.91 4.70
CA VAL B 494 -20.71 1.22 5.81
C VAL B 494 -21.50 2.21 6.65
N ARG B 495 -20.90 3.38 6.85
CA ARG B 495 -21.53 4.46 7.60
C ARG B 495 -22.74 5.01 6.87
N ARG B 496 -22.81 4.73 5.56
CA ARG B 496 -23.96 5.14 4.76
C ARG B 496 -24.97 4.01 4.60
N GLY B 497 -24.80 2.94 5.37
CA GLY B 497 -25.80 1.88 5.41
C GLY B 497 -25.48 0.57 4.71
N HIS B 498 -24.48 0.58 3.82
CA HIS B 498 -24.07 -0.63 3.09
C HIS B 498 -23.46 -1.70 3.98
N LYS B 499 -23.96 -2.94 3.85
CA LYS B 499 -23.36 -4.07 4.54
C LYS B 499 -22.18 -4.59 3.71
N ILE B 500 -21.03 -3.89 3.82
CA ILE B 500 -19.85 -4.22 3.01
C ILE B 500 -19.07 -5.40 3.58
N GLN B 501 -18.80 -6.39 2.73
CA GLN B 501 -17.92 -7.48 3.10
C GLN B 501 -16.72 -7.54 2.16
N VAL B 502 -15.52 -7.51 2.70
CA VAL B 502 -14.30 -7.78 1.93
C VAL B 502 -14.17 -9.28 1.73
N VAL B 503 -14.14 -9.69 0.46
CA VAL B 503 -14.10 -11.12 0.11
C VAL B 503 -12.74 -11.54 -0.42
N LEU B 504 -12.16 -12.50 0.28
CA LEU B 504 -10.80 -12.93 0.03
C LEU B 504 -10.70 -13.90 -1.16
N ASP B 505 -11.81 -14.56 -1.48
CA ASP B 505 -11.86 -15.53 -2.58
C ASP B 505 -11.28 -14.98 -3.87
N GLU B 506 -10.37 -15.74 -4.46
CA GLU B 506 -9.84 -15.42 -5.78
C GLU B 506 -10.88 -15.84 -6.81
N GLY B 507 -11.05 -15.02 -7.84
CA GLY B 507 -11.98 -15.34 -8.92
C GLY B 507 -13.45 -15.06 -8.66
N ALA B 508 -13.77 -14.59 -7.45
CA ALA B 508 -15.15 -14.26 -7.08
C ALA B 508 -15.63 -12.95 -7.69
N PHE B 509 -14.71 -12.22 -8.34
CA PHE B 509 -15.06 -10.94 -8.90
C PHE B 509 -14.96 -10.91 -10.43
N GLY B 510 -14.84 -12.11 -11.00
CA GLY B 510 -15.01 -12.29 -12.43
C GLY B 510 -13.77 -12.12 -13.26
N ARG B 511 -13.90 -12.38 -14.56
CA ARG B 511 -12.78 -12.28 -15.51
C ARG B 511 -13.15 -11.40 -16.68
N GLY B 512 -12.30 -10.43 -16.99
CA GLY B 512 -12.57 -9.47 -18.06
C GLY B 512 -11.55 -9.48 -19.17
N GLN B 513 -11.99 -9.15 -20.37
CA GLN B 513 -11.08 -8.88 -21.48
C GLN B 513 -11.59 -7.65 -22.20
N ILE B 514 -10.67 -6.83 -22.69
CA ILE B 514 -11.02 -5.63 -23.45
C ILE B 514 -10.07 -5.49 -24.64
N ILE B 515 -10.61 -5.14 -25.81
CA ILE B 515 -9.79 -4.65 -26.93
C ILE B 515 -10.39 -3.35 -27.43
N TRP B 516 -9.68 -2.23 -27.27
CA TRP B 516 -10.18 -0.98 -27.86
C TRP B 516 -9.46 -0.67 -29.16
N ARG B 517 -10.20 -0.15 -30.13
CA ARG B 517 -9.65 0.29 -31.39
C ARG B 517 -9.76 1.79 -31.49
N ASP B 518 -8.65 2.44 -31.81
CA ASP B 518 -8.64 3.88 -32.04
C ASP B 518 -9.25 4.11 -33.41
N PRO B 519 -10.30 4.95 -33.50
CA PRO B 519 -11.02 5.10 -34.77
C PRO B 519 -10.22 5.86 -35.85
N THR B 520 -9.33 6.74 -35.42
CA THR B 520 -8.45 7.50 -36.34
C THR B 520 -7.30 6.64 -36.89
N THR B 521 -6.39 6.23 -36.00
CA THR B 521 -5.18 5.51 -36.40
C THR B 521 -5.39 4.00 -36.63
N GLY B 522 -6.36 3.42 -35.95
CA GLY B 522 -6.70 2.01 -36.19
C GLY B 522 -5.97 1.05 -35.28
N VAL B 523 -5.11 1.59 -34.42
CA VAL B 523 -4.27 0.78 -33.54
C VAL B 523 -5.10 0.12 -32.45
N LEU B 524 -4.86 -1.17 -32.24
CA LEU B 524 -5.59 -1.97 -31.26
C LEU B 524 -4.88 -1.97 -29.91
N ALA B 525 -5.62 -1.68 -28.84
CA ALA B 525 -5.07 -1.69 -27.51
C ALA B 525 -5.83 -2.68 -26.65
N GLY B 526 -5.12 -3.62 -26.03
CA GLY B 526 -5.80 -4.69 -25.29
C GLY B 526 -5.44 -4.77 -23.82
N GLY B 527 -6.39 -5.25 -23.02
CA GLY B 527 -6.18 -5.59 -21.61
C GLY B 527 -6.68 -7.00 -21.33
N THR B 528 -5.97 -7.73 -20.46
CA THR B 528 -6.41 -9.07 -20.03
C THR B 528 -6.64 -9.12 -18.51
N GLU B 529 -7.50 -10.03 -18.06
CA GLU B 529 -7.81 -10.22 -16.64
C GLU B 529 -6.59 -10.63 -15.81
N PRO B 530 -6.16 -9.78 -14.87
CA PRO B 530 -5.00 -10.12 -14.05
C PRO B 530 -5.27 -11.16 -12.97
N ARG B 531 -6.54 -11.41 -12.66
CA ARG B 531 -6.89 -12.37 -11.59
C ARG B 531 -6.78 -13.86 -11.98
N THR B 532 -6.48 -14.15 -13.24
CA THR B 532 -6.43 -15.52 -13.73
C THR B 532 -5.32 -15.70 -14.77
N ASP B 533 -5.09 -16.95 -15.21
CA ASP B 533 -4.23 -17.22 -16.38
C ASP B 533 -4.92 -16.66 -17.59
N GLY B 534 -4.18 -16.13 -18.54
CA GLY B 534 -4.82 -15.55 -19.70
C GLY B 534 -3.86 -14.68 -20.44
N GLN B 535 -4.34 -14.06 -21.51
CA GLN B 535 -3.45 -13.41 -22.44
C GLN B 535 -4.22 -12.47 -23.34
N VAL B 536 -3.61 -11.32 -23.64
CA VAL B 536 -3.92 -10.59 -24.84
C VAL B 536 -2.73 -10.90 -25.74
N ALA B 537 -3.00 -11.31 -26.96
CA ALA B 537 -1.93 -11.61 -27.90
C ALA B 537 -2.10 -10.88 -29.23
N ALA B 538 -0.97 -10.37 -29.76
CA ALA B 538 -0.95 -9.65 -31.02
C ALA B 538 -0.58 -10.56 -32.21
N TRP B 539 -1.09 -10.22 -33.39
CA TRP B 539 -0.65 -10.86 -34.62
C TRP B 539 -0.37 -9.80 -35.68
N GLU B 540 0.78 -9.92 -36.36
CA GLU B 540 1.17 -8.92 -37.37
C GLU B 540 1.58 -9.42 -38.77
N GLY B 541 1.05 -10.58 -39.19
CA GLY B 541 1.27 -11.11 -40.57
C GLY B 541 0.29 -10.56 -41.60
N HIS B 542 0.12 -11.27 -42.72
CA HIS B 542 -0.79 -10.80 -43.78
C HIS B 542 -2.05 -11.63 -44.03
N MET C 4 19.30 -3.89 22.69
CA MET C 4 18.05 -4.26 23.43
C MET C 4 16.96 -4.76 22.48
N PHE C 5 15.70 -4.48 22.79
CA PHE C 5 14.57 -5.11 22.07
C PHE C 5 13.59 -4.19 21.31
N ASP C 6 13.94 -2.91 21.17
CA ASP C 6 13.20 -2.00 20.27
C ASP C 6 14.03 -0.83 19.69
N PRO C 7 14.03 -0.67 18.35
CA PRO C 7 14.73 0.47 17.72
C PRO C 7 13.86 1.72 17.46
N GLN C 8 14.10 2.32 16.30
CA GLN C 8 13.44 3.51 15.81
C GLN C 8 12.71 3.11 14.52
N SER C 9 12.28 1.84 14.51
CA SER C 9 11.66 1.22 13.35
C SER C 9 10.12 1.20 13.45
N TYR C 10 9.45 1.66 12.39
CA TYR C 10 7.99 1.61 12.31
C TYR C 10 7.57 0.90 11.00
N PRO C 11 7.46 -0.44 11.05
CA PRO C 11 7.13 -1.27 9.89
C PRO C 11 5.71 -1.11 9.40
N TYR C 12 4.81 -0.65 10.29
CA TYR C 12 3.37 -0.58 9.99
C TYR C 12 2.86 0.87 10.03
N PRO C 13 1.83 1.17 9.21
CA PRO C 13 1.17 2.47 9.30
C PRO C 13 0.28 2.62 10.54
N SER C 14 0.18 3.86 11.04
CA SER C 14 -0.58 4.16 12.25
C SER C 14 -1.73 5.12 11.94
N ARG C 15 -2.51 5.45 12.96
CA ARG C 15 -3.69 6.31 12.82
CA ARG C 15 -3.65 6.34 12.81
C ARG C 15 -3.69 7.38 13.91
N ARG C 16 -3.89 8.63 13.52
CA ARG C 16 -4.14 9.69 14.48
C ARG C 16 -5.55 10.25 14.26
N ASN C 17 -6.43 10.02 15.22
CA ASN C 17 -7.74 10.64 15.19
C ASN C 17 -7.62 12.14 15.51
N VAL C 18 -8.50 12.92 14.89
CA VAL C 18 -8.66 14.33 15.19
C VAL C 18 -8.98 14.50 16.67
N VAL C 19 -8.34 15.46 17.31
CA VAL C 19 -8.60 15.79 18.71
C VAL C 19 -9.70 16.85 18.83
N TYR C 20 -10.63 16.67 19.79
CA TYR C 20 -11.73 17.62 19.97
C TYR C 20 -11.73 18.26 21.34
N ALA C 21 -12.03 19.55 21.39
CA ALA C 21 -12.17 20.27 22.65
C ALA C 21 -13.21 21.37 22.55
N LYS C 22 -13.46 22.01 23.69
CA LYS C 22 -14.37 23.14 23.76
C LYS C 22 -13.70 24.34 24.44
N ASN C 23 -13.06 24.08 25.58
CA ASN C 23 -12.56 25.17 26.43
C ASN C 23 -11.12 25.58 26.24
N GLY C 24 -10.38 24.80 25.44
CA GLY C 24 -8.97 25.08 25.20
C GLY C 24 -8.24 23.98 24.47
N MET C 25 -7.32 24.38 23.60
CA MET C 25 -6.52 23.46 22.80
C MET C 25 -5.14 24.03 22.44
N VAL C 26 -4.10 23.23 22.64
CA VAL C 26 -2.77 23.63 22.23
C VAL C 26 -2.19 22.54 21.33
N ALA C 27 -1.65 22.97 20.19
CA ALA C 27 -1.07 22.06 19.21
C ALA C 27 0.34 22.50 18.89
N THR C 28 1.31 21.67 19.25
CA THR C 28 2.72 21.96 18.96
C THR C 28 3.63 20.72 18.83
N SER C 29 4.90 20.97 18.53
CA SER C 29 5.88 19.92 18.21
C SER C 29 6.62 19.34 19.40
N GLN C 30 6.19 19.68 20.61
CA GLN C 30 6.82 19.18 21.81
C GLN C 30 5.75 19.01 22.87
N PRO C 31 5.47 17.76 23.29
CA PRO C 31 4.28 17.46 24.10
C PRO C 31 4.26 18.22 25.42
N LEU C 32 5.42 18.41 26.03
CA LEU C 32 5.54 19.15 27.29
C LEU C 32 5.30 20.66 27.09
N ALA C 33 5.54 21.16 25.88
CA ALA C 33 5.26 22.56 25.57
C ALA C 33 3.76 22.76 25.44
N ALA C 34 3.08 21.81 24.79
CA ALA C 34 1.61 21.80 24.73
C ALA C 34 1.02 21.68 26.13
N GLN C 35 1.71 20.92 26.97
CA GLN C 35 1.35 20.77 28.36
C GLN C 35 1.46 22.08 29.13
N ALA C 36 2.45 22.91 28.79
CA ALA C 36 2.64 24.20 29.45
C ALA C 36 1.47 25.16 29.17
N GLY C 37 1.08 25.27 27.91
CA GLY C 37 -0.04 26.13 27.53
C GLY C 37 -1.36 25.66 28.12
N LEU C 38 -1.46 24.37 28.38
CA LEU C 38 -2.58 23.81 29.11
C LEU C 38 -2.55 24.25 30.56
N ASP C 39 -1.37 24.21 31.17
CA ASP C 39 -1.21 24.61 32.57
C ASP C 39 -1.55 26.07 32.78
N ILE C 40 -1.32 26.86 31.73
CA ILE C 40 -1.60 28.27 31.79
C ILE C 40 -3.10 28.54 31.58
N LEU C 41 -3.70 27.79 30.66
CA LEU C 41 -5.15 27.80 30.52
C LEU C 41 -5.84 27.46 31.85
N LYS C 42 -5.34 26.41 32.51
CA LYS C 42 -5.77 26.02 33.87
C LYS C 42 -5.66 27.19 34.85
N ALA C 43 -4.51 27.85 34.87
CA ALA C 43 -4.27 28.93 35.83
C ALA C 43 -4.96 30.24 35.46
N GLY C 44 -5.95 30.16 34.57
CA GLY C 44 -6.79 31.29 34.20
C GLY C 44 -6.36 32.06 32.97
N GLY C 45 -5.34 31.58 32.27
CA GLY C 45 -4.85 32.25 31.07
C GLY C 45 -5.76 32.02 29.88
N ASN C 46 -5.67 32.91 28.89
CA ASN C 46 -6.37 32.71 27.63
C ASN C 46 -5.46 32.11 26.53
N ALA C 47 -5.98 32.04 25.31
CA ALA C 47 -5.23 31.47 24.20
C ALA C 47 -3.90 32.18 23.95
N ILE C 48 -3.89 33.49 24.18
CA ILE C 48 -2.67 34.29 24.04
C ILE C 48 -1.66 33.93 25.12
N ASP C 49 -2.10 33.86 26.35
CA ASP C 49 -1.23 33.44 27.43
C ASP C 49 -0.62 32.08 27.10
N ALA C 50 -1.46 31.14 26.68
CA ALA C 50 -1.02 29.79 26.39
C ALA C 50 0.03 29.78 25.27
N ALA C 51 -0.16 30.64 24.28
CA ALA C 51 0.79 30.77 23.17
C ALA C 51 2.17 31.15 23.70
N ILE C 52 2.20 32.09 24.63
CA ILE C 52 3.45 32.54 25.20
C ILE C 52 4.08 31.45 26.08
N ALA C 53 3.23 30.75 26.84
CA ALA C 53 3.67 29.63 27.68
C ALA C 53 4.37 28.58 26.83
N THR C 54 3.69 28.19 25.76
CA THR C 54 4.20 27.20 24.82
C THR C 54 5.44 27.69 24.10
N ALA C 55 5.46 28.97 23.75
CA ALA C 55 6.56 29.55 22.98
C ALA C 55 7.87 29.51 23.76
N THR C 56 7.81 30.01 24.99
CA THR C 56 8.98 30.05 25.87
C THR C 56 9.39 28.67 26.34
N ALA C 57 8.43 27.76 26.45
CA ALA C 57 8.73 26.38 26.77
C ALA C 57 9.54 25.72 25.65
N LEU C 58 9.22 26.08 24.40
CA LEU C 58 9.87 25.46 23.23
C LEU C 58 11.32 25.92 23.14
N THR C 59 11.56 27.09 23.73
CA THR C 59 12.88 27.72 23.79
C THR C 59 13.86 26.82 24.54
N VAL C 60 13.34 26.06 25.50
CA VAL C 60 14.14 25.16 26.32
C VAL C 60 14.00 23.72 25.81
N LEU C 61 12.79 23.35 25.40
CA LEU C 61 12.45 21.95 25.08
C LEU C 61 12.82 21.50 23.66
N GLU C 62 12.98 22.48 22.76
CA GLU C 62 13.43 22.18 21.40
C GLU C 62 14.49 23.19 20.95
N PRO C 63 15.70 23.12 21.53
CA PRO C 63 16.76 24.10 21.24
C PRO C 63 17.35 23.96 19.83
N THR C 64 17.07 22.84 19.16
CA THR C 64 17.51 22.60 17.79
C THR C 64 16.77 23.45 16.75
N SER C 65 15.63 24.04 17.15
CA SER C 65 14.75 24.75 16.23
C SER C 65 14.46 26.18 16.68
N ASN C 66 15.13 26.59 17.75
CA ASN C 66 14.63 27.67 18.54
C ASN C 66 15.69 28.28 19.45
N GLY C 67 15.37 29.42 20.04
CA GLY C 67 16.25 30.04 21.03
C GLY C 67 15.61 31.27 21.63
N ILE C 68 16.14 31.74 22.75
CA ILE C 68 15.70 33.01 23.33
C ILE C 68 16.14 34.13 22.39
N GLY C 69 17.21 33.89 21.65
CA GLY C 69 17.71 34.84 20.68
C GLY C 69 17.02 34.75 19.33
N SER C 70 15.79 34.23 19.33
CA SER C 70 14.98 34.10 18.11
C SER C 70 14.26 35.39 17.81
N ASP C 71 13.70 35.51 16.61
CA ASP C 71 12.55 36.38 16.48
C ASP C 71 11.26 35.57 16.25
N ALA C 72 10.10 36.25 16.30
CA ALA C 72 8.79 35.59 16.32
C ALA C 72 7.76 36.32 15.44
N PHE C 73 6.64 35.67 15.17
CA PHE C 73 5.52 36.27 14.44
C PHE C 73 4.22 35.65 14.97
N ALA C 74 3.13 36.44 14.95
CA ALA C 74 1.82 35.94 15.40
C ALA C 74 0.63 36.57 14.67
N LEU C 75 -0.35 35.72 14.36
CA LEU C 75 -1.68 36.18 14.01
C LEU C 75 -2.53 35.74 15.17
N VAL C 76 -3.17 36.71 15.81
CA VAL C 76 -4.00 36.45 16.97
C VAL C 76 -5.42 36.98 16.72
N TRP C 77 -6.39 36.10 16.88
CA TRP C 77 -7.77 36.48 16.83
C TRP C 77 -8.29 36.62 18.25
N THR C 78 -8.75 37.83 18.57
CA THR C 78 -9.32 38.16 19.87
C THR C 78 -10.27 39.33 19.68
N LYS C 79 -11.37 39.29 20.43
CA LYS C 79 -12.46 40.28 20.32
C LYS C 79 -12.86 40.49 18.86
N GLY C 80 -13.21 39.41 18.17
CA GLY C 80 -13.74 39.49 16.79
C GLY C 80 -12.87 40.13 15.71
N LYS C 81 -11.58 40.22 15.96
CA LYS C 81 -10.67 40.93 15.08
C LYS C 81 -9.31 40.21 14.99
N LEU C 82 -8.76 40.15 13.78
CA LEU C 82 -7.46 39.51 13.60
C LEU C 82 -6.34 40.55 13.67
N HIS C 83 -5.33 40.28 14.51
CA HIS C 83 -4.20 41.19 14.70
C HIS C 83 -2.89 40.52 14.33
N GLY C 84 -2.01 41.26 13.67
CA GLY C 84 -0.70 40.75 13.28
C GLY C 84 0.45 41.33 14.09
N LEU C 85 1.34 40.46 14.55
CA LEU C 85 2.52 40.92 15.30
C LEU C 85 3.81 40.54 14.63
N ASN C 86 4.55 41.56 14.21
CA ASN C 86 5.81 41.39 13.49
C ASN C 86 7.00 41.47 14.45
N GLY C 87 7.25 40.38 15.17
CA GLY C 87 8.34 40.33 16.13
C GLY C 87 9.67 40.02 15.48
N SER C 88 9.90 40.58 14.29
CA SER C 88 11.15 40.40 13.54
C SER C 88 12.05 41.61 13.78
N GLY C 89 13.23 41.35 14.33
CA GLY C 89 14.19 42.40 14.61
C GLY C 89 15.06 42.78 13.44
N ARG C 90 15.47 44.05 13.40
CA ARG C 90 16.24 44.58 12.29
C ARG C 90 17.75 44.32 12.42
N ALA C 91 18.47 44.62 11.33
CA ALA C 91 19.92 44.44 11.27
C ALA C 91 20.64 45.47 12.14
N PRO C 92 21.82 45.09 12.69
CA PRO C 92 22.61 46.05 13.46
C PRO C 92 22.93 47.29 12.64
N MET C 93 22.98 48.44 13.32
CA MET C 93 23.13 49.74 12.66
C MET C 93 24.53 49.94 12.08
N SER C 94 25.49 49.16 12.58
CA SER C 94 26.85 49.17 12.02
C SER C 94 27.06 48.14 10.90
N LEU C 95 26.04 47.33 10.61
CA LEU C 95 26.14 46.28 9.58
C LEU C 95 25.74 46.83 8.22
N THR C 96 26.74 47.15 7.40
CA THR C 96 26.51 47.65 6.05
C THR C 96 27.04 46.68 5.00
N MET C 97 26.61 46.91 3.75
CA MET C 97 27.01 46.07 2.64
C MET C 97 28.51 46.15 2.37
N GLU C 98 29.07 47.36 2.45
CA GLU C 98 30.51 47.57 2.19
C GLU C 98 31.41 47.19 3.36
N ALA C 99 30.84 47.10 4.56
CA ALA C 99 31.61 46.66 5.73
C ALA C 99 31.88 45.16 5.65
N VAL C 100 30.88 44.42 5.18
CA VAL C 100 31.00 42.97 5.02
C VAL C 100 31.69 42.62 3.69
N LYS C 101 31.55 43.49 2.70
CA LYS C 101 32.27 43.37 1.43
C LYS C 101 33.79 43.43 1.67
N ALA C 102 34.21 44.33 2.56
CA ALA C 102 35.62 44.51 2.86
C ALA C 102 36.22 43.42 3.75
N LYS C 103 35.39 42.47 4.17
CA LYS C 103 35.84 41.42 5.08
C LYS C 103 35.99 40.08 4.39
N GLY C 104 35.74 40.04 3.08
CA GLY C 104 35.93 38.82 2.28
C GLY C 104 34.69 38.32 1.58
N TYR C 105 33.55 38.39 2.26
CA TYR C 105 32.29 37.87 1.73
C TYR C 105 31.60 38.92 0.86
N GLU C 106 31.22 38.51 -0.36
CA GLU C 106 30.50 39.41 -1.26
C GLU C 106 29.34 38.73 -2.00
N GLN C 107 29.29 37.41 -1.93
CA GLN C 107 28.18 36.65 -2.52
C GLN C 107 27.00 36.66 -1.56
N GLU C 108 27.19 36.01 -0.42
CA GLU C 108 26.24 36.03 0.68
C GLU C 108 27.02 36.01 1.98
N LEU C 109 26.48 36.60 3.03
CA LEU C 109 27.20 36.67 4.30
C LEU C 109 27.22 35.31 4.99
N PRO C 110 28.16 35.09 5.92
CA PRO C 110 28.38 33.74 6.44
C PRO C 110 27.20 33.22 7.23
N PRO C 111 26.97 31.89 7.20
CA PRO C 111 25.87 31.33 7.97
C PRO C 111 26.07 31.45 9.48
N TYR C 112 27.32 31.40 9.94
CA TYR C 112 27.61 31.32 11.38
C TYR C 112 28.56 32.41 11.87
N GLY C 113 28.56 32.64 13.18
CA GLY C 113 29.37 33.69 13.79
C GLY C 113 28.57 34.91 14.16
N VAL C 114 29.27 35.99 14.49
CA VAL C 114 28.63 37.20 14.99
C VAL C 114 28.03 38.05 13.87
N ILE C 115 28.39 37.71 12.63
CA ILE C 115 28.06 38.53 11.47
C ILE C 115 26.58 38.49 11.03
N PRO C 116 25.97 37.29 10.89
CA PRO C 116 24.58 37.27 10.42
C PRO C 116 23.53 37.51 11.53
N VAL C 117 23.97 37.87 12.74
CA VAL C 117 23.05 38.07 13.86
C VAL C 117 22.29 39.39 13.80
N THR C 118 20.96 39.31 13.64
CA THR C 118 20.08 40.48 13.77
C THR C 118 19.50 40.54 15.20
N VAL C 119 18.82 41.65 15.55
CA VAL C 119 18.25 41.77 16.90
C VAL C 119 17.12 40.76 17.15
N PRO C 120 17.31 39.90 18.15
CA PRO C 120 16.31 38.90 18.51
C PRO C 120 15.00 39.53 18.93
N GLY C 121 13.96 39.32 18.12
CA GLY C 121 12.68 40.00 18.31
C GLY C 121 11.64 39.26 19.14
N ALA C 122 11.91 38.00 19.44
CA ALA C 122 10.95 37.14 20.15
C ALA C 122 10.61 37.52 21.60
N PRO C 123 11.62 37.79 22.47
CA PRO C 123 11.27 38.14 23.85
C PRO C 123 10.39 39.39 23.95
N GLY C 124 10.63 40.36 23.08
CA GLY C 124 9.81 41.57 23.04
C GLY C 124 8.41 41.23 22.61
N ALA C 125 8.31 40.33 21.64
CA ALA C 125 7.02 39.87 21.14
C ALA C 125 6.24 39.14 22.23
N TRP C 126 6.95 38.40 23.09
CA TRP C 126 6.28 37.72 24.18
C TRP C 126 5.59 38.76 25.04
N ALA C 127 6.36 39.77 25.45
CA ALA C 127 5.91 40.80 26.38
C ALA C 127 4.74 41.64 25.86
N GLU C 128 4.82 42.09 24.61
CA GLU C 128 3.76 42.87 23.97
C GLU C 128 2.49 42.05 23.77
N LEU C 129 2.67 40.76 23.54
CA LEU C 129 1.55 39.85 23.37
C LEU C 129 0.82 39.72 24.71
N ALA C 130 1.58 39.57 25.78
CA ALA C 130 1.01 39.46 27.12
C ALA C 130 0.34 40.77 27.57
N LYS C 131 1.04 41.89 27.37
CA LYS C 131 0.56 43.21 27.76
C LYS C 131 -0.75 43.55 27.05
N MET C 132 -0.79 43.29 25.74
CA MET C 132 -1.95 43.71 24.97
C MET C 132 -3.17 42.79 25.10
N TYR C 133 -2.95 41.48 25.06
CA TYR C 133 -4.09 40.56 24.96
C TYR C 133 -4.12 39.41 25.99
N GLY C 134 -3.10 39.32 26.83
CA GLY C 134 -3.01 38.25 27.84
C GLY C 134 -3.67 38.60 29.17
N ASN C 135 -4.04 37.58 29.94
CA ASN C 135 -4.67 37.78 31.25
C ASN C 135 -3.63 37.78 32.36
N LEU C 136 -2.55 37.02 32.15
CA LEU C 136 -1.56 36.75 33.17
C LEU C 136 -0.32 37.60 32.98
N PRO C 137 0.38 37.94 34.07
CA PRO C 137 1.70 38.54 33.89
C PRO C 137 2.70 37.56 33.27
N LEU C 138 3.72 38.10 32.62
CA LEU C 138 4.70 37.30 31.91
C LEU C 138 5.33 36.24 32.80
N ALA C 139 5.50 36.59 34.06
CA ALA C 139 6.12 35.71 35.04
C ALA C 139 5.28 34.45 35.33
N ALA C 140 3.97 34.54 35.16
CA ALA C 140 3.12 33.38 35.34
C ALA C 140 3.21 32.51 34.08
N SER C 141 3.04 33.16 32.93
CA SER C 141 2.96 32.42 31.68
C SER C 141 4.28 31.77 31.27
N LEU C 142 5.42 32.30 31.74
CA LEU C 142 6.66 31.60 31.41
C LEU C 142 7.35 30.86 32.56
N ALA C 143 6.56 30.57 33.60
CA ALA C 143 7.01 29.77 34.74
C ALA C 143 7.25 28.25 34.52
N PRO C 144 6.42 27.59 33.67
CA PRO C 144 6.76 26.21 33.32
C PRO C 144 8.05 26.08 32.50
N ALA C 145 8.31 27.06 31.63
CA ALA C 145 9.53 27.11 30.83
C ALA C 145 10.74 27.17 31.74
N ILE C 146 10.65 28.01 32.76
CA ILE C 146 11.71 28.15 33.77
C ILE C 146 11.92 26.83 34.53
N ARG C 147 10.81 26.23 34.96
CA ARG C 147 10.82 24.95 35.66
C ARG C 147 11.55 23.89 34.85
N TYR C 148 11.27 23.84 33.54
CA TYR C 148 11.89 22.85 32.67
C TYR C 148 13.38 23.10 32.52
N ALA C 149 13.78 24.36 32.46
CA ALA C 149 15.18 24.73 32.29
C ALA C 149 16.02 24.42 33.53
N GLU C 150 15.43 24.63 34.71
CA GLU C 150 16.10 24.34 35.97
C GLU C 150 16.12 22.86 36.35
N GLU C 151 15.01 22.16 36.12
CA GLU C 151 14.91 20.75 36.51
C GLU C 151 15.40 19.81 35.42
N GLY C 152 15.19 20.19 34.16
CA GLY C 152 15.68 19.40 33.04
C GLY C 152 14.62 18.49 32.48
N TYR C 153 14.94 17.84 31.36
CA TYR C 153 14.02 16.97 30.66
C TYR C 153 14.77 15.87 29.88
N PRO C 154 14.15 14.67 29.77
CA PRO C 154 14.74 13.64 28.94
C PRO C 154 14.61 13.95 27.45
N VAL C 155 15.71 13.73 26.74
CA VAL C 155 15.78 14.00 25.31
C VAL C 155 15.15 12.85 24.51
N THR C 156 14.21 13.20 23.63
CA THR C 156 13.57 12.23 22.75
C THR C 156 14.49 11.90 21.58
N PRO C 157 14.33 10.70 20.99
CA PRO C 157 15.12 10.24 19.83
C PRO C 157 15.24 11.25 18.69
N THR C 158 14.12 11.86 18.30
CA THR C 158 14.11 12.81 17.18
C THR C 158 14.97 14.04 17.51
N LEU C 159 14.72 14.65 18.67
CA LEU C 159 15.55 15.75 19.15
C LEU C 159 17.03 15.36 19.24
N ALA C 160 17.30 14.15 19.73
CA ALA C 160 18.66 13.66 19.82
C ALA C 160 19.35 13.66 18.45
N LYS C 161 18.64 13.21 17.42
CA LYS C 161 19.22 13.13 16.07
C LYS C 161 19.74 14.47 15.58
N TYR C 162 18.89 15.50 15.68
CA TYR C 162 19.25 16.85 15.21
C TYR C 162 20.29 17.52 16.09
N TRP C 163 20.29 17.18 17.38
CA TRP C 163 21.24 17.72 18.34
C TRP C 163 22.61 17.12 18.06
N LYS C 164 22.63 15.82 17.75
CA LYS C 164 23.88 15.14 17.40
C LYS C 164 24.40 15.63 16.08
N ALA C 165 23.50 15.84 15.12
CA ALA C 165 23.89 16.32 13.80
C ALA C 165 24.53 17.70 13.90
N ALA C 166 23.96 18.54 14.76
CA ALA C 166 24.46 19.89 14.98
C ALA C 166 25.76 19.86 15.76
N TYR C 167 25.96 18.83 16.57
CA TYR C 167 27.25 18.66 17.24
C TYR C 167 28.33 18.17 16.26
N ASP C 168 28.08 17.03 15.63
CA ASP C 168 29.06 16.33 14.78
C ASP C 168 29.60 17.15 13.60
N ARG C 169 28.71 17.91 12.96
CA ARG C 169 29.11 18.79 11.85
C ARG C 169 29.88 20.01 12.37
N VAL C 170 29.58 20.39 13.60
CA VAL C 170 29.96 21.69 14.13
C VAL C 170 31.16 21.62 15.10
N LYS C 171 31.43 20.44 15.67
CA LYS C 171 32.65 20.17 16.44
C LYS C 171 33.91 20.50 15.64
N THR C 172 33.89 20.19 14.34
CA THR C 172 35.02 20.47 13.45
C THR C 172 34.97 21.85 12.80
N GLU C 173 33.78 22.37 12.53
CA GLU C 173 33.62 23.64 11.84
C GLU C 173 33.72 24.87 12.76
N TRP C 174 33.34 24.69 14.02
CA TRP C 174 33.36 25.79 14.99
C TRP C 174 34.53 25.67 15.97
N THR C 175 35.72 26.08 15.51
CA THR C 175 36.89 26.16 16.38
C THR C 175 37.29 27.62 16.56
N ASP C 176 36.58 28.29 17.46
CA ASP C 176 36.77 29.70 17.72
C ASP C 176 36.31 29.99 19.14
N ASP C 177 36.65 31.16 19.67
CA ASP C 177 36.24 31.57 21.01
C ASP C 177 34.75 31.82 21.12
N VAL C 178 34.16 32.38 20.06
CA VAL C 178 32.73 32.70 20.00
C VAL C 178 31.82 31.50 20.22
N TYR C 179 32.27 30.35 19.74
CA TYR C 179 31.43 29.17 19.75
C TYR C 179 31.55 28.35 21.02
N GLN C 180 32.48 28.71 21.90
CA GLN C 180 32.67 27.96 23.16
C GLN C 180 31.42 27.88 24.05
N PRO C 181 30.74 29.03 24.32
CA PRO C 181 29.55 28.95 25.17
C PRO C 181 28.45 28.06 24.62
N TRP C 182 28.39 27.91 23.29
CA TRP C 182 27.49 26.93 22.68
C TRP C 182 27.79 25.51 23.16
N PHE C 183 29.06 25.11 23.09
CA PHE C 183 29.48 23.79 23.53
C PHE C 183 29.29 23.63 25.03
N ASP C 184 29.44 24.73 25.78
CA ASP C 184 29.24 24.70 27.22
C ASP C 184 27.76 24.52 27.60
N THR C 185 26.89 25.20 26.86
CA THR C 185 25.45 25.19 27.11
C THR C 185 24.78 23.92 26.55
N PHE C 186 25.01 23.65 25.27
CA PHE C 186 24.29 22.58 24.56
C PHE C 186 25.02 21.24 24.48
N ALA C 187 26.31 21.22 24.79
CA ALA C 187 27.05 19.95 24.81
C ALA C 187 27.92 19.84 26.08
N PRO C 188 27.27 19.90 27.27
CA PRO C 188 28.04 20.06 28.50
C PRO C 188 28.86 18.84 28.93
N LYS C 189 28.55 17.67 28.38
CA LYS C 189 29.31 16.45 28.66
C LYS C 189 30.32 16.14 27.57
N GLY C 190 30.63 17.11 26.72
CA GLY C 190 31.60 16.92 25.64
C GLY C 190 31.02 16.15 24.45
N ARG C 191 29.69 16.05 24.41
CA ARG C 191 28.96 15.47 23.28
C ARG C 191 27.50 15.98 23.30
N ALA C 192 26.73 15.66 22.26
CA ALA C 192 25.29 15.94 22.28
C ALA C 192 24.58 14.91 23.15
N PRO C 193 23.54 15.34 23.88
CA PRO C 193 22.76 14.47 24.78
C PRO C 193 22.20 13.25 24.07
N ARG C 194 22.22 12.10 24.76
CA ARG C 194 21.74 10.84 24.19
C ARG C 194 20.26 10.71 24.46
N VAL C 195 19.66 9.65 23.91
CA VAL C 195 18.25 9.35 24.15
C VAL C 195 18.05 9.01 25.62
N GLY C 196 17.09 9.66 26.27
CA GLY C 196 16.77 9.36 27.67
C GLY C 196 17.63 10.09 28.68
N GLU C 197 18.71 10.68 28.20
CA GLU C 197 19.60 11.49 29.03
C GLU C 197 18.92 12.82 29.34
N VAL C 198 19.07 13.29 30.57
CA VAL C 198 18.47 14.56 30.97
C VAL C 198 19.41 15.72 30.63
N TRP C 199 18.88 16.73 29.97
CA TRP C 199 19.63 17.96 29.74
C TRP C 199 18.95 19.12 30.47
N ARG C 200 19.75 20.01 31.04
CA ARG C 200 19.20 21.18 31.72
C ARG C 200 20.07 22.38 31.42
N SER C 201 19.55 23.56 31.73
CA SER C 201 20.30 24.81 31.52
C SER C 201 19.89 25.90 32.51
N GLN C 202 20.70 26.03 33.55
CA GLN C 202 20.54 27.10 34.53
C GLN C 202 20.59 28.45 33.85
N GLY C 203 21.35 28.53 32.77
CA GLY C 203 21.43 29.73 31.94
C GLY C 203 20.05 30.15 31.47
N HIS C 204 19.40 29.24 30.73
CA HIS C 204 18.05 29.45 30.21
C HIS C 204 17.08 29.89 31.30
N ALA C 205 17.14 29.21 32.44
CA ALA C 205 16.28 29.54 33.58
C ALA C 205 16.49 30.98 34.08
N ASP C 206 17.75 31.34 34.29
CA ASP C 206 18.09 32.66 34.83
C ASP C 206 17.56 33.78 33.96
N THR C 207 17.84 33.68 32.65
CA THR C 207 17.45 34.73 31.70
C THR C 207 15.94 34.82 31.44
N LEU C 208 15.25 33.68 31.50
CA LEU C 208 13.80 33.67 31.32
C LEU C 208 13.17 34.37 32.52
N ARG C 209 13.68 34.07 33.71
CA ARG C 209 13.25 34.75 34.93
C ARG C 209 13.49 36.25 34.84
N SER C 210 14.65 36.62 34.29
CA SER C 210 15.01 38.02 34.12
C SER C 210 14.06 38.78 33.18
N ILE C 211 13.61 38.13 32.10
CA ILE C 211 12.65 38.79 31.19
C ILE C 211 11.23 38.68 31.69
N ALA C 212 11.00 37.71 32.58
CA ALA C 212 9.71 37.56 33.22
C ALA C 212 9.50 38.75 34.15
N GLU C 213 10.54 39.05 34.93
CA GLU C 213 10.46 40.06 35.99
C GLU C 213 10.60 41.48 35.48
N SER C 214 11.02 41.63 34.23
CA SER C 214 11.21 42.95 33.65
C SER C 214 10.25 43.27 32.50
N ASN C 215 9.33 42.34 32.21
CA ASN C 215 8.49 42.40 31.00
C ASN C 215 9.32 42.53 29.72
N GLY C 216 10.42 41.79 29.64
CA GLY C 216 11.30 41.80 28.48
C GLY C 216 12.25 42.99 28.38
N GLU C 217 12.20 43.88 29.37
CA GLU C 217 13.02 45.10 29.38
C GLU C 217 14.49 44.79 29.60
N SER C 218 14.75 43.77 30.41
CA SER C 218 16.11 43.30 30.67
C SER C 218 16.87 42.89 29.40
N PHE C 219 16.17 42.31 28.43
CA PHE C 219 16.78 41.77 27.21
C PHE C 219 17.21 42.86 26.24
N TYR C 220 16.42 43.94 26.18
CA TYR C 220 16.62 44.97 25.16
C TYR C 220 17.32 46.24 25.67
N ARG C 221 16.91 46.71 26.83
CA ARG C 221 17.45 47.93 27.41
C ARG C 221 17.73 47.78 28.91
N GLY C 222 18.26 46.62 29.29
CA GLY C 222 18.56 46.33 30.69
C GLY C 222 19.84 45.53 30.86
N GLU C 223 19.84 44.63 31.84
CA GLU C 223 21.05 43.94 32.21
C GLU C 223 21.50 42.88 31.21
N LEU C 224 20.54 42.15 30.63
CA LEU C 224 20.84 41.14 29.62
C LEU C 224 21.30 41.78 28.32
N ALA C 225 20.76 42.96 28.01
CA ALA C 225 21.18 43.73 26.85
C ALA C 225 22.66 44.10 26.92
N ASP C 226 23.13 44.38 28.14
CA ASP C 226 24.53 44.72 28.39
C ASP C 226 25.44 43.50 28.21
N GLN C 227 25.01 42.35 28.74
CA GLN C 227 25.78 41.12 28.58
C GLN C 227 25.90 40.71 27.11
N ILE C 228 24.83 40.93 26.35
CA ILE C 228 24.78 40.62 24.92
C ILE C 228 25.75 41.53 24.18
N HIS C 229 25.67 42.83 24.49
CA HIS C 229 26.50 43.84 23.84
C HIS C 229 27.99 43.63 24.08
N ALA C 230 28.31 43.26 25.32
CA ALA C 230 29.68 43.02 25.74
C ALA C 230 30.32 41.83 25.01
N PHE C 231 29.60 40.72 24.90
CA PHE C 231 30.14 39.55 24.22
C PHE C 231 30.35 39.76 22.71
N PHE C 232 29.48 40.54 22.09
CA PHE C 232 29.58 40.83 20.66
C PHE C 232 30.69 41.82 20.36
N ASP C 233 30.87 42.79 21.27
CA ASP C 233 31.96 43.76 21.19
C ASP C 233 33.33 43.10 21.38
N LYS C 234 33.37 42.06 22.23
CA LYS C 234 34.57 41.29 22.49
C LYS C 234 35.01 40.45 21.28
N HIS C 235 34.06 40.11 20.39
CA HIS C 235 34.37 39.24 19.25
C HIS C 235 34.14 39.85 17.89
N GLY C 236 34.15 41.19 17.83
CA GLY C 236 34.05 41.92 16.58
C GLY C 236 32.68 41.84 15.92
N GLY C 237 31.63 41.85 16.74
CA GLY C 237 30.26 41.83 16.23
C GLY C 237 29.74 43.23 15.90
N TYR C 238 28.55 43.30 15.31
CA TYR C 238 27.95 44.57 14.93
C TYR C 238 26.78 44.93 15.85
N LEU C 239 26.34 43.93 16.62
CA LEU C 239 25.20 44.04 17.51
C LEU C 239 25.51 44.88 18.76
N THR C 240 24.80 45.99 18.93
CA THR C 240 25.06 46.90 20.05
C THR C 240 23.89 47.00 21.02
N LYS C 241 24.11 47.67 22.15
CA LYS C 241 23.08 47.98 23.12
C LYS C 241 21.97 48.73 22.44
N GLU C 242 22.38 49.74 21.68
CA GLU C 242 21.47 50.68 21.07
C GLU C 242 20.61 50.03 19.99
N ASP C 243 21.14 48.96 19.38
CA ASP C 243 20.38 48.17 18.43
C ASP C 243 19.24 47.48 19.12
N LEU C 244 19.54 46.87 20.27
CA LEU C 244 18.53 46.22 21.09
C LEU C 244 17.57 47.25 21.71
N ALA C 245 18.13 48.35 22.21
CA ALA C 245 17.39 49.35 22.99
C ALA C 245 16.20 50.01 22.29
N CYS C 246 16.29 50.15 20.97
CA CYS C 246 15.13 50.69 20.24
C CYS C 246 14.44 49.69 19.33
N TYR C 247 14.51 48.40 19.69
CA TYR C 247 13.64 47.44 19.05
C TYR C 247 12.27 47.44 19.72
N ARG C 248 11.23 47.33 18.90
CA ARG C 248 9.87 47.30 19.35
C ARG C 248 9.16 46.31 18.47
N PRO C 249 8.45 45.38 19.03
CA PRO C 249 7.61 44.55 18.17
C PRO C 249 6.53 45.41 17.50
N GLU C 250 6.28 45.16 16.21
CA GLU C 250 5.37 46.00 15.44
C GLU C 250 4.04 45.31 15.18
N TRP C 251 2.96 45.92 15.65
CA TRP C 251 1.63 45.49 15.26
C TRP C 251 1.44 45.92 13.80
N VAL C 252 1.25 44.93 12.95
CA VAL C 252 1.19 45.17 11.53
C VAL C 252 -0.15 44.60 10.99
N GLU C 253 -0.61 45.09 9.84
CA GLU C 253 -1.94 44.74 9.33
C GLU C 253 -1.91 43.51 8.42
N PRO C 254 -2.50 42.38 8.89
CA PRO C 254 -2.51 41.14 8.10
C PRO C 254 -3.07 41.32 6.69
N ILE C 255 -2.56 40.51 5.76
CA ILE C 255 -3.04 40.51 4.39
C ILE C 255 -3.73 39.19 4.03
N SER C 256 -4.70 39.26 3.12
CA SER C 256 -5.47 38.08 2.77
C SER C 256 -5.85 37.97 1.30
N ILE C 257 -6.47 36.84 0.98
CA ILE C 257 -6.93 36.48 -0.35
C ILE C 257 -8.26 35.77 -0.15
N ASP C 258 -9.26 36.07 -0.98
CA ASP C 258 -10.49 35.27 -0.95
C ASP C 258 -10.20 33.99 -1.69
N TYR C 259 -10.21 32.87 -0.97
CA TYR C 259 -10.03 31.58 -1.63
C TYR C 259 -11.28 30.70 -1.51
N ARG C 260 -12.13 30.79 -2.53
CA ARG C 260 -13.37 30.02 -2.61
C ARG C 260 -14.26 30.29 -1.40
N GLY C 261 -14.43 31.58 -1.10
CA GLY C 261 -15.29 32.01 0.00
C GLY C 261 -14.52 32.27 1.29
N TYR C 262 -13.50 31.45 1.55
CA TYR C 262 -12.65 31.58 2.72
C TYR C 262 -11.66 32.73 2.53
N ARG C 263 -11.14 33.26 3.63
CA ARG C 263 -10.03 34.21 3.53
C ARG C 263 -8.78 33.64 4.21
N VAL C 264 -7.70 33.57 3.43
CA VAL C 264 -6.44 32.99 3.91
C VAL C 264 -5.54 34.14 4.36
N TRP C 265 -5.15 34.14 5.63
CA TRP C 265 -4.37 35.26 6.18
C TRP C 265 -2.88 34.97 6.37
N GLU C 266 -2.06 35.97 6.10
CA GLU C 266 -0.63 35.89 6.35
C GLU C 266 -0.18 37.24 6.89
N ILE C 267 0.96 37.24 7.57
CA ILE C 267 1.67 38.46 7.95
C ILE C 267 2.18 39.10 6.65
N PRO C 268 2.01 40.44 6.52
CA PRO C 268 2.52 41.17 5.36
C PRO C 268 4.04 41.18 5.25
N PRO C 269 4.57 41.52 4.07
CA PRO C 269 5.99 41.65 3.79
C PRO C 269 6.91 42.18 4.90
N ASN C 270 8.19 41.89 4.69
CA ASN C 270 9.13 41.46 5.74
C ASN C 270 8.99 39.92 5.70
N GLY C 271 7.85 39.41 6.18
CA GLY C 271 7.51 37.99 6.10
C GLY C 271 7.14 37.53 4.69
N GLN C 272 7.30 36.22 4.43
CA GLN C 272 7.14 35.65 3.06
C GLN C 272 5.78 35.04 2.74
N GLY C 273 4.81 35.25 3.62
CA GLY C 273 3.47 34.66 3.50
C GLY C 273 2.78 35.01 2.20
N LEU C 274 3.13 36.20 1.70
CA LEU C 274 2.76 36.70 0.40
C LEU C 274 2.79 35.61 -0.66
N VAL C 275 3.84 34.79 -0.62
CA VAL C 275 4.06 33.76 -1.62
C VAL C 275 2.85 32.81 -1.67
N ALA C 276 2.50 32.25 -0.52
CA ALA C 276 1.31 31.40 -0.41
C ALA C 276 0.09 32.10 -1.02
N LEU C 277 -0.15 33.33 -0.58
CA LEU C 277 -1.29 34.12 -1.03
C LEU C 277 -1.33 34.29 -2.54
N GLU C 278 -0.20 34.68 -3.11
CA GLU C 278 -0.11 34.84 -4.54
C GLU C 278 -0.33 33.52 -5.26
N ALA C 279 0.21 32.44 -4.69
CA ALA C 279 0.08 31.12 -5.29
C ALA C 279 -1.36 30.64 -5.28
N LEU C 280 -2.03 30.81 -4.16
CA LEU C 280 -3.45 30.55 -4.08
C LEU C 280 -4.24 31.39 -5.08
N ASN C 281 -3.83 32.64 -5.25
CA ASN C 281 -4.51 33.54 -6.17
C ASN C 281 -4.37 33.15 -7.64
N ILE C 282 -3.21 32.60 -8.00
CA ILE C 282 -2.98 32.07 -9.35
C ILE C 282 -3.79 30.79 -9.55
N VAL C 283 -3.79 29.93 -8.54
CA VAL C 283 -4.39 28.62 -8.68
C VAL C 283 -5.92 28.69 -8.63
N LYS C 284 -6.42 29.73 -7.96
CA LYS C 284 -7.84 30.08 -7.81
C LYS C 284 -8.63 30.01 -9.10
N GLY C 285 -8.02 30.37 -10.22
CA GLY C 285 -8.68 30.41 -11.52
C GLY C 285 -9.00 29.05 -12.13
N PHE C 286 -8.35 28.00 -11.63
CA PHE C 286 -8.65 26.65 -12.07
C PHE C 286 -9.66 26.02 -11.14
N GLU C 287 -10.38 25.02 -11.64
CA GLU C 287 -11.23 24.18 -10.80
C GLU C 287 -10.48 22.87 -10.55
N PHE C 288 -10.89 22.11 -9.54
CA PHE C 288 -10.17 20.88 -9.19
C PHE C 288 -11.04 19.65 -9.01
N TYR C 289 -11.90 19.69 -7.99
CA TYR C 289 -12.83 18.59 -7.65
C TYR C 289 -12.19 17.42 -6.88
N HIS C 290 -11.12 16.83 -7.40
CA HIS C 290 -10.38 15.83 -6.60
C HIS C 290 -8.89 16.11 -6.44
N LYS C 291 -8.39 15.83 -5.23
CA LYS C 291 -7.01 16.10 -4.83
C LYS C 291 -5.95 15.24 -5.54
N ASP C 292 -6.15 13.92 -5.56
CA ASP C 292 -5.12 13.01 -6.04
C ASP C 292 -5.15 12.75 -7.55
N THR C 293 -5.08 13.82 -8.34
CA THR C 293 -4.91 13.70 -9.78
C THR C 293 -3.59 14.36 -10.15
N VAL C 294 -3.05 13.98 -11.31
CA VAL C 294 -1.86 14.63 -11.86
C VAL C 294 -2.13 16.11 -12.15
N ASP C 295 -3.32 16.40 -12.70
CA ASP C 295 -3.76 17.77 -12.99
C ASP C 295 -3.65 18.71 -11.79
N THR C 296 -4.19 18.26 -10.66
CA THR C 296 -4.20 19.02 -9.42
C THR C 296 -2.79 19.34 -8.94
N TYR C 297 -1.96 18.30 -8.77
CA TYR C 297 -0.58 18.51 -8.33
C TYR C 297 0.20 19.39 -9.30
N HIS C 298 -0.04 19.22 -10.60
CA HIS C 298 0.63 20.04 -11.60
C HIS C 298 0.30 21.53 -11.44
N LYS C 299 -0.99 21.85 -11.35
CA LYS C 299 -1.41 23.25 -11.19
C LYS C 299 -0.92 23.86 -9.88
N GLN C 300 -0.99 23.07 -8.82
CA GLN C 300 -0.46 23.45 -7.53
C GLN C 300 0.99 23.88 -7.68
N ILE C 301 1.83 22.93 -8.11
CA ILE C 301 3.27 23.10 -8.24
C ILE C 301 3.67 24.29 -9.13
N GLU C 302 2.98 24.46 -10.26
CA GLU C 302 3.30 25.53 -11.20
C GLU C 302 2.95 26.91 -10.66
N ALA C 303 1.79 27.01 -10.01
CA ALA C 303 1.39 28.26 -9.38
C ALA C 303 2.39 28.66 -8.29
N MET C 304 2.76 27.67 -7.46
CA MET C 304 3.71 27.91 -6.37
C MET C 304 5.03 28.42 -6.92
N LYS C 305 5.51 27.79 -7.99
CA LYS C 305 6.75 28.19 -8.64
C LYS C 305 6.70 29.67 -9.04
N LEU C 306 5.68 30.06 -9.78
CA LEU C 306 5.54 31.46 -10.20
C LEU C 306 5.52 32.46 -9.05
N ALA C 307 4.79 32.13 -7.99
CA ALA C 307 4.66 33.00 -6.80
C ALA C 307 5.92 33.07 -5.96
N PHE C 308 6.69 31.98 -5.94
CA PHE C 308 7.89 31.92 -5.14
C PHE C 308 9.04 32.74 -5.73
N VAL C 309 9.19 32.71 -7.05
CA VAL C 309 10.22 33.55 -7.69
C VAL C 309 9.85 35.03 -7.60
N ASP C 310 8.54 35.32 -7.56
CA ASP C 310 8.06 36.67 -7.30
C ASP C 310 8.38 37.09 -5.88
N GLY C 311 8.04 36.23 -4.92
CA GLY C 311 8.28 36.50 -3.51
C GLY C 311 9.75 36.71 -3.20
N MET C 312 10.62 35.94 -3.86
CA MET C 312 12.05 36.05 -3.64
C MET C 312 12.65 37.31 -4.29
N LYS C 313 11.99 37.82 -5.33
CA LYS C 313 12.44 39.03 -6.00
C LYS C 313 12.02 40.27 -5.24
N TYR C 314 10.77 40.32 -4.79
CA TYR C 314 10.19 41.59 -4.32
C TYR C 314 10.00 41.75 -2.82
N VAL C 315 9.90 40.63 -2.09
CA VAL C 315 9.51 40.69 -0.69
C VAL C 315 10.70 40.99 0.22
N THR C 316 10.55 42.08 0.97
CA THR C 316 11.55 42.56 1.92
C THR C 316 10.90 43.60 2.83
N GLU C 317 11.70 44.31 3.64
CA GLU C 317 11.22 45.46 4.41
C GLU C 317 10.38 46.35 3.49
N PRO C 318 9.11 46.61 3.88
CA PRO C 318 8.11 47.34 3.09
C PRO C 318 8.65 48.60 2.39
N SER C 319 9.51 49.35 3.09
CA SER C 319 10.09 50.61 2.58
C SER C 319 10.92 50.37 1.33
N ASP C 320 11.67 49.26 1.35
CA ASP C 320 12.63 48.91 0.31
C ASP C 320 12.02 48.04 -0.80
N MET C 321 10.71 47.80 -0.73
CA MET C 321 10.03 46.99 -1.73
C MET C 321 9.81 47.76 -3.02
N SER C 322 10.04 47.08 -4.15
CA SER C 322 9.99 47.72 -5.47
C SER C 322 8.57 47.85 -6.02
N VAL C 323 7.76 46.82 -5.80
CA VAL C 323 6.35 46.85 -6.15
C VAL C 323 5.56 46.78 -4.85
N SER C 324 4.24 46.93 -4.94
CA SER C 324 3.38 46.90 -3.75
C SER C 324 2.71 45.55 -3.54
N VAL C 325 2.31 45.28 -2.30
CA VAL C 325 1.58 44.07 -1.95
C VAL C 325 0.30 43.95 -2.79
N GLU C 326 -0.36 45.08 -2.98
CA GLU C 326 -1.64 45.16 -3.69
C GLU C 326 -1.53 44.77 -5.16
N GLN C 327 -0.37 45.02 -5.75
CA GLN C 327 -0.13 44.69 -7.15
C GLN C 327 0.11 43.18 -7.32
N LEU C 328 0.83 42.60 -6.37
CA LEU C 328 1.18 41.18 -6.43
C LEU C 328 -0.03 40.30 -6.16
N LEU C 329 -0.94 40.82 -5.35
CA LEU C 329 -2.11 40.08 -4.91
C LEU C 329 -3.37 40.37 -5.72
N SER C 330 -3.21 41.13 -6.81
CA SER C 330 -4.33 41.54 -7.66
C SER C 330 -4.75 40.42 -8.61
N ASP C 331 -6.06 40.38 -8.90
CA ASP C 331 -6.66 39.35 -9.74
C ASP C 331 -6.14 39.36 -11.17
N GLU C 332 -5.85 40.55 -11.70
CA GLU C 332 -5.35 40.65 -13.08
C GLU C 332 -3.89 40.24 -13.20
N TYR C 333 -3.12 40.40 -12.12
CA TYR C 333 -1.76 39.89 -12.09
C TYR C 333 -1.76 38.38 -11.94
N ALA C 334 -2.67 37.86 -11.12
CA ALA C 334 -2.88 36.43 -11.01
C ALA C 334 -3.11 35.88 -12.41
N THR C 335 -4.10 36.45 -13.10
CA THR C 335 -4.43 36.06 -14.47
C THR C 335 -3.22 36.09 -15.41
N GLU C 336 -2.38 37.11 -15.26
CA GLU C 336 -1.16 37.24 -16.07
C GLU C 336 -0.18 36.07 -15.89
N ARG C 337 0.03 35.67 -14.63
CA ARG C 337 0.94 34.59 -14.29
C ARG C 337 0.34 33.25 -14.67
N ARG C 338 -0.96 33.09 -14.41
CA ARG C 338 -1.70 31.87 -14.72
C ARG C 338 -1.69 31.54 -16.22
N LYS C 339 -1.50 32.56 -17.06
CA LYS C 339 -1.35 32.39 -18.50
C LYS C 339 -0.04 31.73 -18.88
N GLU C 340 0.95 31.81 -18.01
CA GLU C 340 2.24 31.15 -18.24
C GLU C 340 2.21 29.67 -17.87
N ILE C 341 1.18 29.24 -17.16
CA ILE C 341 0.97 27.83 -16.83
C ILE C 341 0.46 27.05 -18.05
N GLY C 342 1.30 26.17 -18.58
CA GLY C 342 0.93 25.35 -19.73
C GLY C 342 0.71 23.89 -19.38
N GLU C 343 1.04 23.00 -20.29
CA GLU C 343 0.97 21.58 -20.02
C GLU C 343 2.34 21.04 -19.64
N GLN C 344 3.38 21.70 -20.13
CA GLN C 344 4.74 21.33 -19.75
C GLN C 344 5.21 22.12 -18.55
N ALA C 345 6.08 21.51 -17.74
CA ALA C 345 6.61 22.12 -16.54
C ALA C 345 7.53 23.28 -16.90
N LEU C 346 7.12 24.48 -16.49
CA LEU C 346 7.83 25.70 -16.86
C LEU C 346 9.11 25.90 -16.04
N THR C 347 10.01 26.74 -16.57
CA THR C 347 11.15 27.23 -15.81
C THR C 347 10.70 28.57 -15.23
N PRO C 348 10.75 28.72 -13.90
CA PRO C 348 10.09 29.85 -13.25
C PRO C 348 10.87 31.16 -13.26
N GLU C 349 10.22 32.24 -13.68
CA GLU C 349 10.83 33.57 -13.74
C GLU C 349 9.94 34.60 -13.06
N PRO C 350 10.53 35.69 -12.50
CA PRO C 350 9.75 36.76 -11.89
C PRO C 350 8.88 37.52 -12.89
N GLY C 351 7.87 38.23 -12.38
CA GLY C 351 6.94 38.98 -13.22
C GLY C 351 7.10 40.49 -13.12
N THR C 352 5.98 41.18 -12.99
CA THR C 352 5.92 42.65 -13.03
C THR C 352 4.72 43.17 -12.21
N PRO C 353 4.42 44.50 -12.28
CA PRO C 353 3.08 44.95 -11.87
C PRO C 353 1.95 44.36 -12.73
N THR C 358 12.87 26.04 13.38
CA THR C 358 11.61 26.76 13.56
C THR C 358 10.67 25.94 14.44
N VAL C 359 9.85 26.61 15.23
CA VAL C 359 8.82 25.93 15.99
C VAL C 359 7.46 26.59 15.74
N TYR C 360 6.49 25.79 15.30
CA TYR C 360 5.14 26.30 15.11
C TYR C 360 4.22 25.78 16.21
N LEU C 361 3.16 26.52 16.46
CA LEU C 361 2.37 26.41 17.67
C LEU C 361 0.99 27.03 17.36
N ALA C 362 -0.08 26.35 17.80
CA ALA C 362 -1.44 26.90 17.68
C ALA C 362 -2.17 26.76 19.00
N THR C 363 -2.94 27.78 19.36
CA THR C 363 -3.74 27.74 20.56
C THR C 363 -5.12 28.33 20.30
N ALA C 364 -6.10 27.85 21.05
CA ALA C 364 -7.45 28.36 21.06
C ALA C 364 -8.06 28.15 22.44
N ASP C 365 -9.05 28.98 22.79
CA ASP C 365 -9.81 28.77 24.03
C ASP C 365 -11.32 28.84 23.81
N GLY C 366 -12.06 28.75 24.91
CA GLY C 366 -13.52 28.74 24.85
C GLY C 366 -14.15 30.09 24.56
N ASP C 367 -13.42 31.16 24.86
CA ASP C 367 -13.93 32.51 24.68
C ASP C 367 -13.66 33.05 23.28
N GLY C 368 -13.36 32.15 22.33
CA GLY C 368 -13.18 32.53 20.93
C GLY C 368 -11.83 33.14 20.56
N ASN C 369 -10.90 33.12 21.51
CA ASN C 369 -9.54 33.58 21.26
C ASN C 369 -8.75 32.46 20.60
N MET C 370 -7.92 32.85 19.63
CA MET C 370 -7.12 31.89 18.84
C MET C 370 -5.79 32.54 18.43
N VAL C 371 -4.71 31.76 18.47
CA VAL C 371 -3.42 32.27 17.97
C VAL C 371 -2.57 31.32 17.13
N SER C 372 -2.02 31.89 16.07
CA SER C 372 -1.03 31.28 15.20
C SER C 372 0.33 31.90 15.54
N PHE C 373 1.16 31.15 16.26
CA PHE C 373 2.46 31.64 16.72
C PHE C 373 3.62 30.81 16.17
N ILE C 374 4.67 31.50 15.77
CA ILE C 374 5.83 30.85 15.20
C ILE C 374 7.12 31.62 15.54
N GLN C 375 8.19 30.91 15.93
CA GLN C 375 9.49 31.53 16.17
C GLN C 375 10.68 30.64 15.75
N SER C 376 11.80 31.27 15.43
CA SER C 376 12.96 30.59 14.85
C SER C 376 14.28 31.33 15.04
N ASN C 377 15.33 30.53 15.18
CA ASN C 377 16.70 30.99 15.12
C ASN C 377 17.25 30.92 13.70
N TYR C 378 16.34 30.89 12.72
CA TYR C 378 16.62 30.56 11.32
C TYR C 378 17.20 29.15 11.16
N MET C 379 18.53 29.03 11.12
CA MET C 379 19.19 27.75 10.83
C MET C 379 19.49 26.94 12.09
N GLY C 380 18.55 26.08 12.46
CA GLY C 380 18.71 25.22 13.61
C GLY C 380 18.96 26.01 14.87
N PHE C 381 20.10 25.77 15.50
CA PHE C 381 20.53 26.51 16.71
C PHE C 381 20.85 27.98 16.42
N GLY C 382 20.94 28.33 15.14
CA GLY C 382 21.17 29.71 14.74
C GLY C 382 22.61 30.00 14.38
N SER C 383 23.10 31.15 14.85
CA SER C 383 24.44 31.63 14.55
C SER C 383 25.56 30.83 15.23
N GLY C 384 25.24 30.21 16.36
CA GLY C 384 26.23 29.50 17.15
C GLY C 384 26.78 30.37 18.25
N VAL C 385 26.50 31.66 18.13
CA VAL C 385 26.84 32.60 19.17
C VAL C 385 25.82 32.40 20.27
N VAL C 386 26.32 31.93 21.42
CA VAL C 386 25.54 31.91 22.64
C VAL C 386 26.22 32.87 23.61
N VAL C 387 25.47 33.86 24.12
CA VAL C 387 25.98 34.78 25.14
C VAL C 387 26.23 33.97 26.41
N PRO C 388 27.48 33.97 26.92
CA PRO C 388 27.92 32.99 27.92
C PRO C 388 27.10 33.01 29.19
N GLY C 389 26.77 31.81 29.67
CA GLY C 389 26.07 31.63 30.94
C GLY C 389 24.62 32.06 30.96
N THR C 390 24.10 32.47 29.82
CA THR C 390 22.70 32.91 29.77
C THR C 390 21.79 32.05 28.89
N GLY C 391 22.36 31.16 28.09
CA GLY C 391 21.56 30.28 27.24
C GLY C 391 20.81 31.00 26.14
N ILE C 392 21.24 32.22 25.82
CA ILE C 392 20.66 32.92 24.70
C ILE C 392 21.42 32.50 23.45
N ALA C 393 20.85 31.55 22.71
CA ALA C 393 21.41 31.16 21.43
C ALA C 393 20.92 32.19 20.42
N MET C 394 21.85 32.89 19.78
CA MET C 394 21.48 33.96 18.87
C MET C 394 21.14 33.44 17.50
N GLN C 395 20.05 33.96 16.92
CA GLN C 395 19.62 33.59 15.58
C GLN C 395 20.65 34.01 14.51
N ASN C 396 20.55 33.41 13.33
CA ASN C 396 21.35 33.84 12.18
C ASN C 396 20.53 34.38 11.01
N ARG C 397 19.39 34.99 11.33
CA ARG C 397 18.45 35.54 10.34
C ARG C 397 19.11 36.41 9.28
N GLY C 398 20.11 37.19 9.68
CA GLY C 398 20.84 38.10 8.76
C GLY C 398 21.34 37.45 7.47
N HIS C 399 21.57 36.14 7.53
CA HIS C 399 22.02 35.34 6.39
C HIS C 399 21.08 35.44 5.19
N ASN C 400 19.81 35.80 5.45
CA ASN C 400 18.80 35.96 4.38
C ASN C 400 18.99 37.21 3.50
N PHE C 401 19.83 38.13 3.96
CA PHE C 401 20.09 39.35 3.24
C PHE C 401 20.87 39.05 1.98
N SER C 402 20.60 39.81 0.93
CA SER C 402 21.31 39.73 -0.32
C SER C 402 22.43 40.77 -0.32
N LEU C 403 23.55 40.44 -0.94
CA LEU C 403 24.67 41.37 -1.05
C LEU C 403 24.82 41.90 -2.48
N ASP C 404 23.78 41.69 -3.27
CA ASP C 404 23.62 42.33 -4.56
C ASP C 404 22.83 43.61 -4.32
N PRO C 405 23.48 44.77 -4.55
CA PRO C 405 22.90 46.09 -4.23
C PRO C 405 21.64 46.41 -5.00
N ASN C 406 21.45 45.78 -6.15
CA ASN C 406 20.28 46.03 -6.99
C ASN C 406 19.07 45.18 -6.61
N HIS C 407 19.26 44.23 -5.70
CA HIS C 407 18.16 43.43 -5.16
C HIS C 407 17.44 44.19 -4.03
N ASP C 408 16.12 44.07 -3.98
CA ASP C 408 15.32 44.77 -2.97
C ASP C 408 15.61 44.35 -1.53
N ASN C 409 16.01 43.09 -1.35
CA ASN C 409 16.40 42.58 -0.06
C ASN C 409 17.91 42.71 0.16
N ALA C 410 18.47 43.82 -0.33
CA ALA C 410 19.87 44.15 -0.08
C ALA C 410 20.08 44.46 1.40
N LEU C 411 21.24 44.07 1.94
CA LEU C 411 21.56 44.36 3.34
C LEU C 411 21.72 45.86 3.56
N LYS C 412 21.01 46.34 4.56
CA LYS C 412 21.03 47.74 4.91
C LYS C 412 21.01 47.79 6.43
N PRO C 413 21.76 48.73 7.03
CA PRO C 413 21.74 48.83 8.49
C PRO C 413 20.34 49.20 8.96
N GLY C 414 19.87 48.58 10.04
CA GLY C 414 18.55 48.87 10.61
C GLY C 414 17.37 48.43 9.76
N LYS C 415 17.63 47.49 8.85
CA LYS C 415 16.60 46.94 7.98
C LYS C 415 16.37 45.48 8.37
N ARG C 416 15.13 45.03 8.28
CA ARG C 416 14.83 43.62 8.55
C ARG C 416 14.57 42.87 7.26
N THR C 417 15.05 41.63 7.21
CA THR C 417 15.11 40.87 5.96
C THR C 417 13.84 40.08 5.65
N TYR C 418 13.70 39.72 4.37
CA TYR C 418 12.87 38.62 3.93
C TYR C 418 12.91 37.51 4.98
N HIS C 419 11.76 37.19 5.54
CA HIS C 419 11.68 36.27 6.68
C HIS C 419 10.90 35.03 6.28
N THR C 420 11.41 33.85 6.63
CA THR C 420 10.81 32.60 6.20
C THR C 420 9.67 32.13 7.08
N ILE C 421 9.76 32.44 8.37
CA ILE C 421 8.71 32.22 9.38
C ILE C 421 7.37 32.87 9.04
N ILE C 422 6.31 32.07 8.90
CA ILE C 422 4.99 32.61 8.55
C ILE C 422 3.85 31.90 9.26
N PRO C 423 3.16 32.61 10.16
CA PRO C 423 1.98 32.02 10.76
C PRO C 423 0.75 32.30 9.89
N GLY C 424 -0.05 31.27 9.65
CA GLY C 424 -1.27 31.45 8.83
C GLY C 424 -2.54 31.50 9.66
N PHE C 425 -3.58 32.09 9.09
CA PHE C 425 -4.89 32.06 9.73
C PHE C 425 -5.98 31.96 8.68
N LEU C 426 -7.01 31.17 9.01
CA LEU C 426 -8.12 30.98 8.11
C LEU C 426 -9.38 31.58 8.72
N THR C 427 -10.20 32.15 7.84
CA THR C 427 -11.40 32.90 8.20
C THR C 427 -12.48 32.68 7.13
N LYS C 428 -13.74 32.59 7.56
CA LYS C 428 -14.86 32.52 6.61
C LYS C 428 -15.95 33.49 7.03
N ASN C 429 -16.26 34.45 6.15
CA ASN C 429 -17.29 35.47 6.37
C ASN C 429 -17.16 36.20 7.71
N ASP C 430 -15.97 36.73 7.96
CA ASP C 430 -15.63 37.43 9.21
C ASP C 430 -15.85 36.59 10.48
N GLN C 431 -15.93 35.27 10.29
CA GLN C 431 -15.92 34.34 11.40
C GLN C 431 -14.55 33.67 11.42
N PRO C 432 -13.95 33.50 12.62
CA PRO C 432 -12.64 32.86 12.68
C PRO C 432 -12.79 31.35 12.54
N ILE C 433 -12.00 30.72 11.68
CA ILE C 433 -12.01 29.27 11.69
C ILE C 433 -10.73 28.65 12.23
N GLY C 434 -9.57 29.31 12.08
CA GLY C 434 -8.43 28.91 12.88
C GLY C 434 -7.02 29.19 12.43
N PRO C 435 -6.03 28.97 13.32
CA PRO C 435 -4.61 29.04 13.02
C PRO C 435 -4.08 27.79 12.33
N PHE C 436 -3.12 27.99 11.45
CA PHE C 436 -2.36 26.90 10.85
C PHE C 436 -0.95 27.37 10.55
N GLY C 437 -0.07 26.42 10.34
CA GLY C 437 1.28 26.72 9.93
C GLY C 437 2.01 25.44 9.58
N VAL C 438 2.86 25.51 8.57
CA VAL C 438 3.77 24.42 8.29
C VAL C 438 5.20 24.90 8.27
N MET C 439 5.83 24.81 9.45
CA MET C 439 7.28 24.81 9.69
C MET C 439 8.17 24.36 8.51
N GLY C 440 9.36 24.94 8.38
CA GLY C 440 10.37 24.35 7.51
C GLY C 440 11.09 25.21 6.48
N GLY C 441 11.37 26.47 6.81
CA GLY C 441 12.17 27.33 5.94
C GLY C 441 11.46 27.73 4.66
N PHE C 442 12.00 27.31 3.52
CA PHE C 442 11.42 27.67 2.22
C PHE C 442 10.31 26.72 1.79
N MET C 443 10.10 25.66 2.56
CA MET C 443 8.93 24.80 2.41
C MET C 443 7.64 25.55 2.81
N GLN C 444 7.77 26.49 3.76
CA GLN C 444 6.62 27.10 4.45
C GLN C 444 5.43 27.55 3.54
N PRO C 445 5.69 28.42 2.55
CA PRO C 445 4.55 28.79 1.69
C PRO C 445 3.94 27.61 0.93
N GLN C 446 4.79 26.66 0.54
CA GLN C 446 4.35 25.47 -0.17
C GLN C 446 3.47 24.60 0.74
N GLY C 447 3.85 24.50 2.01
CA GLY C 447 3.04 23.79 2.97
C GLY C 447 1.73 24.48 3.22
N HIS C 448 1.78 25.81 3.27
CA HIS C 448 0.60 26.63 3.47
C HIS C 448 -0.37 26.43 2.32
N MET C 449 0.17 26.36 1.12
CA MET C 449 -0.66 26.15 -0.05
C MET C 449 -1.32 24.79 0.07
N GLN C 450 -0.54 23.80 0.48
CA GLN C 450 -1.02 22.43 0.52
C GLN C 450 -2.11 22.21 1.57
N VAL C 451 -1.88 22.62 2.82
CA VAL C 451 -2.94 22.48 3.84
C VAL C 451 -4.18 23.30 3.52
N MET C 452 -4.00 24.44 2.85
CA MET C 452 -5.15 25.25 2.47
C MET C 452 -6.02 24.55 1.44
N MET C 453 -5.39 24.00 0.41
CA MET C 453 -6.15 23.35 -0.63
C MET C 453 -6.74 22.06 -0.06
N ASN C 454 -5.95 21.35 0.74
CA ASN C 454 -6.43 20.13 1.42
C ASN C 454 -7.71 20.38 2.22
N THR C 455 -7.77 21.54 2.86
CA THR C 455 -8.90 21.91 3.68
C THR C 455 -10.07 22.49 2.87
N ILE C 456 -9.80 23.50 2.05
CA ILE C 456 -10.88 24.23 1.38
C ILE C 456 -11.36 23.52 0.12
N ASP C 457 -10.42 23.13 -0.73
CA ASP C 457 -10.74 22.44 -1.96
C ASP C 457 -11.17 20.99 -1.79
N PHE C 458 -10.53 20.28 -0.86
CA PHE C 458 -10.69 18.82 -0.85
C PHE C 458 -11.32 18.23 0.41
N GLY C 459 -11.61 19.11 1.37
CA GLY C 459 -12.42 18.73 2.52
C GLY C 459 -11.80 17.72 3.46
N LEU C 460 -10.49 17.81 3.62
CA LEU C 460 -9.79 16.97 4.58
C LEU C 460 -9.89 17.54 6.00
N ASN C 461 -10.00 16.68 7.00
CA ASN C 461 -9.95 17.14 8.38
C ASN C 461 -8.54 17.62 8.77
N PRO C 462 -8.43 18.37 9.88
CA PRO C 462 -7.12 18.90 10.27
C PRO C 462 -6.01 17.84 10.27
N GLN C 463 -6.30 16.66 10.79
CA GLN C 463 -5.28 15.62 10.89
C GLN C 463 -4.93 15.06 9.51
N ALA C 464 -5.92 14.53 8.82
CA ALA C 464 -5.79 14.11 7.43
C ALA C 464 -5.05 15.12 6.54
N ALA C 465 -5.33 16.40 6.71
CA ALA C 465 -4.65 17.45 5.95
C ALA C 465 -3.15 17.46 6.22
N LEU C 466 -2.77 17.22 7.48
CA LEU C 466 -1.37 17.07 7.87
C LEU C 466 -0.78 15.71 7.44
N ASP C 467 -1.58 14.64 7.48
CA ASP C 467 -1.15 13.30 7.05
C ASP C 467 -0.81 13.17 5.56
N ALA C 468 -1.49 13.98 4.74
CA ALA C 468 -1.39 13.94 3.28
C ALA C 468 0.03 14.07 2.79
N PRO C 469 0.40 13.27 1.76
CA PRO C 469 1.76 13.32 1.21
C PRO C 469 2.09 14.67 0.60
N ARG C 470 3.30 15.14 0.84
CA ARG C 470 3.68 16.47 0.46
C ARG C 470 4.71 16.52 -0.64
N TRP C 471 4.63 17.60 -1.42
CA TRP C 471 5.67 17.94 -2.38
C TRP C 471 6.33 19.26 -1.96
N GLN C 472 7.51 19.55 -2.51
CA GLN C 472 8.09 20.88 -2.40
C GLN C 472 9.04 21.19 -3.55
N TRP C 473 8.89 22.39 -4.11
CA TRP C 473 9.74 22.83 -5.17
C TRP C 473 11.03 23.42 -4.60
N THR C 474 12.16 23.13 -5.25
CA THR C 474 13.48 23.61 -4.84
C THR C 474 14.13 24.58 -5.84
N ASN C 475 14.64 24.04 -6.96
CA ASN C 475 15.51 24.81 -7.88
C ASN C 475 14.81 25.42 -9.08
N GLY C 476 14.55 24.61 -10.08
CA GLY C 476 14.02 25.11 -11.34
C GLY C 476 12.81 24.30 -11.75
N LYS C 477 13.07 23.12 -12.29
CA LYS C 477 12.02 22.16 -12.58
C LYS C 477 12.01 21.12 -11.48
N GLN C 478 12.99 21.23 -10.57
CA GLN C 478 13.22 20.32 -9.44
C GLN C 478 12.11 20.37 -8.38
N VAL C 479 11.46 19.22 -8.14
CA VAL C 479 10.43 19.11 -7.11
C VAL C 479 10.65 17.85 -6.32
N GLN C 480 10.86 17.99 -5.02
CA GLN C 480 10.98 16.84 -4.13
C GLN C 480 9.60 16.36 -3.71
N VAL C 481 9.45 15.04 -3.57
CA VAL C 481 8.22 14.46 -3.05
C VAL C 481 8.49 13.42 -1.96
N GLU C 482 7.47 13.11 -1.18
CA GLU C 482 7.58 12.15 -0.09
C GLU C 482 7.55 10.68 -0.58
N PRO C 483 8.12 9.73 0.20
CA PRO C 483 8.01 8.29 -0.11
C PRO C 483 6.55 7.84 -0.30
N THR C 484 5.64 8.52 0.39
CA THR C 484 4.23 8.22 0.37
C THR C 484 3.46 9.01 -0.71
N PHE C 485 4.16 9.88 -1.45
CA PHE C 485 3.57 10.52 -2.64
C PHE C 485 3.21 9.42 -3.63
N PRO C 486 2.00 9.49 -4.22
CA PRO C 486 1.53 8.45 -5.17
C PRO C 486 2.41 8.30 -6.43
N VAL C 487 2.95 7.10 -6.63
CA VAL C 487 4.01 6.84 -7.61
C VAL C 487 3.57 7.06 -9.06
N ASP C 488 2.36 6.61 -9.38
CA ASP C 488 1.83 6.81 -10.72
C ASP C 488 1.71 8.29 -11.07
N ILE C 489 1.18 9.08 -10.14
CA ILE C 489 1.12 10.52 -10.34
C ILE C 489 2.52 11.12 -10.51
N ALA C 490 3.45 10.69 -9.66
CA ALA C 490 4.83 11.17 -9.70
C ALA C 490 5.40 10.98 -11.09
N GLN C 491 5.21 9.79 -11.64
CA GLN C 491 5.75 9.45 -12.96
C GLN C 491 5.08 10.22 -14.10
N ALA C 492 3.80 10.54 -13.91
CA ALA C 492 3.06 11.34 -14.89
C ALA C 492 3.51 12.79 -14.85
N LEU C 493 3.97 13.24 -13.69
CA LEU C 493 4.55 14.57 -13.57
C LEU C 493 5.88 14.64 -14.29
N VAL C 494 6.69 13.57 -14.17
CA VAL C 494 7.98 13.49 -14.86
C VAL C 494 7.81 13.60 -16.38
N ARG C 495 6.82 12.88 -16.90
CA ARG C 495 6.48 12.94 -18.32
C ARG C 495 6.02 14.34 -18.77
N ARG C 496 5.51 15.14 -17.83
CA ARG C 496 5.16 16.53 -18.12
C ARG C 496 6.30 17.52 -17.82
N GLY C 497 7.52 17.02 -17.67
CA GLY C 497 8.71 17.89 -17.56
C GLY C 497 9.35 18.06 -16.19
N HIS C 498 8.61 17.71 -15.12
CA HIS C 498 9.09 17.92 -13.76
C HIS C 498 10.24 16.99 -13.41
N LYS C 499 11.26 17.54 -12.77
CA LYS C 499 12.38 16.75 -12.29
C LYS C 499 12.03 16.30 -10.87
N ILE C 500 11.18 15.28 -10.79
CA ILE C 500 10.68 14.76 -9.52
C ILE C 500 11.72 13.90 -8.82
N GLN C 501 11.97 14.17 -7.54
CA GLN C 501 12.84 13.32 -6.75
C GLN C 501 12.15 12.90 -5.46
N VAL C 502 12.05 11.58 -5.26
CA VAL C 502 11.54 11.03 -4.02
C VAL C 502 12.64 11.20 -2.95
N VAL C 503 12.28 11.89 -1.87
CA VAL C 503 13.22 12.17 -0.77
C VAL C 503 12.90 11.35 0.47
N LEU C 504 13.89 10.62 0.93
CA LEU C 504 13.71 9.66 2.00
C LEU C 504 13.87 10.29 3.38
N ASP C 505 14.55 11.43 3.43
CA ASP C 505 14.79 12.19 4.66
C ASP C 505 13.54 12.45 5.47
N GLU C 506 13.58 12.05 6.74
CA GLU C 506 12.50 12.35 7.67
C GLU C 506 12.59 13.84 8.07
N GLY C 507 11.46 14.52 8.11
CA GLY C 507 11.42 15.91 8.55
C GLY C 507 11.83 16.95 7.51
N ALA C 508 12.13 16.51 6.30
CA ALA C 508 12.47 17.42 5.23
C ALA C 508 11.24 18.09 4.63
N PHE C 509 10.06 17.57 4.97
CA PHE C 509 8.79 18.10 4.46
C PHE C 509 7.96 18.89 5.49
N GLY C 510 8.64 19.35 6.54
CA GLY C 510 8.09 20.27 7.52
C GLY C 510 7.23 19.66 8.61
N ARG C 511 6.85 20.53 9.56
CA ARG C 511 5.96 20.15 10.65
C ARG C 511 4.75 21.08 10.70
N GLY C 512 3.56 20.50 10.74
CA GLY C 512 2.34 21.31 10.74
C GLY C 512 1.52 21.17 12.01
N GLN C 513 0.75 22.20 12.34
CA GLN C 513 -0.32 22.08 13.34
C GLN C 513 -1.55 22.83 12.85
N ILE C 514 -2.71 22.29 13.18
CA ILE C 514 -3.98 22.89 12.80
C ILE C 514 -4.97 22.82 13.96
N ILE C 515 -5.61 23.95 14.25
CA ILE C 515 -6.84 23.98 15.05
C ILE C 515 -7.94 24.67 14.25
N TRP C 516 -9.03 23.97 13.96
CA TRP C 516 -10.21 24.58 13.35
C TRP C 516 -11.32 24.75 14.39
N ARG C 517 -12.08 25.82 14.27
CA ARG C 517 -13.20 26.08 15.16
C ARG C 517 -14.47 26.20 14.34
N ASP C 518 -15.47 25.39 14.68
CA ASP C 518 -16.77 25.44 14.03
C ASP C 518 -17.46 26.71 14.48
N PRO C 519 -17.81 27.62 13.54
CA PRO C 519 -18.39 28.91 13.92
C PRO C 519 -19.77 28.82 14.57
N THR C 520 -20.52 27.78 14.23
CA THR C 520 -21.85 27.54 14.78
C THR C 520 -21.75 26.99 16.21
N THR C 521 -21.27 25.75 16.34
CA THR C 521 -21.24 25.07 17.64
C THR C 521 -20.07 25.45 18.55
N GLY C 522 -18.98 25.90 17.96
CA GLY C 522 -17.83 26.33 18.75
C GLY C 522 -16.86 25.22 19.12
N VAL C 523 -17.08 24.02 18.61
CA VAL C 523 -16.21 22.89 18.92
C VAL C 523 -14.87 22.99 18.17
N LEU C 524 -13.77 22.74 18.89
CA LEU C 524 -12.42 22.83 18.35
C LEU C 524 -11.91 21.48 17.86
N ALA C 525 -11.43 21.44 16.62
CA ALA C 525 -10.91 20.21 16.04
C ALA C 525 -9.45 20.40 15.67
N GLY C 526 -8.59 19.56 16.24
CA GLY C 526 -7.15 19.71 16.06
C GLY C 526 -6.45 18.60 15.30
N GLY C 527 -5.38 18.96 14.62
CA GLY C 527 -4.49 17.97 13.99
C GLY C 527 -3.05 18.27 14.39
N THR C 528 -2.24 17.24 14.57
CA THR C 528 -0.82 17.46 14.84
C THR C 528 0.07 16.77 13.82
N GLU C 529 1.31 17.23 13.72
CA GLU C 529 2.28 16.70 12.76
C GLU C 529 2.66 15.25 13.08
N PRO C 530 2.28 14.30 12.20
CA PRO C 530 2.62 12.90 12.47
C PRO C 530 4.10 12.57 12.24
N ARG C 531 4.79 13.33 11.39
CA ARG C 531 6.22 13.07 11.12
C ARG C 531 7.20 13.30 12.28
N THR C 532 6.72 13.82 13.41
CA THR C 532 7.59 14.17 14.54
C THR C 532 6.89 13.87 15.88
N ASP C 533 7.60 14.08 17.00
CA ASP C 533 6.99 14.04 18.33
C ASP C 533 6.12 15.29 18.45
N GLY C 534 4.98 15.19 19.11
CA GLY C 534 4.13 16.36 19.18
C GLY C 534 2.75 16.01 19.66
N GLN C 535 1.90 17.02 19.85
CA GLN C 535 0.64 16.77 20.50
C GLN C 535 -0.37 17.85 20.15
N VAL C 536 -1.62 17.43 19.98
CA VAL C 536 -2.75 18.33 20.15
C VAL C 536 -3.31 17.89 21.46
N ALA C 537 -3.52 18.83 22.37
CA ALA C 537 -4.07 18.50 23.69
C ALA C 537 -5.28 19.38 24.00
N ALA C 538 -6.28 18.76 24.62
CA ALA C 538 -7.51 19.44 25.01
C ALA C 538 -7.44 19.88 26.46
N TRP C 539 -8.18 20.94 26.80
CA TRP C 539 -8.43 21.30 28.19
C TRP C 539 -9.92 21.60 28.40
N GLU C 540 -10.52 21.09 29.49
CA GLU C 540 -11.96 21.28 29.73
C GLU C 540 -12.41 21.87 31.07
N GLY C 541 -11.52 22.57 31.77
CA GLY C 541 -11.86 23.22 33.06
C GLY C 541 -12.53 24.58 32.91
N HIS C 542 -12.38 25.45 33.92
CA HIS C 542 -13.01 26.78 33.89
C HIS C 542 -12.07 28.00 33.91
N MET D 4 -20.46 20.18 5.65
CA MET D 4 -19.27 21.06 5.82
C MET D 4 -18.05 20.58 5.03
N PHE D 5 -16.87 20.75 5.60
CA PHE D 5 -15.63 20.51 4.85
C PHE D 5 -14.65 19.50 5.47
N ASP D 6 -15.14 18.68 6.40
CA ASP D 6 -14.39 17.48 6.85
C ASP D 6 -15.22 16.35 7.49
N PRO D 7 -15.08 15.11 6.97
CA PRO D 7 -15.75 13.98 7.60
C PRO D 7 -14.91 13.19 8.62
N GLN D 8 -15.02 11.88 8.55
CA GLN D 8 -14.35 10.94 9.43
C GLN D 8 -13.49 10.07 8.50
N SER D 9 -13.04 10.70 7.41
CA SER D 9 -12.27 10.07 6.38
C SER D 9 -10.76 10.25 6.63
N TYR D 10 -10.02 9.17 6.47
CA TYR D 10 -8.57 9.20 6.58
C TYR D 10 -7.95 8.46 5.40
N PRO D 11 -7.81 9.15 4.26
CA PRO D 11 -7.39 8.48 3.03
C PRO D 11 -5.94 8.05 3.04
N TYR D 12 -5.15 8.61 3.95
CA TYR D 12 -3.71 8.42 3.96
C TYR D 12 -3.22 7.77 5.25
N PRO D 13 -2.11 7.02 5.18
CA PRO D 13 -1.60 6.44 6.41
C PRO D 13 -0.90 7.50 7.27
N SER D 14 -0.94 7.33 8.59
CA SER D 14 -0.32 8.25 9.52
C SER D 14 0.81 7.59 10.34
N ARG D 15 1.55 8.40 11.09
CA ARG D 15 2.68 7.92 11.88
CA ARG D 15 2.66 7.89 11.90
C ARG D 15 2.53 8.33 13.36
N ARG D 16 2.73 7.38 14.26
CA ARG D 16 2.78 7.66 15.68
C ARG D 16 4.16 7.28 16.19
N ASN D 17 4.96 8.27 16.53
CA ASN D 17 6.27 8.01 17.15
C ASN D 17 6.11 7.49 18.58
N VAL D 18 7.04 6.64 19.01
CA VAL D 18 7.09 6.15 20.39
C VAL D 18 7.26 7.35 21.30
N VAL D 19 6.50 7.37 22.38
CA VAL D 19 6.57 8.45 23.36
C VAL D 19 7.56 8.08 24.48
N TYR D 20 8.45 9.03 24.81
CA TYR D 20 9.46 8.82 25.86
C TYR D 20 9.29 9.69 27.11
N ALA D 21 9.55 9.08 28.27
CA ALA D 21 9.47 9.79 29.55
C ALA D 21 10.40 9.19 30.59
N LYS D 22 10.53 9.89 31.71
CA LYS D 22 11.36 9.41 32.80
C LYS D 22 10.59 9.40 34.10
N ASN D 23 9.92 10.51 34.39
CA ASN D 23 9.30 10.68 35.71
C ASN D 23 7.84 10.20 35.79
N GLY D 24 7.22 9.96 34.64
CA GLY D 24 5.85 9.50 34.62
C GLY D 24 5.25 9.37 33.25
N MET D 25 4.37 8.39 33.11
CA MET D 25 3.71 8.11 31.84
C MET D 25 2.34 7.49 32.05
N VAL D 26 1.36 7.98 31.31
CA VAL D 26 0.02 7.42 31.36
C VAL D 26 -0.40 7.11 29.93
N ALA D 27 -0.95 5.91 29.73
CA ALA D 27 -1.37 5.47 28.43
C ALA D 27 -2.75 4.82 28.52
N THR D 28 -3.71 5.46 27.87
CA THR D 28 -5.09 4.99 27.89
C THR D 28 -5.91 5.46 26.67
N SER D 29 -7.15 4.99 26.61
CA SER D 29 -8.01 5.18 25.47
C SER D 29 -8.80 6.49 25.47
N GLN D 30 -8.56 7.37 26.44
CA GLN D 30 -9.24 8.67 26.42
C GLN D 30 -8.28 9.75 26.85
N PRO D 31 -7.98 10.72 25.97
CA PRO D 31 -6.88 11.67 26.19
C PRO D 31 -7.02 12.48 27.49
N LEU D 32 -8.24 12.89 27.80
CA LEU D 32 -8.55 13.55 29.07
C LEU D 32 -8.40 12.62 30.28
N ALA D 33 -8.52 11.32 30.08
CA ALA D 33 -8.29 10.36 31.16
C ALA D 33 -6.80 10.28 31.46
N ALA D 34 -6.00 10.19 30.40
CA ALA D 34 -4.55 10.27 30.53
C ALA D 34 -4.15 11.57 31.24
N GLN D 35 -4.84 12.65 30.88
CA GLN D 35 -4.62 13.95 31.49
C GLN D 35 -4.84 13.94 33.00
N ALA D 36 -5.84 13.16 33.45
CA ALA D 36 -6.13 13.00 34.86
C ALA D 36 -4.96 12.36 35.61
N GLY D 37 -4.44 11.27 35.07
CA GLY D 37 -3.30 10.58 35.67
C GLY D 37 -2.06 11.45 35.72
N LEU D 38 -1.89 12.31 34.72
CA LEU D 38 -0.82 13.29 34.72
C LEU D 38 -0.99 14.33 35.81
N ASP D 39 -2.21 14.85 35.97
CA ASP D 39 -2.51 15.84 37.00
C ASP D 39 -2.29 15.28 38.41
N ILE D 40 -2.52 13.98 38.56
CA ILE D 40 -2.34 13.35 39.86
C ILE D 40 -0.87 13.13 40.14
N LEU D 41 -0.13 12.77 39.11
CA LEU D 41 1.33 12.68 39.19
C LEU D 41 1.89 14.05 39.60
N LYS D 42 1.37 15.12 38.99
CA LYS D 42 1.70 16.51 39.35
C LYS D 42 1.50 16.82 40.83
N ALA D 43 0.36 16.42 41.36
CA ALA D 43 0.01 16.73 42.74
C ALA D 43 0.61 15.73 43.73
N GLY D 44 1.71 15.09 43.35
CA GLY D 44 2.47 14.24 44.24
C GLY D 44 2.12 12.77 44.22
N GLY D 45 1.25 12.37 43.30
CA GLY D 45 0.78 10.99 43.21
C GLY D 45 1.77 10.10 42.48
N ASN D 46 1.74 8.81 42.80
CA ASN D 46 2.56 7.84 42.11
C ASN D 46 1.74 7.10 41.04
N ALA D 47 2.32 6.10 40.41
CA ALA D 47 1.70 5.40 39.29
C ALA D 47 0.36 4.77 39.67
N ILE D 48 0.25 4.30 40.91
CA ILE D 48 -0.98 3.71 41.42
C ILE D 48 -2.06 4.78 41.51
N ASP D 49 -1.71 5.90 42.16
CA ASP D 49 -2.63 7.03 42.25
C ASP D 49 -3.13 7.39 40.86
N ALA D 50 -2.18 7.57 39.93
CA ALA D 50 -2.51 7.93 38.53
C ALA D 50 -3.44 6.92 37.85
N ALA D 51 -3.25 5.64 38.15
CA ALA D 51 -4.06 4.59 37.59
C ALA D 51 -5.51 4.76 38.05
N ILE D 52 -5.68 5.01 39.35
CA ILE D 52 -7.01 5.25 39.93
C ILE D 52 -7.61 6.51 39.33
N ALA D 53 -6.80 7.56 39.18
CA ALA D 53 -7.27 8.80 38.58
C ALA D 53 -7.86 8.54 37.19
N THR D 54 -7.08 7.85 36.37
CA THR D 54 -7.45 7.52 35.02
C THR D 54 -8.64 6.56 34.93
N ALA D 55 -8.72 5.61 35.87
CA ALA D 55 -9.78 4.61 35.83
C ALA D 55 -11.11 5.27 36.10
N THR D 56 -11.16 6.06 37.18
CA THR D 56 -12.37 6.76 37.58
C THR D 56 -12.75 7.81 36.55
N ALA D 57 -11.75 8.43 35.93
CA ALA D 57 -11.99 9.37 34.84
C ALA D 57 -12.71 8.70 33.67
N LEU D 58 -12.24 7.51 33.31
CA LEU D 58 -12.80 6.70 32.21
C LEU D 58 -14.25 6.32 32.45
N THR D 59 -14.60 6.22 33.73
CA THR D 59 -15.95 5.92 34.17
C THR D 59 -16.94 6.99 33.69
N VAL D 60 -16.43 8.20 33.51
CA VAL D 60 -17.24 9.32 33.05
C VAL D 60 -16.99 9.59 31.57
N LEU D 61 -15.74 9.41 31.13
CA LEU D 61 -15.29 9.84 29.81
C LEU D 61 -15.56 8.85 28.68
N GLU D 62 -15.66 7.58 29.04
CA GLU D 62 -15.99 6.53 28.06
C GLU D 62 -17.07 5.57 28.60
N PRO D 63 -18.32 6.05 28.74
CA PRO D 63 -19.38 5.25 29.37
C PRO D 63 -19.84 4.07 28.52
N THR D 64 -19.37 4.03 27.29
CA THR D 64 -19.73 2.96 26.38
C THR D 64 -18.94 1.69 26.67
N SER D 65 -17.94 1.77 27.54
CA SER D 65 -17.03 0.65 27.78
C SER D 65 -16.84 0.35 29.27
N ASN D 66 -17.67 0.96 30.09
CA ASN D 66 -17.27 1.19 31.45
C ASN D 66 -18.41 1.64 32.31
N GLY D 67 -18.17 1.68 33.62
CA GLY D 67 -19.11 2.27 34.56
C GLY D 67 -18.60 2.22 35.98
N ILE D 68 -19.28 2.92 36.88
CA ILE D 68 -18.98 2.85 38.30
C ILE D 68 -19.42 1.47 38.80
N GLY D 69 -20.44 0.92 38.14
CA GLY D 69 -20.88 -0.45 38.42
C GLY D 69 -20.09 -1.54 37.72
N SER D 70 -18.83 -1.25 37.40
CA SER D 70 -17.92 -2.23 36.79
C SER D 70 -17.24 -3.08 37.83
N ASP D 71 -16.59 -4.16 37.41
CA ASP D 71 -15.48 -4.66 38.22
C ASP D 71 -14.14 -4.41 37.54
N ALA D 72 -13.05 -4.62 38.27
CA ALA D 72 -11.71 -4.24 37.82
C ALA D 72 -10.64 -5.30 38.10
N PHE D 73 -9.49 -5.16 37.46
CA PHE D 73 -8.32 -6.03 37.72
C PHE D 73 -7.05 -5.21 37.60
N ALA D 74 -6.01 -5.59 38.36
CA ALA D 74 -4.73 -4.87 38.30
C ALA D 74 -3.52 -5.74 38.57
N LEU D 75 -2.46 -5.48 37.79
CA LEU D 75 -1.13 -5.95 38.12
C LEU D 75 -0.30 -4.72 38.42
N VAL D 76 0.11 -4.59 39.67
CA VAL D 76 0.88 -3.41 40.09
C VAL D 76 2.27 -3.79 40.55
N TRP D 77 3.28 -3.14 39.97
CA TRP D 77 4.66 -3.35 40.39
C TRP D 77 5.10 -2.19 41.24
N THR D 78 5.43 -2.51 42.48
CA THR D 78 5.86 -1.50 43.43
C THR D 78 6.75 -2.18 44.47
N LYS D 79 7.82 -1.47 44.86
CA LYS D 79 8.85 -1.96 45.80
C LYS D 79 9.44 -3.30 45.35
N GLY D 80 9.84 -3.36 44.07
CA GLY D 80 10.46 -4.57 43.50
C GLY D 80 9.65 -5.86 43.50
N LYS D 81 8.33 -5.75 43.56
CA LYS D 81 7.44 -6.91 43.67
C LYS D 81 6.18 -6.71 42.83
N LEU D 82 5.77 -7.77 42.13
CA LEU D 82 4.55 -7.71 41.36
C LEU D 82 3.37 -8.18 42.20
N HIS D 83 2.33 -7.35 42.25
CA HIS D 83 1.10 -7.68 42.99
C HIS D 83 -0.12 -7.80 42.09
N GLY D 84 -1.03 -8.71 42.42
CA GLY D 84 -2.25 -8.88 41.61
C GLY D 84 -3.52 -8.60 42.37
N LEU D 85 -4.36 -7.70 41.84
CA LEU D 85 -5.61 -7.36 42.51
C LEU D 85 -6.82 -7.90 41.75
N ASN D 86 -7.59 -8.73 42.43
CA ASN D 86 -8.79 -9.30 41.85
C ASN D 86 -10.00 -8.51 42.31
N GLY D 87 -10.35 -7.48 41.57
CA GLY D 87 -11.51 -6.71 41.91
C GLY D 87 -12.77 -7.21 41.24
N SER D 88 -12.88 -8.52 41.05
CA SER D 88 -14.06 -9.12 40.43
C SER D 88 -15.05 -9.50 41.50
N GLY D 89 -16.28 -9.01 41.38
CA GLY D 89 -17.31 -9.31 42.34
C GLY D 89 -18.02 -10.63 42.06
N ARG D 90 -18.59 -11.22 43.10
CA ARG D 90 -19.26 -12.50 42.95
C ARG D 90 -20.75 -12.35 42.65
N ALA D 91 -21.40 -13.46 42.29
CA ALA D 91 -22.82 -13.49 41.95
C ALA D 91 -23.65 -13.31 43.21
N PRO D 92 -24.84 -12.71 43.07
CA PRO D 92 -25.78 -12.57 44.19
C PRO D 92 -26.08 -13.90 44.86
N MET D 93 -26.29 -13.84 46.18
CA MET D 93 -26.44 -15.06 46.97
C MET D 93 -27.79 -15.73 46.73
N SER D 94 -28.74 -14.97 46.18
CA SER D 94 -30.03 -15.52 45.79
C SER D 94 -30.08 -16.00 44.32
N LEU D 95 -28.99 -15.79 43.58
CA LEU D 95 -28.93 -16.18 42.16
C LEU D 95 -28.44 -17.61 42.02
N THR D 96 -29.37 -18.54 41.83
CA THR D 96 -29.04 -19.94 41.65
C THR D 96 -29.44 -20.40 40.26
N MET D 97 -28.94 -21.58 39.88
CA MET D 97 -29.20 -22.16 38.57
C MET D 97 -30.67 -22.49 38.39
N GLU D 98 -31.30 -23.02 39.44
CA GLU D 98 -32.70 -23.43 39.37
C GLU D 98 -33.69 -22.28 39.53
N ALA D 99 -33.23 -21.16 40.09
CA ALA D 99 -34.07 -19.96 40.19
C ALA D 99 -34.24 -19.31 38.82
N VAL D 100 -33.16 -19.31 38.04
CA VAL D 100 -33.19 -18.75 36.69
C VAL D 100 -33.74 -19.76 35.68
N LYS D 101 -33.57 -21.05 35.97
CA LYS D 101 -34.17 -22.14 35.18
C LYS D 101 -35.69 -22.03 35.20
N ALA D 102 -36.24 -21.72 36.37
CA ALA D 102 -37.68 -21.61 36.56
C ALA D 102 -38.29 -20.34 35.97
N LYS D 103 -37.45 -19.48 35.42
CA LYS D 103 -37.92 -18.19 34.91
C LYS D 103 -37.92 -18.15 33.38
N GLY D 104 -37.57 -19.27 32.74
CA GLY D 104 -37.62 -19.37 31.29
C GLY D 104 -36.30 -19.67 30.61
N TYR D 105 -35.24 -19.04 31.10
CA TYR D 105 -33.90 -19.20 30.51
C TYR D 105 -33.20 -20.44 31.05
N GLU D 106 -32.69 -21.28 30.15
CA GLU D 106 -31.95 -22.47 30.58
C GLU D 106 -30.69 -22.72 29.73
N GLN D 107 -30.57 -22.00 28.62
CA GLN D 107 -29.38 -22.08 27.79
C GLN D 107 -28.28 -21.18 28.36
N GLU D 108 -28.54 -19.88 28.33
CA GLU D 108 -27.70 -18.89 28.99
C GLU D 108 -28.61 -17.80 29.55
N LEU D 109 -28.21 -17.16 30.63
CA LEU D 109 -29.03 -16.10 31.22
C LEU D 109 -29.01 -14.83 30.35
N PRO D 110 -30.04 -13.96 30.47
CA PRO D 110 -30.20 -12.85 29.53
C PRO D 110 -29.06 -11.84 29.61
N PRO D 111 -28.73 -11.21 28.48
CA PRO D 111 -27.67 -10.21 28.48
C PRO D 111 -28.02 -8.93 29.25
N TYR D 112 -29.32 -8.64 29.37
CA TYR D 112 -29.75 -7.36 29.91
C TYR D 112 -30.78 -7.47 31.04
N GLY D 113 -30.90 -6.43 31.84
CA GLY D 113 -31.82 -6.45 32.97
C GLY D 113 -31.13 -6.73 34.29
N VAL D 114 -31.91 -7.06 35.31
CA VAL D 114 -31.37 -7.17 36.65
C VAL D 114 -30.73 -8.52 36.90
N ILE D 115 -31.01 -9.45 35.99
CA ILE D 115 -30.61 -10.85 36.17
C ILE D 115 -29.09 -11.14 36.05
N PRO D 116 -28.40 -10.60 35.01
CA PRO D 116 -26.98 -10.91 34.86
C PRO D 116 -26.02 -10.03 35.67
N VAL D 117 -26.57 -9.19 36.55
CA VAL D 117 -25.75 -8.29 37.37
C VAL D 117 -25.07 -9.02 38.54
N THR D 118 -23.74 -8.97 38.58
CA THR D 118 -22.96 -9.43 39.73
C THR D 118 -22.47 -8.20 40.51
N VAL D 119 -21.95 -8.38 41.72
CA VAL D 119 -21.51 -7.22 42.50
C VAL D 119 -20.37 -6.49 41.79
N PRO D 120 -20.55 -5.17 41.55
CA PRO D 120 -19.51 -4.32 40.98
C PRO D 120 -18.32 -4.24 41.91
N GLY D 121 -17.18 -4.79 41.47
CA GLY D 121 -15.97 -4.79 42.30
C GLY D 121 -15.00 -3.62 42.17
N ALA D 122 -15.18 -2.80 41.13
CA ALA D 122 -14.23 -1.73 40.80
C ALA D 122 -14.08 -0.63 41.86
N PRO D 123 -15.19 -0.08 42.38
CA PRO D 123 -14.99 0.95 43.40
C PRO D 123 -14.17 0.47 44.60
N GLY D 124 -14.38 -0.76 45.03
CA GLY D 124 -13.59 -1.34 46.13
C GLY D 124 -12.14 -1.53 45.74
N ALA D 125 -11.92 -1.95 44.50
CA ALA D 125 -10.57 -2.08 43.95
C ALA D 125 -9.84 -0.75 43.93
N TRP D 126 -10.56 0.33 43.63
CA TRP D 126 -9.97 1.66 43.67
C TRP D 126 -9.44 1.95 45.06
N ALA D 127 -10.33 1.85 46.05
CA ALA D 127 -10.01 2.15 47.45
C ALA D 127 -8.83 1.33 48.00
N GLU D 128 -8.88 0.01 47.81
CA GLU D 128 -7.81 -0.88 48.25
C GLU D 128 -6.47 -0.58 47.58
N LEU D 129 -6.52 -0.17 46.32
CA LEU D 129 -5.32 0.19 45.58
C LEU D 129 -4.70 1.44 46.19
N ALA D 130 -5.56 2.40 46.55
CA ALA D 130 -5.14 3.67 47.15
C ALA D 130 -4.56 3.46 48.52
N LYS D 131 -5.31 2.76 49.36
CA LYS D 131 -4.92 2.46 50.73
C LYS D 131 -3.57 1.76 50.80
N MET D 132 -3.37 0.78 49.94
CA MET D 132 -2.20 -0.08 50.07
C MET D 132 -0.94 0.48 49.43
N TYR D 133 -1.07 1.10 48.26
CA TYR D 133 0.13 1.51 47.50
C TYR D 133 0.10 2.93 46.94
N GLY D 134 -0.96 3.68 47.19
CA GLY D 134 -1.03 5.07 46.72
C GLY D 134 -0.51 6.09 47.71
N ASN D 135 -0.19 7.29 47.24
CA ASN D 135 0.28 8.37 48.09
C ASN D 135 -0.84 9.32 48.51
N LEU D 136 -1.84 9.45 47.65
CA LEU D 136 -2.90 10.42 47.83
C LEU D 136 -4.18 9.78 48.34
N PRO D 137 -5.01 10.56 49.05
CA PRO D 137 -6.31 10.02 49.43
C PRO D 137 -7.20 9.93 48.19
N LEU D 138 -8.14 8.99 48.23
CA LEU D 138 -9.07 8.72 47.13
C LEU D 138 -9.73 9.98 46.58
N ALA D 139 -10.02 10.93 47.48
CA ALA D 139 -10.67 12.20 47.11
C ALA D 139 -9.80 13.12 46.26
N ALA D 140 -8.49 12.98 46.37
CA ALA D 140 -7.57 13.73 45.51
C ALA D 140 -7.53 13.07 44.16
N SER D 141 -7.34 11.75 44.18
CA SER D 141 -7.05 11.02 42.95
C SER D 141 -8.29 10.88 42.09
N LEU D 142 -9.48 10.95 42.67
CA LEU D 142 -10.66 10.93 41.79
C LEU D 142 -11.41 12.26 41.62
N ALA D 143 -10.72 13.35 41.94
CA ALA D 143 -11.27 14.70 41.76
C ALA D 143 -11.45 15.14 40.30
N PRO D 144 -10.47 14.86 39.41
CA PRO D 144 -10.69 15.22 38.00
C PRO D 144 -11.89 14.51 37.41
N ALA D 145 -12.07 13.25 37.76
CA ALA D 145 -13.23 12.46 37.35
C ALA D 145 -14.52 13.16 37.73
N ILE D 146 -14.57 13.69 38.95
CA ILE D 146 -15.71 14.47 39.47
C ILE D 146 -15.88 15.76 38.69
N ARG D 147 -14.78 16.46 38.48
CA ARG D 147 -14.79 17.70 37.71
C ARG D 147 -15.35 17.50 36.31
N TYR D 148 -15.00 16.37 35.69
CA TYR D 148 -15.47 16.08 34.33
C TYR D 148 -16.95 15.77 34.33
N ALA D 149 -17.41 15.05 35.36
CA ALA D 149 -18.80 14.67 35.42
C ALA D 149 -19.72 15.88 35.63
N GLU D 150 -19.27 16.82 36.46
CA GLU D 150 -20.05 18.03 36.77
C GLU D 150 -20.06 19.05 35.65
N GLU D 151 -18.89 19.32 35.09
CA GLU D 151 -18.74 20.35 34.07
C GLU D 151 -19.06 19.84 32.69
N GLY D 152 -18.76 18.56 32.44
CA GLY D 152 -19.06 17.94 31.15
C GLY D 152 -17.92 17.94 30.16
N TYR D 153 -18.08 17.16 29.09
CA TYR D 153 -17.06 17.06 28.03
C TYR D 153 -17.66 16.90 26.63
N PRO D 154 -16.97 17.44 25.60
CA PRO D 154 -17.40 17.23 24.21
C PRO D 154 -17.17 15.81 23.75
N VAL D 155 -18.18 15.22 23.12
CA VAL D 155 -18.15 13.83 22.69
C VAL D 155 -17.38 13.66 21.37
N THR D 156 -16.38 12.79 21.38
CA THR D 156 -15.60 12.52 20.18
C THR D 156 -16.40 11.62 19.22
N PRO D 157 -16.14 11.71 17.89
CA PRO D 157 -16.83 10.94 16.86
C PRO D 157 -16.92 9.43 17.11
N THR D 158 -15.82 8.85 17.60
CA THR D 158 -15.76 7.41 17.86
C THR D 158 -16.69 7.02 19.01
N LEU D 159 -16.59 7.75 20.11
CA LEU D 159 -17.48 7.55 21.25
C LEU D 159 -18.94 7.77 20.81
N ALA D 160 -19.16 8.77 19.97
CA ALA D 160 -20.51 9.08 19.47
C ALA D 160 -21.13 7.93 18.69
N LYS D 161 -20.30 7.19 17.95
CA LYS D 161 -20.76 6.06 17.17
C LYS D 161 -21.31 4.94 18.06
N TYR D 162 -20.55 4.57 19.09
CA TYR D 162 -20.92 3.45 19.95
C TYR D 162 -22.04 3.82 20.91
N TRP D 163 -22.09 5.10 21.27
CA TRP D 163 -23.17 5.63 22.09
C TRP D 163 -24.47 5.63 21.29
N LYS D 164 -24.39 6.01 20.01
CA LYS D 164 -25.57 6.01 19.15
C LYS D 164 -26.04 4.60 18.86
N ALA D 165 -25.09 3.69 18.64
CA ALA D 165 -25.38 2.28 18.40
C ALA D 165 -26.09 1.66 19.60
N ALA D 166 -25.64 2.02 20.79
CA ALA D 166 -26.25 1.56 22.03
C ALA D 166 -27.64 2.14 22.21
N TYR D 167 -27.86 3.37 21.74
CA TYR D 167 -29.18 3.97 21.79
C TYR D 167 -30.14 3.33 20.77
N ASP D 168 -29.72 3.29 19.50
CA ASP D 168 -30.57 2.85 18.38
C ASP D 168 -31.04 1.40 18.49
N ARG D 169 -30.15 0.53 18.95
CA ARG D 169 -30.49 -0.87 19.13
C ARG D 169 -31.43 -1.05 20.32
N VAL D 170 -31.24 -0.19 21.31
CA VAL D 170 -31.80 -0.39 22.63
C VAL D 170 -33.09 0.41 22.92
N LYS D 171 -33.34 1.46 22.14
CA LYS D 171 -34.59 2.23 22.24
CA LYS D 171 -34.59 2.22 22.26
C LYS D 171 -35.79 1.32 21.98
N THR D 172 -35.58 0.31 21.13
CA THR D 172 -36.63 -0.65 20.78
C THR D 172 -36.63 -1.89 21.70
N GLU D 173 -35.45 -2.32 22.13
CA GLU D 173 -35.31 -3.53 22.94
C GLU D 173 -35.52 -3.34 24.44
N TRP D 174 -35.29 -2.11 24.92
CA TRP D 174 -35.44 -1.80 26.34
C TRP D 174 -36.69 -0.95 26.59
N THR D 175 -37.85 -1.60 26.63
CA THR D 175 -39.10 -0.94 27.02
C THR D 175 -39.60 -1.51 28.34
N ASP D 176 -38.98 -1.06 29.42
CA ASP D 176 -39.30 -1.53 30.76
C ASP D 176 -38.99 -0.41 31.72
N ASP D 177 -39.47 -0.52 32.95
CA ASP D 177 -39.20 0.47 33.97
C ASP D 177 -37.71 0.53 34.34
N VAL D 178 -37.07 -0.64 34.37
CA VAL D 178 -35.67 -0.77 34.78
C VAL D 178 -34.71 0.02 33.91
N TYR D 179 -35.05 0.18 32.63
CA TYR D 179 -34.14 0.80 31.68
C TYR D 179 -34.31 2.30 31.55
N GLN D 180 -35.30 2.85 32.24
CA GLN D 180 -35.56 4.29 32.18
C GLN D 180 -34.40 5.16 32.70
N PRO D 181 -33.81 4.82 33.87
CA PRO D 181 -32.72 5.68 34.34
C PRO D 181 -31.52 5.71 33.40
N TRP D 182 -31.32 4.66 32.63
CA TRP D 182 -30.30 4.64 31.58
C TRP D 182 -30.56 5.70 30.52
N PHE D 183 -31.81 5.79 30.07
CA PHE D 183 -32.20 6.81 29.12
C PHE D 183 -32.14 8.20 29.75
N ASP D 184 -32.43 8.31 31.03
CA ASP D 184 -32.39 9.61 31.72
C ASP D 184 -30.94 10.10 31.87
N THR D 185 -30.03 9.15 32.15
CA THR D 185 -28.62 9.43 32.37
C THR D 185 -27.80 9.58 31.09
N PHE D 186 -27.95 8.63 30.17
CA PHE D 186 -27.08 8.56 28.99
C PHE D 186 -27.70 9.07 27.69
N ALA D 187 -29.01 9.28 27.71
CA ALA D 187 -29.69 9.91 26.58
C ALA D 187 -30.63 11.03 27.04
N PRO D 188 -30.07 12.10 27.65
CA PRO D 188 -30.95 13.04 28.33
C PRO D 188 -31.77 13.92 27.37
N LYS D 189 -31.31 14.06 26.14
CA LYS D 189 -32.02 14.85 25.14
C LYS D 189 -32.92 13.99 24.26
N GLY D 190 -33.20 12.76 24.69
CA GLY D 190 -34.06 11.87 23.92
C GLY D 190 -33.37 11.27 22.71
N ARG D 191 -32.04 11.33 22.71
CA ARG D 191 -31.18 10.67 21.74
C ARG D 191 -29.78 10.55 22.33
N ALA D 192 -28.89 9.84 21.65
CA ALA D 192 -27.50 9.77 22.06
C ALA D 192 -26.77 11.05 21.62
N PRO D 193 -25.83 11.55 22.45
CA PRO D 193 -25.05 12.77 22.19
C PRO D 193 -24.41 12.80 20.80
N ARG D 194 -24.47 13.96 20.15
CA ARG D 194 -23.87 14.12 18.83
C ARG D 194 -22.40 14.47 18.98
N VAL D 195 -21.66 14.46 17.87
CA VAL D 195 -20.28 14.89 17.87
C VAL D 195 -20.20 16.36 18.30
N GLY D 196 -19.33 16.65 19.26
CA GLY D 196 -19.12 18.01 19.72
C GLY D 196 -20.10 18.47 20.79
N GLU D 197 -21.14 17.69 21.01
CA GLU D 197 -22.15 18.00 22.02
C GLU D 197 -21.57 17.67 23.40
N VAL D 198 -21.77 18.55 24.37
CA VAL D 198 -21.31 18.31 25.72
C VAL D 198 -22.28 17.43 26.47
N TRP D 199 -21.75 16.39 27.11
CA TRP D 199 -22.56 15.55 27.97
C TRP D 199 -22.02 15.65 29.37
N ARG D 200 -22.92 15.65 30.34
CA ARG D 200 -22.56 15.72 31.74
C ARG D 200 -23.47 14.80 32.54
N SER D 201 -23.06 14.51 33.76
CA SER D 201 -23.87 13.71 34.65
C SER D 201 -23.59 14.10 36.09
N GLN D 202 -24.55 14.82 36.69
CA GLN D 202 -24.49 15.19 38.10
C GLN D 202 -24.51 13.93 38.97
N GLY D 203 -25.21 12.91 38.50
CA GLY D 203 -25.25 11.63 39.17
C GLY D 203 -23.86 11.07 39.38
N HIS D 204 -23.12 10.95 38.27
CA HIS D 204 -21.75 10.46 38.30
C HIS D 204 -20.85 11.23 39.27
N ALA D 205 -20.98 12.55 39.24
CA ALA D 205 -20.25 13.42 40.16
C ALA D 205 -20.55 13.12 41.63
N ASP D 206 -21.84 13.06 41.98
CA ASP D 206 -22.31 12.83 43.35
C ASP D 206 -21.79 11.52 43.92
N THR D 207 -21.93 10.46 43.13
CA THR D 207 -21.54 9.14 43.60
C THR D 207 -20.01 8.99 43.68
N LEU D 208 -19.28 9.59 42.76
CA LEU D 208 -17.83 9.56 42.83
C LEU D 208 -17.34 10.31 44.04
N ARG D 209 -17.97 11.46 44.33
CA ARG D 209 -17.69 12.18 45.56
C ARG D 209 -18.05 11.32 46.78
N SER D 210 -19.14 10.58 46.71
CA SER D 210 -19.57 9.79 47.85
C SER D 210 -18.60 8.65 48.14
N ILE D 211 -17.96 8.10 47.11
CA ILE D 211 -16.99 7.01 47.34
C ILE D 211 -15.61 7.56 47.64
N ALA D 212 -15.37 8.79 47.23
CA ALA D 212 -14.14 9.50 47.59
C ALA D 212 -14.09 9.77 49.09
N GLU D 213 -15.24 10.19 49.64
CA GLU D 213 -15.36 10.60 51.04
C GLU D 213 -15.60 9.45 51.99
N SER D 214 -15.75 8.24 51.46
CA SER D 214 -16.00 7.08 52.31
C SER D 214 -14.96 5.97 52.14
N ASN D 215 -13.99 6.18 51.26
CA ASN D 215 -13.05 5.14 50.82
C ASN D 215 -13.77 3.91 50.26
N GLY D 216 -14.78 4.18 49.46
CA GLY D 216 -15.56 3.15 48.80
C GLY D 216 -16.59 2.50 49.68
N GLU D 217 -16.65 2.90 50.95
CA GLU D 217 -17.53 2.26 51.93
C GLU D 217 -19.02 2.50 51.63
N SER D 218 -19.33 3.67 51.08
CA SER D 218 -20.71 4.06 50.79
C SER D 218 -21.33 3.18 49.72
N PHE D 219 -20.50 2.69 48.81
CA PHE D 219 -20.94 1.87 47.68
C PHE D 219 -21.37 0.47 48.11
N TYR D 220 -20.66 -0.11 49.07
CA TYR D 220 -20.87 -1.51 49.47
C TYR D 220 -21.65 -1.74 50.77
N ARG D 221 -21.35 -0.93 51.78
CA ARG D 221 -21.99 -1.07 53.07
C ARG D 221 -22.37 0.30 53.65
N GLY D 222 -22.84 1.18 52.77
CA GLY D 222 -23.23 2.53 53.15
C GLY D 222 -24.49 2.95 52.43
N GLU D 223 -24.59 4.25 52.14
CA GLU D 223 -25.81 4.85 51.61
C GLU D 223 -26.11 4.48 50.15
N LEU D 224 -25.07 4.41 49.33
CA LEU D 224 -25.23 4.02 47.93
C LEU D 224 -25.66 2.57 47.84
N ALA D 225 -25.05 1.74 48.69
CA ALA D 225 -25.45 0.33 48.82
C ALA D 225 -26.95 0.18 49.03
N ASP D 226 -27.53 1.06 49.86
CA ASP D 226 -28.97 1.08 50.12
C ASP D 226 -29.79 1.48 48.88
N GLN D 227 -29.28 2.45 48.13
CA GLN D 227 -29.95 2.90 46.90
C GLN D 227 -29.92 1.85 45.82
N ILE D 228 -28.79 1.12 45.76
CA ILE D 228 -28.61 0.03 44.81
C ILE D 228 -29.54 -1.12 45.18
N HIS D 229 -29.56 -1.49 46.45
CA HIS D 229 -30.41 -2.58 46.93
C HIS D 229 -31.90 -2.31 46.69
N ALA D 230 -32.31 -1.06 46.90
CA ALA D 230 -33.72 -0.68 46.82
C ALA D 230 -34.23 -0.76 45.39
N PHE D 231 -33.41 -0.34 44.44
CA PHE D 231 -33.82 -0.35 43.03
C PHE D 231 -33.92 -1.77 42.47
N PHE D 232 -33.04 -2.65 42.93
CA PHE D 232 -33.04 -4.05 42.51
C PHE D 232 -34.21 -4.82 43.12
N ASP D 233 -34.49 -4.55 44.40
CA ASP D 233 -35.61 -5.17 45.10
C ASP D 233 -36.95 -4.74 44.49
N LYS D 234 -36.99 -3.51 43.97
CA LYS D 234 -38.19 -2.96 43.35
C LYS D 234 -38.47 -3.56 41.96
N HIS D 235 -37.45 -4.13 41.35
CA HIS D 235 -37.58 -4.70 40.00
C HIS D 235 -37.20 -6.17 39.91
N GLY D 236 -37.33 -6.89 41.03
CA GLY D 236 -37.12 -8.33 41.08
C GLY D 236 -35.70 -8.79 40.81
N GLY D 237 -34.72 -8.01 41.27
CA GLY D 237 -33.32 -8.38 41.12
C GLY D 237 -32.86 -9.34 42.19
N TYR D 238 -31.62 -9.80 42.10
CA TYR D 238 -31.08 -10.74 43.07
C TYR D 238 -30.01 -10.08 43.94
N LEU D 239 -29.55 -8.90 43.50
CA LEU D 239 -28.53 -8.14 44.17
C LEU D 239 -29.05 -7.49 45.47
N THR D 240 -28.43 -7.83 46.59
CA THR D 240 -28.87 -7.30 47.89
C THR D 240 -27.80 -6.44 48.55
N LYS D 241 -28.18 -5.77 49.64
CA LYS D 241 -27.26 -5.04 50.52
C LYS D 241 -26.13 -5.95 50.94
N GLU D 242 -26.49 -7.14 51.41
CA GLU D 242 -25.56 -8.08 52.03
C GLU D 242 -24.58 -8.68 51.03
N ASP D 243 -24.97 -8.73 49.77
CA ASP D 243 -24.08 -9.15 48.68
C ASP D 243 -22.95 -8.14 48.53
N LEU D 244 -23.31 -6.87 48.51
CA LEU D 244 -22.36 -5.77 48.43
C LEU D 244 -21.53 -5.68 49.71
N ALA D 245 -22.20 -5.81 50.86
CA ALA D 245 -21.59 -5.63 52.17
C ALA D 245 -20.35 -6.49 52.43
N CYS D 246 -20.39 -7.75 52.02
CA CYS D 246 -19.22 -8.61 52.23
C CYS D 246 -18.38 -8.82 50.98
N TYR D 247 -18.45 -7.90 50.02
CA TYR D 247 -17.46 -7.89 48.96
C TYR D 247 -16.16 -7.27 49.47
N ARG D 248 -15.04 -7.93 49.36
CA ARG D 248 -13.80 -7.20 49.27
C ARG D 248 -12.94 -7.60 48.11
N PRO D 249 -12.20 -6.63 47.61
CA PRO D 249 -11.20 -6.92 46.59
C PRO D 249 -10.18 -7.90 47.19
N GLU D 250 -9.72 -8.86 46.39
CA GLU D 250 -8.83 -9.89 46.87
C GLU D 250 -7.46 -9.74 46.24
N TRP D 251 -6.44 -9.56 47.07
CA TRP D 251 -5.07 -9.64 46.57
C TRP D 251 -4.79 -11.10 46.28
N VAL D 252 -4.42 -11.35 45.03
CA VAL D 252 -4.26 -12.71 44.55
C VAL D 252 -2.85 -12.81 43.95
N GLU D 253 -2.31 -14.01 43.87
CA GLU D 253 -0.93 -14.22 43.44
C GLU D 253 -0.80 -14.43 41.93
N PRO D 254 -0.15 -13.48 41.22
CA PRO D 254 0.00 -13.53 39.76
C PRO D 254 0.75 -14.77 39.27
N ILE D 255 0.33 -15.26 38.10
CA ILE D 255 0.90 -16.44 37.45
C ILE D 255 1.70 -16.05 36.21
N SER D 256 2.69 -16.87 35.86
CA SER D 256 3.56 -16.56 34.74
C SER D 256 4.06 -17.78 33.96
N ILE D 257 4.82 -17.46 32.91
CA ILE D 257 5.38 -18.42 32.00
C ILE D 257 6.73 -17.84 31.64
N ASP D 258 7.75 -18.69 31.46
CA ASP D 258 9.00 -18.23 30.90
C ASP D 258 8.86 -18.24 29.39
N TYR D 259 8.85 -17.06 28.79
CA TYR D 259 8.83 -16.96 27.33
C TYR D 259 10.13 -16.37 26.81
N ARG D 260 11.05 -17.29 26.48
CA ARG D 260 12.34 -16.97 25.87
C ARG D 260 13.16 -16.00 26.72
N GLY D 261 13.18 -16.27 28.03
CA GLY D 261 13.96 -15.50 29.00
C GLY D 261 13.14 -14.50 29.79
N TYR D 262 12.11 -13.95 29.14
CA TYR D 262 11.16 -13.04 29.77
C TYR D 262 10.14 -13.85 30.56
N ARG D 263 9.44 -13.18 31.46
CA ARG D 263 8.27 -13.77 32.11
C ARG D 263 7.01 -12.97 31.82
N VAL D 264 6.00 -13.67 31.30
CA VAL D 264 4.71 -13.06 30.96
C VAL D 264 3.72 -13.28 32.11
N TRP D 265 3.24 -12.20 32.71
CA TRP D 265 2.38 -12.29 33.88
C TRP D 265 0.90 -12.02 33.56
N GLU D 266 0.04 -12.81 34.19
CA GLU D 266 -1.39 -12.57 34.15
C GLU D 266 -1.96 -12.75 35.56
N ILE D 267 -3.14 -12.19 35.79
CA ILE D 267 -3.96 -12.54 36.96
C ILE D 267 -4.38 -14.01 36.83
N PRO D 268 -4.29 -14.78 37.93
CA PRO D 268 -4.76 -16.18 37.99
C PRO D 268 -6.28 -16.31 37.82
N PRO D 269 -6.75 -17.53 37.49
CA PRO D 269 -8.16 -17.90 37.33
C PRO D 269 -9.20 -17.21 38.22
N ASN D 270 -10.44 -17.35 37.75
CA ASN D 270 -11.43 -16.29 37.74
C ASN D 270 -11.16 -15.56 36.41
N GLY D 271 -10.01 -14.89 36.29
CA GLY D 271 -9.60 -14.22 35.05
C GLY D 271 -9.06 -15.19 34.01
N GLN D 272 -9.19 -14.81 32.73
CA GLN D 272 -8.88 -15.71 31.61
C GLN D 272 -7.47 -15.58 31.05
N GLY D 273 -6.60 -14.85 31.75
CA GLY D 273 -5.22 -14.62 31.31
C GLY D 273 -4.45 -15.91 31.08
N LEU D 274 -4.83 -16.94 31.84
CA LEU D 274 -4.36 -18.30 31.67
C LEU D 274 -4.19 -18.70 30.20
N VAL D 275 -5.18 -18.34 29.38
CA VAL D 275 -5.23 -18.71 27.96
C VAL D 275 -4.01 -18.19 27.22
N ALA D 276 -3.72 -16.91 27.39
CA ALA D 276 -2.52 -16.32 26.80
C ALA D 276 -1.28 -17.11 27.18
N LEU D 277 -1.14 -17.34 28.48
CA LEU D 277 -0.02 -18.10 29.05
C LEU D 277 0.16 -19.51 28.47
N GLU D 278 -0.91 -20.29 28.45
CA GLU D 278 -0.90 -21.63 27.88
C GLU D 278 -0.57 -21.59 26.37
N ALA D 279 -1.21 -20.68 25.64
CA ALA D 279 -0.91 -20.50 24.23
C ALA D 279 0.57 -20.19 24.01
N LEU D 280 1.10 -19.21 24.73
CA LEU D 280 2.53 -18.90 24.65
C LEU D 280 3.39 -20.14 24.94
N ASN D 281 2.92 -20.96 25.86
CA ASN D 281 3.63 -22.16 26.30
C ASN D 281 3.65 -23.26 25.24
N ILE D 282 2.53 -23.38 24.51
CA ILE D 282 2.46 -24.25 23.35
C ILE D 282 3.39 -23.74 22.24
N VAL D 283 3.29 -22.45 21.93
CA VAL D 283 4.03 -21.87 20.81
C VAL D 283 5.54 -21.76 21.08
N LYS D 284 5.91 -21.75 22.36
CA LYS D 284 7.28 -21.72 22.88
C LYS D 284 8.22 -22.76 22.26
N GLY D 285 7.68 -23.93 21.93
CA GLY D 285 8.47 -25.03 21.38
C GLY D 285 8.87 -24.90 19.92
N PHE D 286 8.24 -23.97 19.21
CA PHE D 286 8.65 -23.64 17.85
C PHE D 286 9.59 -22.44 17.85
N GLU D 287 10.48 -22.39 16.87
CA GLU D 287 11.28 -21.20 16.60
C GLU D 287 10.54 -20.40 15.51
N PHE D 288 10.89 -19.13 15.34
CA PHE D 288 10.19 -18.27 14.37
C PHE D 288 11.12 -17.45 13.47
N TYR D 289 11.88 -16.56 14.11
CA TYR D 289 12.86 -15.67 13.46
C TYR D 289 12.24 -14.46 12.78
N HIS D 290 11.25 -14.66 11.91
CA HIS D 290 10.50 -13.52 11.34
C HIS D 290 8.97 -13.57 11.51
N LYS D 291 8.38 -12.39 11.74
CA LYS D 291 6.95 -12.25 12.05
C LYS D 291 6.00 -12.52 10.89
N ASP D 292 6.26 -11.90 9.75
CA ASP D 292 5.32 -11.94 8.63
C ASP D 292 5.56 -13.11 7.67
N THR D 293 5.48 -14.33 8.20
CA THR D 293 5.44 -15.55 7.39
C THR D 293 4.13 -16.29 7.66
N VAL D 294 3.72 -17.11 6.70
CA VAL D 294 2.52 -17.93 6.87
C VAL D 294 2.74 -18.93 8.02
N ASP D 295 3.96 -19.43 8.14
CA ASP D 295 4.35 -20.36 9.18
C ASP D 295 4.03 -19.78 10.56
N THR D 296 4.53 -18.57 10.79
CA THR D 296 4.40 -17.88 12.08
C THR D 296 2.95 -17.68 12.47
N TYR D 297 2.15 -17.08 11.59
CA TYR D 297 0.73 -16.86 11.87
C TYR D 297 0.01 -18.17 12.12
N HIS D 298 0.35 -19.20 11.37
CA HIS D 298 -0.27 -20.52 11.54
C HIS D 298 -0.07 -21.06 12.95
N LYS D 299 1.19 -21.14 13.37
CA LYS D 299 1.51 -21.61 14.71
C LYS D 299 0.86 -20.74 15.80
N GLN D 300 0.94 -19.41 15.64
CA GLN D 300 0.23 -18.49 16.53
C GLN D 300 -1.22 -18.93 16.67
N ILE D 301 -1.96 -18.89 15.56
CA ILE D 301 -3.40 -19.18 15.51
C ILE D 301 -3.76 -20.58 16.03
N GLU D 302 -2.97 -21.59 15.66
CA GLU D 302 -3.23 -22.95 16.15
C GLU D 302 -3.05 -23.11 17.65
N ALA D 303 -1.94 -22.58 18.18
CA ALA D 303 -1.65 -22.62 19.62
C ALA D 303 -2.73 -21.90 20.42
N MET D 304 -3.10 -20.72 19.94
CA MET D 304 -4.15 -19.95 20.58
C MET D 304 -5.42 -20.77 20.65
N LYS D 305 -5.77 -21.39 19.54
CA LYS D 305 -6.98 -22.20 19.45
C LYS D 305 -7.05 -23.27 20.52
N LEU D 306 -5.98 -24.05 20.66
CA LEU D 306 -5.96 -25.15 21.63
C LEU D 306 -6.10 -24.64 23.06
N ALA D 307 -5.36 -23.59 23.38
CA ALA D 307 -5.39 -22.98 24.69
C ALA D 307 -6.74 -22.38 25.04
N PHE D 308 -7.43 -21.81 24.05
CA PHE D 308 -8.67 -21.09 24.31
C PHE D 308 -9.81 -22.04 24.68
N VAL D 309 -9.84 -23.21 24.03
CA VAL D 309 -10.89 -24.19 24.33
C VAL D 309 -10.60 -24.87 25.67
N ASP D 310 -9.33 -24.89 26.06
CA ASP D 310 -8.94 -25.32 27.39
C ASP D 310 -9.40 -24.32 28.42
N GLY D 311 -9.04 -23.07 28.22
CA GLY D 311 -9.42 -21.99 29.14
C GLY D 311 -10.93 -21.87 29.32
N MET D 312 -11.67 -22.08 28.24
CA MET D 312 -13.14 -22.00 28.27
C MET D 312 -13.76 -23.18 28.99
N LYS D 313 -13.07 -24.31 28.97
CA LYS D 313 -13.53 -25.53 29.62
C LYS D 313 -13.26 -25.46 31.13
N TYR D 314 -12.06 -25.02 31.50
CA TYR D 314 -11.59 -25.21 32.87
C TYR D 314 -11.57 -23.97 33.77
N VAL D 315 -11.38 -22.78 33.19
CA VAL D 315 -11.17 -21.57 33.99
C VAL D 315 -12.46 -20.98 34.56
N THR D 316 -12.48 -20.89 35.88
CA THR D 316 -13.57 -20.31 36.67
C THR D 316 -13.04 -20.01 38.08
N GLU D 317 -13.94 -19.64 38.99
CA GLU D 317 -13.60 -19.54 40.43
C GLU D 317 -12.72 -20.73 40.87
N PRO D 318 -11.49 -20.44 41.36
CA PRO D 318 -10.46 -21.44 41.68
C PRO D 318 -10.95 -22.69 42.39
N SER D 319 -11.89 -22.52 43.32
CA SER D 319 -12.44 -23.63 44.10
C SER D 319 -13.28 -24.59 43.27
N ASP D 320 -13.98 -24.06 42.26
CA ASP D 320 -14.83 -24.86 41.38
C ASP D 320 -14.08 -25.40 40.16
N MET D 321 -12.77 -25.15 40.09
CA MET D 321 -11.96 -25.60 38.95
C MET D 321 -11.66 -27.09 39.01
N SER D 322 -11.83 -27.76 37.86
CA SER D 322 -11.68 -29.21 37.77
C SER D 322 -10.22 -29.66 37.70
N VAL D 323 -9.40 -28.95 36.93
CA VAL D 323 -7.95 -29.19 36.94
C VAL D 323 -7.27 -28.02 37.63
N SER D 324 -5.94 -28.06 37.73
CA SER D 324 -5.21 -26.96 38.35
C SER D 324 -4.52 -26.07 37.32
N VAL D 325 -4.14 -24.87 37.76
CA VAL D 325 -3.36 -23.93 36.97
C VAL D 325 -2.01 -24.53 36.60
N GLU D 326 -1.39 -25.21 37.56
CA GLU D 326 -0.06 -25.80 37.40
C GLU D 326 -0.02 -26.88 36.33
N GLN D 327 -1.13 -27.61 36.19
CA GLN D 327 -1.26 -28.65 35.18
C GLN D 327 -1.41 -28.06 33.78
N LEU D 328 -2.23 -27.01 33.65
CA LEU D 328 -2.46 -26.37 32.35
C LEU D 328 -1.22 -25.64 31.84
N LEU D 329 -0.41 -25.15 32.79
CA LEU D 329 0.76 -24.36 32.45
C LEU D 329 2.08 -25.15 32.40
N SER D 330 1.97 -26.47 32.48
CA SER D 330 3.14 -27.34 32.55
C SER D 330 3.74 -27.61 31.17
N ASP D 331 5.05 -27.78 31.13
CA ASP D 331 5.81 -28.02 29.90
C ASP D 331 5.42 -29.30 29.16
N GLU D 332 5.07 -30.35 29.90
CA GLU D 332 4.67 -31.63 29.27
C GLU D 332 3.26 -31.59 28.70
N TYR D 333 2.40 -30.76 29.28
CA TYR D 333 1.07 -30.56 28.72
C TYR D 333 1.13 -29.62 27.50
N ALA D 334 2.05 -28.66 27.55
CA ALA D 334 2.31 -27.83 26.39
C ALA D 334 2.70 -28.75 25.23
N THR D 335 3.69 -29.62 25.48
CA THR D 335 4.16 -30.61 24.51
C THR D 335 3.02 -31.48 23.95
N GLU D 336 2.11 -31.90 24.83
CA GLU D 336 0.95 -32.71 24.45
C GLU D 336 0.02 -32.04 23.44
N ARG D 337 -0.29 -30.77 23.68
CA ARG D 337 -1.16 -30.00 22.81
C ARG D 337 -0.45 -29.64 21.50
N ARG D 338 0.84 -29.34 21.59
CA ARG D 338 1.68 -28.94 20.46
C ARG D 338 1.87 -30.07 19.43
N LYS D 339 1.66 -31.30 19.89
CA LYS D 339 1.67 -32.46 19.00
C LYS D 339 0.41 -32.49 18.13
N GLU D 340 -0.64 -31.82 18.57
CA GLU D 340 -1.87 -31.76 17.79
C GLU D 340 -1.82 -30.72 16.68
N ILE D 341 -0.82 -29.84 16.74
CA ILE D 341 -0.60 -28.86 15.67
C ILE D 341 0.07 -29.55 14.49
N GLY D 342 -0.65 -29.62 13.37
CA GLY D 342 -0.11 -30.19 12.13
C GLY D 342 0.15 -29.13 11.08
N GLU D 343 -0.06 -29.50 9.82
CA GLU D 343 0.09 -28.57 8.71
C GLU D 343 -1.28 -28.04 8.29
N GLN D 344 -2.31 -28.83 8.50
CA GLN D 344 -3.68 -28.41 8.22
C GLN D 344 -4.31 -27.78 9.45
N ALA D 345 -5.25 -26.87 9.23
CA ALA D 345 -5.91 -26.14 10.31
C ALA D 345 -6.83 -27.06 11.10
N LEU D 346 -6.51 -27.26 12.37
CA LEU D 346 -7.24 -28.18 13.23
C LEU D 346 -8.59 -27.64 13.68
N THR D 347 -9.50 -28.54 14.05
CA THR D 347 -10.72 -28.18 14.75
C THR D 347 -10.40 -28.31 16.24
N PRO D 348 -10.55 -27.22 17.01
CA PRO D 348 -10.00 -27.19 18.37
C PRO D 348 -10.87 -27.87 19.43
N GLU D 349 -10.25 -28.75 20.22
CA GLU D 349 -10.94 -29.49 21.29
C GLU D 349 -10.16 -29.37 22.61
N PRO D 350 -10.86 -29.44 23.75
CA PRO D 350 -10.21 -29.38 25.06
C PRO D 350 -9.30 -30.59 25.32
N GLY D 351 -8.36 -30.43 26.25
CA GLY D 351 -7.41 -31.49 26.58
C GLY D 351 -7.67 -32.16 27.91
N THR D 352 -6.62 -32.31 28.71
CA THR D 352 -6.63 -33.07 29.97
C THR D 352 -5.53 -32.57 30.94
N PRO D 353 -5.29 -33.28 32.05
CA PRO D 353 -4.01 -33.10 32.76
C PRO D 353 -2.81 -33.51 31.92
N THR D 358 -14.91 -2.34 27.62
CA THR D 358 -13.73 -2.48 28.47
C THR D 358 -12.79 -1.28 28.29
N VAL D 359 -12.15 -0.85 29.36
CA VAL D 359 -11.10 0.17 29.24
C VAL D 359 -9.78 -0.35 29.79
N TYR D 360 -8.73 -0.24 28.98
CA TYR D 360 -7.39 -0.57 29.45
C TYR D 360 -6.55 0.69 29.62
N LEU D 361 -5.55 0.58 30.49
CA LEU D 361 -4.88 1.73 31.05
C LEU D 361 -3.51 1.24 31.51
N ALA D 362 -2.47 2.05 31.30
CA ALA D 362 -1.16 1.72 31.83
C ALA D 362 -0.46 2.95 32.35
N THR D 363 0.12 2.82 33.53
CA THR D 363 0.85 3.91 34.17
C THR D 363 2.21 3.46 34.72
N ALA D 364 3.16 4.38 34.69
CA ALA D 364 4.48 4.17 35.28
C ALA D 364 5.04 5.50 35.79
N ASP D 365 5.88 5.43 36.82
CA ASP D 365 6.53 6.64 37.35
C ASP D 365 8.04 6.55 37.42
N GLY D 366 8.66 7.61 37.93
CA GLY D 366 10.11 7.69 38.07
C GLY D 366 10.69 6.81 39.16
N ASP D 367 9.89 6.53 40.20
CA ASP D 367 10.33 5.74 41.35
C ASP D 367 10.18 4.22 41.16
N GLY D 368 10.03 3.79 39.91
CA GLY D 368 9.96 2.37 39.59
C GLY D 368 8.62 1.69 39.86
N ASN D 369 7.57 2.48 40.06
CA ASN D 369 6.22 1.93 40.15
C ASN D 369 5.53 1.88 38.79
N MET D 370 4.79 0.80 38.55
CA MET D 370 4.15 0.53 37.26
C MET D 370 2.84 -0.21 37.47
N VAL D 371 1.80 0.15 36.72
CA VAL D 371 0.53 -0.59 36.82
C VAL D 371 -0.16 -0.89 35.49
N SER D 372 -0.65 -2.13 35.40
CA SER D 372 -1.57 -2.58 34.38
C SER D 372 -2.96 -2.62 34.99
N PHE D 373 -3.85 -1.76 34.53
CA PHE D 373 -5.20 -1.66 35.10
C PHE D 373 -6.24 -1.80 34.02
N ILE D 374 -7.31 -2.53 34.33
CA ILE D 374 -8.37 -2.73 33.39
C ILE D 374 -9.73 -2.87 34.11
N GLN D 375 -10.78 -2.25 33.59
CA GLN D 375 -12.13 -2.42 34.15
C GLN D 375 -13.20 -2.43 33.08
N SER D 376 -14.32 -3.12 33.35
CA SER D 376 -15.39 -3.25 32.36
C SER D 376 -16.77 -3.53 32.96
N ASN D 377 -17.80 -3.11 32.23
CA ASN D 377 -19.18 -3.50 32.48
C ASN D 377 -19.58 -4.72 31.67
N TYR D 378 -18.56 -5.46 31.21
CA TYR D 378 -18.70 -6.54 30.24
C TYR D 378 -19.23 -6.03 28.91
N MET D 379 -20.52 -6.16 28.65
CA MET D 379 -21.07 -5.75 27.36
C MET D 379 -21.41 -4.26 27.28
N GLY D 380 -20.47 -3.46 26.79
CA GLY D 380 -20.70 -2.04 26.54
C GLY D 380 -21.10 -1.29 27.79
N PHE D 381 -22.33 -0.79 27.80
CA PHE D 381 -22.87 -0.09 28.96
C PHE D 381 -23.18 -1.06 30.09
N GLY D 382 -23.27 -2.35 29.76
CA GLY D 382 -23.52 -3.38 30.75
C GLY D 382 -24.92 -3.92 30.69
N SER D 383 -25.54 -4.05 31.86
CA SER D 383 -26.87 -4.64 31.98
C SER D 383 -28.00 -3.73 31.55
N GLY D 384 -27.72 -2.43 31.47
CA GLY D 384 -28.75 -1.43 31.23
C GLY D 384 -29.41 -0.92 32.49
N VAL D 385 -29.17 -1.62 33.60
CA VAL D 385 -29.63 -1.18 34.89
C VAL D 385 -28.75 -0.04 35.35
N VAL D 386 -29.35 1.14 35.47
CA VAL D 386 -28.68 2.26 36.08
C VAL D 386 -29.49 2.63 37.31
N VAL D 387 -28.85 2.62 38.47
CA VAL D 387 -29.51 3.02 39.72
C VAL D 387 -29.80 4.51 39.58
N PRO D 388 -31.08 4.89 39.70
CA PRO D 388 -31.56 6.22 39.29
C PRO D 388 -30.88 7.38 40.00
N GLY D 389 -30.57 8.42 39.24
CA GLY D 389 -29.96 9.64 39.78
C GLY D 389 -28.54 9.51 40.31
N THR D 390 -27.94 8.33 40.19
CA THR D 390 -26.58 8.16 40.66
C THR D 390 -25.57 7.87 39.58
N GLY D 391 -26.04 7.50 38.39
CA GLY D 391 -25.14 7.24 37.27
C GLY D 391 -24.31 5.98 37.41
N ILE D 392 -24.76 5.05 38.26
CA ILE D 392 -24.08 3.77 38.38
C ILE D 392 -24.68 2.85 37.32
N ALA D 393 -23.98 2.70 36.21
CA ALA D 393 -24.37 1.73 35.23
C ALA D 393 -23.84 0.37 35.67
N MET D 394 -24.76 -0.55 35.95
CA MET D 394 -24.38 -1.86 36.47
C MET D 394 -23.91 -2.78 35.36
N GLN D 395 -22.85 -3.52 35.64
CA GLN D 395 -22.29 -4.50 34.71
C GLN D 395 -23.23 -5.67 34.43
N ASN D 396 -23.00 -6.36 33.32
CA ASN D 396 -23.72 -7.60 33.05
C ASN D 396 -22.83 -8.85 33.06
N ARG D 397 -21.78 -8.80 33.89
CA ARG D 397 -20.77 -9.88 33.99
C ARG D 397 -21.30 -11.30 34.22
N GLY D 398 -22.41 -11.44 34.94
CA GLY D 398 -23.03 -12.74 35.19
C GLY D 398 -23.49 -13.50 33.95
N HIS D 399 -23.57 -12.79 32.82
CA HIS D 399 -23.88 -13.39 31.52
C HIS D 399 -22.85 -14.45 31.10
N ASN D 400 -21.64 -14.37 31.67
CA ASN D 400 -20.56 -15.32 31.39
C ASN D 400 -20.75 -16.71 32.01
N PHE D 401 -21.62 -16.79 33.02
CA PHE D 401 -21.89 -18.04 33.71
C PHE D 401 -22.59 -19.04 32.79
N SER D 402 -22.24 -20.31 32.95
CA SER D 402 -22.90 -21.39 32.22
C SER D 402 -24.09 -21.90 33.01
N LEU D 403 -25.13 -22.33 32.30
CA LEU D 403 -26.29 -22.93 32.95
C LEU D 403 -26.33 -24.44 32.77
N ASP D 404 -25.22 -24.98 32.26
CA ASP D 404 -24.96 -26.41 32.19
C ASP D 404 -24.28 -26.80 33.51
N PRO D 405 -24.97 -27.60 34.34
CA PRO D 405 -24.53 -27.98 35.69
C PRO D 405 -23.21 -28.74 35.72
N ASN D 406 -22.86 -29.39 34.61
CA ASN D 406 -21.63 -30.18 34.53
C ASN D 406 -20.41 -29.37 34.09
N HIS D 407 -20.64 -28.12 33.70
CA HIS D 407 -19.54 -27.22 33.35
C HIS D 407 -18.97 -26.61 34.62
N ASP D 408 -17.66 -26.45 34.68
CA ASP D 408 -17.00 -25.89 35.85
C ASP D 408 -17.39 -24.45 36.18
N ASN D 409 -17.69 -23.65 35.15
CA ASN D 409 -18.16 -22.28 35.32
C ASN D 409 -19.70 -22.18 35.39
N ALA D 410 -20.31 -23.18 36.03
CA ALA D 410 -21.75 -23.18 36.24
C ALA D 410 -22.15 -22.11 37.25
N LEU D 411 -23.32 -21.50 37.04
CA LEU D 411 -23.81 -20.47 37.95
C LEU D 411 -24.06 -21.03 39.34
N LYS D 412 -23.43 -20.39 40.32
CA LYS D 412 -23.58 -20.75 41.72
C LYS D 412 -23.71 -19.43 42.48
N PRO D 413 -24.52 -19.40 43.55
CA PRO D 413 -24.60 -18.20 44.37
C PRO D 413 -23.27 -17.91 45.04
N GLY D 414 -22.84 -16.65 45.00
CA GLY D 414 -21.61 -16.23 45.68
C GLY D 414 -20.34 -16.65 44.98
N LYS D 415 -20.48 -17.07 43.73
CA LYS D 415 -19.34 -17.49 42.92
C LYS D 415 -19.03 -16.38 41.92
N ARG D 416 -17.75 -16.15 41.62
CA ARG D 416 -17.43 -15.22 40.54
C ARG D 416 -17.03 -15.98 39.27
N THR D 417 -17.43 -15.43 38.12
CA THR D 417 -17.34 -16.16 36.85
C THR D 417 -16.01 -15.98 36.10
N TYR D 418 -15.80 -16.88 35.14
CA TYR D 418 -14.84 -16.70 34.05
C TYR D 418 -14.92 -15.25 33.60
N HIS D 419 -13.79 -14.55 33.69
CA HIS D 419 -13.74 -13.11 33.44
C HIS D 419 -12.83 -12.82 32.25
N THR D 420 -13.30 -11.96 31.34
CA THR D 420 -12.57 -11.68 30.09
C THR D 420 -11.50 -10.61 30.21
N ILE D 421 -11.74 -9.66 31.10
CA ILE D 421 -10.81 -8.61 31.45
C ILE D 421 -9.48 -9.17 31.97
N ILE D 422 -8.39 -8.86 31.27
CA ILE D 422 -7.07 -9.35 31.68
C ILE D 422 -5.94 -8.31 31.54
N PRO D 423 -5.39 -7.86 32.67
CA PRO D 423 -4.25 -6.96 32.60
C PRO D 423 -2.97 -7.77 32.59
N GLY D 424 -2.02 -7.37 31.76
CA GLY D 424 -0.80 -8.14 31.62
C GLY D 424 0.40 -7.38 32.14
N PHE D 425 1.43 -8.13 32.53
CA PHE D 425 2.71 -7.53 32.88
C PHE D 425 3.87 -8.34 32.35
N LEU D 426 4.90 -7.63 31.88
CA LEU D 426 6.10 -8.27 31.38
C LEU D 426 7.34 -7.95 32.24
N THR D 427 8.18 -8.97 32.40
CA THR D 427 9.28 -8.99 33.36
C THR D 427 10.47 -9.76 32.76
N LYS D 428 11.69 -9.34 33.06
CA LYS D 428 12.88 -10.08 32.65
C LYS D 428 13.93 -10.14 33.76
N ASN D 429 14.19 -11.34 34.26
CA ASN D 429 15.18 -11.59 35.33
C ASN D 429 14.90 -10.80 36.59
N ASP D 430 13.66 -10.89 37.07
CA ASP D 430 13.18 -10.14 38.25
C ASP D 430 13.37 -8.60 38.15
N GLN D 431 13.41 -8.10 36.92
CA GLN D 431 13.34 -6.67 36.66
C GLN D 431 12.00 -6.41 35.96
N PRO D 432 11.35 -5.27 36.28
CA PRO D 432 10.10 -4.98 35.61
C PRO D 432 10.38 -4.36 34.24
N ILE D 433 9.72 -4.87 33.21
CA ILE D 433 9.78 -4.14 31.95
C ILE D 433 8.47 -3.39 31.66
N GLY D 434 7.33 -3.90 32.11
CA GLY D 434 6.13 -3.07 32.08
C GLY D 434 4.73 -3.65 31.93
N PRO D 435 3.73 -2.76 32.00
CA PRO D 435 2.34 -3.14 31.82
C PRO D 435 1.91 -3.12 30.35
N PHE D 436 1.03 -4.06 30.00
CA PHE D 436 0.44 -4.11 28.68
C PHE D 436 -0.96 -4.69 28.80
N GLY D 437 -1.79 -4.44 27.79
CA GLY D 437 -3.11 -5.05 27.70
C GLY D 437 -3.71 -4.79 26.35
N VAL D 438 -4.51 -5.74 25.85
CA VAL D 438 -5.32 -5.48 24.68
C VAL D 438 -6.80 -5.82 24.93
N MET D 439 -7.52 -4.80 25.37
CA MET D 439 -8.98 -4.66 25.34
C MET D 439 -9.71 -5.51 24.28
N GLY D 440 -10.89 -6.05 24.61
CA GLY D 440 -11.77 -6.57 23.56
C GLY D 440 -12.51 -7.87 23.73
N GLY D 441 -12.90 -8.17 24.97
CA GLY D 441 -13.67 -9.39 25.25
C GLY D 441 -12.85 -10.65 25.09
N PHE D 442 -13.26 -11.50 24.15
CA PHE D 442 -12.55 -12.76 23.88
C PHE D 442 -11.36 -12.60 22.92
N MET D 443 -11.17 -11.39 22.42
CA MET D 443 -9.94 -11.02 21.70
C MET D 443 -8.75 -10.97 22.66
N GLN D 444 -9.04 -10.70 23.94
CA GLN D 444 -8.00 -10.32 24.90
C GLN D 444 -6.76 -11.20 24.96
N PRO D 445 -6.94 -12.52 25.22
CA PRO D 445 -5.74 -13.36 25.26
C PRO D 445 -4.99 -13.40 23.92
N GLN D 446 -5.75 -13.38 22.82
CA GLN D 446 -5.19 -13.39 21.47
C GLN D 446 -4.35 -12.15 21.23
N GLY D 447 -4.85 -11.01 21.71
CA GLY D 447 -4.10 -9.75 21.66
C GLY D 447 -2.88 -9.74 22.56
N HIS D 448 -2.98 -10.41 23.71
CA HIS D 448 -1.84 -10.61 24.59
C HIS D 448 -0.78 -11.48 23.91
N MET D 449 -1.19 -12.53 23.22
CA MET D 449 -0.23 -13.40 22.54
C MET D 449 0.46 -12.63 21.43
N GLN D 450 -0.30 -11.80 20.72
CA GLN D 450 0.28 -11.05 19.60
C GLN D 450 1.28 -10.00 20.06
N VAL D 451 0.92 -9.15 21.03
CA VAL D 451 1.88 -8.13 21.50
C VAL D 451 3.11 -8.76 22.13
N MET D 452 2.94 -9.90 22.81
CA MET D 452 4.07 -10.59 23.44
C MET D 452 5.05 -11.12 22.41
N MET D 453 4.53 -11.72 21.35
CA MET D 453 5.37 -12.21 20.27
C MET D 453 5.96 -11.08 19.43
N ASN D 454 5.17 -10.04 19.21
CA ASN D 454 5.66 -8.82 18.54
C ASN D 454 6.81 -8.19 19.31
N THR D 455 6.77 -8.29 20.64
CA THR D 455 7.79 -7.69 21.47
C THR D 455 9.01 -8.58 21.66
N ILE D 456 8.78 -9.80 22.14
CA ILE D 456 9.87 -10.71 22.48
C ILE D 456 10.48 -11.35 21.23
N ASP D 457 9.64 -11.97 20.42
CA ASP D 457 10.11 -12.68 19.23
C ASP D 457 10.56 -11.78 18.11
N PHE D 458 9.86 -10.68 17.92
CA PHE D 458 10.07 -9.92 16.69
C PHE D 458 10.62 -8.51 16.88
N GLY D 459 10.84 -8.12 18.14
CA GLY D 459 11.59 -6.90 18.49
C GLY D 459 10.97 -5.58 18.05
N LEU D 460 9.63 -5.54 18.01
CA LEU D 460 8.90 -4.34 17.67
C LEU D 460 8.88 -3.40 18.86
N ASN D 461 8.97 -2.11 18.58
CA ASN D 461 8.74 -1.11 19.63
C ASN D 461 7.26 -1.08 20.07
N PRO D 462 6.97 -0.56 21.28
CA PRO D 462 5.61 -0.55 21.85
C PRO D 462 4.52 -0.08 20.87
N GLN D 463 4.80 1.01 20.15
CA GLN D 463 3.87 1.55 19.15
C GLN D 463 3.70 0.66 17.91
N ALA D 464 4.82 0.27 17.30
CA ALA D 464 4.83 -0.71 16.21
C ALA D 464 4.08 -2.00 16.61
N ALA D 465 4.27 -2.46 17.85
CA ALA D 465 3.63 -3.71 18.28
C ALA D 465 2.12 -3.56 18.25
N LEU D 466 1.67 -2.36 18.58
CA LEU D 466 0.26 -2.00 18.55
C LEU D 466 -0.26 -1.69 17.14
N ASP D 467 0.57 -1.03 16.31
CA ASP D 467 0.26 -0.74 14.91
C ASP D 467 0.02 -1.99 14.08
N ALA D 468 0.79 -3.05 14.36
CA ALA D 468 0.78 -4.31 13.63
C ALA D 468 -0.62 -4.88 13.41
N PRO D 469 -0.88 -5.37 12.17
CA PRO D 469 -2.19 -5.95 11.81
C PRO D 469 -2.51 -7.15 12.68
N ARG D 470 -3.80 -7.36 12.93
CA ARG D 470 -4.21 -8.34 13.92
C ARG D 470 -5.13 -9.41 13.38
N TRP D 471 -5.01 -10.60 13.93
CA TRP D 471 -5.93 -11.67 13.66
C TRP D 471 -6.68 -12.01 14.94
N GLN D 472 -7.85 -12.63 14.81
CA GLN D 472 -8.53 -13.23 15.95
C GLN D 472 -9.41 -14.42 15.58
N TRP D 473 -9.25 -15.51 16.33
CA TRP D 473 -10.06 -16.72 16.17
C TRP D 473 -11.41 -16.59 16.86
N THR D 474 -12.47 -17.05 16.21
CA THR D 474 -13.82 -17.02 16.79
C THR D 474 -14.44 -18.40 17.07
N ASN D 475 -14.75 -19.15 16.00
CA ASN D 475 -15.59 -20.36 16.12
C ASN D 475 -14.82 -21.66 16.13
N GLY D 476 -14.45 -22.15 14.96
CA GLY D 476 -13.82 -23.44 14.86
C GLY D 476 -12.56 -23.26 14.05
N LYS D 477 -12.74 -23.20 12.73
CA LYS D 477 -11.65 -22.89 11.84
C LYS D 477 -11.72 -21.40 11.46
N GLN D 478 -12.72 -20.72 12.00
CA GLN D 478 -12.98 -19.30 11.72
C GLN D 478 -11.98 -18.33 12.36
N VAL D 479 -11.28 -17.56 11.53
CA VAL D 479 -10.34 -16.55 12.01
C VAL D 479 -10.59 -15.25 11.26
N GLN D 480 -10.93 -14.20 12.01
CA GLN D 480 -11.06 -12.85 11.44
C GLN D 480 -9.71 -12.16 11.37
N VAL D 481 -9.43 -11.47 10.25
CA VAL D 481 -8.22 -10.63 10.14
C VAL D 481 -8.53 -9.19 9.74
N GLU D 482 -7.57 -8.30 9.94
CA GLU D 482 -7.73 -6.87 9.64
C GLU D 482 -7.51 -6.56 8.16
N PRO D 483 -8.13 -5.46 7.66
CA PRO D 483 -7.95 -5.03 6.28
C PRO D 483 -6.47 -4.91 5.89
N THR D 484 -5.63 -4.68 6.91
CA THR D 484 -4.22 -4.43 6.72
C THR D 484 -3.40 -5.71 6.96
N PHE D 485 -4.08 -6.81 7.29
CA PHE D 485 -3.45 -8.13 7.32
C PHE D 485 -3.00 -8.50 5.92
N PRO D 486 -1.71 -8.84 5.75
CA PRO D 486 -1.14 -9.14 4.44
C PRO D 486 -1.90 -10.26 3.69
N VAL D 487 -2.34 -9.92 2.47
CA VAL D 487 -3.32 -10.69 1.71
C VAL D 487 -2.76 -12.02 1.20
N ASP D 488 -1.50 -12.01 0.75
CA ASP D 488 -0.85 -13.24 0.32
C ASP D 488 -0.84 -14.28 1.45
N ILE D 489 -0.48 -13.83 2.66
CA ILE D 489 -0.42 -14.69 3.85
C ILE D 489 -1.81 -15.19 4.25
N ALA D 490 -2.77 -14.28 4.21
CA ALA D 490 -4.16 -14.63 4.47
C ALA D 490 -4.60 -15.78 3.58
N GLN D 491 -4.39 -15.62 2.28
CA GLN D 491 -4.81 -16.65 1.33
C GLN D 491 -4.00 -17.95 1.41
N ALA D 492 -2.75 -17.86 1.84
CA ALA D 492 -1.95 -19.04 2.11
C ALA D 492 -2.49 -19.80 3.32
N LEU D 493 -3.04 -19.05 4.29
CA LEU D 493 -3.69 -19.66 5.46
C LEU D 493 -4.97 -20.38 5.10
N VAL D 494 -5.67 -19.88 4.08
CA VAL D 494 -6.91 -20.50 3.59
C VAL D 494 -6.65 -21.85 2.91
N ARG D 495 -5.56 -21.91 2.15
CA ARG D 495 -5.12 -23.14 1.52
C ARG D 495 -4.72 -24.17 2.57
N ARG D 496 -4.31 -23.70 3.74
CA ARG D 496 -4.00 -24.57 4.87
C ARG D 496 -5.23 -24.87 5.74
N GLY D 497 -6.40 -24.46 5.27
CA GLY D 497 -7.65 -24.89 5.88
C GLY D 497 -8.40 -23.88 6.72
N HIS D 498 -7.75 -22.78 7.05
CA HIS D 498 -8.35 -21.73 7.88
C HIS D 498 -9.48 -21.03 7.14
N LYS D 499 -10.62 -20.88 7.81
CA LYS D 499 -11.72 -20.08 7.28
C LYS D 499 -11.48 -18.62 7.61
N ILE D 500 -10.65 -17.97 6.81
CA ILE D 500 -10.24 -16.58 7.03
C ILE D 500 -11.28 -15.60 6.49
N GLN D 501 -11.62 -14.62 7.31
CA GLN D 501 -12.48 -13.52 6.92
C GLN D 501 -11.87 -12.15 7.26
N VAL D 502 -11.72 -11.32 6.23
CA VAL D 502 -11.29 -9.93 6.41
C VAL D 502 -12.47 -9.16 7.01
N VAL D 503 -12.25 -8.52 8.15
CA VAL D 503 -13.31 -7.77 8.84
C VAL D 503 -13.05 -6.27 8.80
N LEU D 504 -13.98 -5.56 8.20
CA LEU D 504 -13.85 -4.15 7.90
C LEU D 504 -14.14 -3.30 9.14
N ASP D 505 -14.87 -3.88 10.08
CA ASP D 505 -15.28 -3.20 11.31
C ASP D 505 -14.11 -2.57 12.03
N GLU D 506 -14.22 -1.27 12.25
CA GLU D 506 -13.26 -0.54 13.07
C GLU D 506 -13.46 -0.98 14.52
N GLY D 507 -12.36 -1.22 15.22
CA GLY D 507 -12.45 -1.51 16.66
C GLY D 507 -12.79 -2.93 17.07
N ALA D 508 -13.04 -3.79 16.09
CA ALA D 508 -13.35 -5.18 16.39
C ALA D 508 -12.10 -5.96 16.81
N PHE D 509 -10.93 -5.35 16.66
CA PHE D 509 -9.68 -6.06 16.96
C PHE D 509 -8.97 -5.52 18.21
N GLY D 510 -9.74 -4.84 19.05
CA GLY D 510 -9.27 -4.41 20.35
C GLY D 510 -8.50 -3.11 20.39
N ARG D 511 -8.23 -2.66 21.62
CA ARG D 511 -7.42 -1.47 21.87
C ARG D 511 -6.28 -1.84 22.81
N GLY D 512 -5.07 -1.39 22.50
CA GLY D 512 -3.95 -1.74 23.35
C GLY D 512 -3.21 -0.54 23.89
N GLN D 513 -2.53 -0.73 25.02
CA GLN D 513 -1.56 0.24 25.51
C GLN D 513 -0.35 -0.52 26.06
N ILE D 514 0.83 0.08 25.86
CA ILE D 514 2.07 -0.51 26.31
C ILE D 514 2.95 0.60 26.87
N ILE D 515 3.53 0.35 28.03
CA ILE D 515 4.66 1.12 28.53
C ILE D 515 5.79 0.15 28.87
N TRP D 516 6.94 0.31 28.21
CA TRP D 516 8.13 -0.47 28.58
C TRP D 516 9.18 0.39 29.29
N ARG D 517 9.72 -0.15 30.37
CA ARG D 517 10.82 0.48 31.07
C ARG D 517 12.12 -0.27 30.82
N ASP D 518 13.12 0.46 30.32
CA ASP D 518 14.48 -0.05 30.19
C ASP D 518 15.08 -0.25 31.59
N PRO D 519 15.48 -1.49 31.93
CA PRO D 519 15.96 -1.76 33.30
C PRO D 519 17.29 -1.08 33.65
N THR D 520 18.13 -0.83 32.66
CA THR D 520 19.41 -0.15 32.87
C THR D 520 19.25 1.35 33.07
N THR D 521 18.78 2.04 32.02
CA THR D 521 18.69 3.51 32.05
C THR D 521 17.45 4.05 32.79
N GLY D 522 16.35 3.30 32.77
CA GLY D 522 15.14 3.73 33.45
C GLY D 522 14.17 4.51 32.57
N VAL D 523 14.54 4.69 31.30
CA VAL D 523 13.72 5.44 30.35
C VAL D 523 12.44 4.67 29.94
N LEU D 524 11.31 5.37 29.97
CA LEU D 524 10.00 4.79 29.66
C LEU D 524 9.61 5.03 28.21
N ALA D 525 9.19 3.96 27.54
CA ALA D 525 8.79 4.04 26.14
C ALA D 525 7.35 3.55 25.98
N GLY D 526 6.52 4.44 25.43
CA GLY D 526 5.09 4.16 25.35
C GLY D 526 4.51 4.07 23.97
N GLY D 527 3.52 3.20 23.86
CA GLY D 527 2.73 3.03 22.66
C GLY D 527 1.24 3.08 23.02
N THR D 528 0.45 3.69 22.13
CA THR D 528 -0.99 3.79 22.33
C THR D 528 -1.74 3.24 21.12
N GLU D 529 -2.96 2.75 21.35
CA GLU D 529 -3.81 2.20 20.28
C GLU D 529 -4.09 3.20 19.17
N PRO D 530 -3.61 2.94 17.95
CA PRO D 530 -3.93 3.85 16.86
C PRO D 530 -5.38 3.73 16.35
N ARG D 531 -6.02 2.58 16.53
CA ARG D 531 -7.38 2.38 16.04
C ARG D 531 -8.49 3.20 16.73
N THR D 532 -8.11 4.04 17.68
CA THR D 532 -9.07 4.79 18.47
C THR D 532 -8.50 6.14 18.92
N ASP D 533 -9.32 6.94 19.62
CA ASP D 533 -8.88 8.15 20.30
C ASP D 533 -8.10 7.66 21.48
N GLY D 534 -7.05 8.37 21.86
CA GLY D 534 -6.24 7.92 22.99
C GLY D 534 -4.87 8.56 23.00
N GLN D 535 -4.09 8.27 24.04
CA GLN D 535 -2.87 9.01 24.21
C GLN D 535 -1.91 8.25 25.10
N VAL D 536 -0.62 8.33 24.75
CA VAL D 536 0.44 8.10 25.72
C VAL D 536 0.98 9.47 26.05
N ALA D 537 1.03 9.81 27.33
CA ALA D 537 1.55 11.12 27.69
C ALA D 537 2.65 11.01 28.71
N ALA D 538 3.59 11.95 28.60
CA ALA D 538 4.72 12.07 29.53
C ALA D 538 4.45 13.08 30.66
N TRP D 539 5.12 12.88 31.79
CA TRP D 539 5.23 13.90 32.83
C TRP D 539 6.65 13.96 33.38
N GLU D 540 7.20 15.17 33.51
CA GLU D 540 8.60 15.35 33.92
C GLU D 540 8.86 16.33 35.08
N GLY D 541 7.89 16.50 35.98
CA GLY D 541 8.06 17.34 37.17
C GLY D 541 8.67 16.60 38.35
N HIS D 542 8.39 17.08 39.57
CA HIS D 542 9.04 16.56 40.77
C HIS D 542 8.17 16.09 41.94
N HIS D 543 8.63 15.04 42.62
CA HIS D 543 8.05 14.65 43.91
C HIS D 543 8.81 15.33 45.06
N HIS D 544 8.18 15.36 46.23
CA HIS D 544 8.75 15.92 47.47
C HIS D 544 9.00 17.43 47.37
#